data_6NRE
# 
_entry.id   6NRE 
# 
_audit_conform.dict_name       mmcif_pdbx.dic 
_audit_conform.dict_version    5.398 
_audit_conform.dict_location   http://mmcif.pdb.org/dictionaries/ascii/mmcif_pdbx.dic 
# 
loop_
_database_2.database_id 
_database_2.database_code 
_database_2.pdbx_database_accession 
_database_2.pdbx_DOI 
PDB   6NRE         pdb_00006nre 10.2210/pdb6nre/pdb 
WWPDB D_1000239270 ?            ?                   
# 
loop_
_pdbx_audit_revision_history.ordinal 
_pdbx_audit_revision_history.data_content_type 
_pdbx_audit_revision_history.major_revision 
_pdbx_audit_revision_history.minor_revision 
_pdbx_audit_revision_history.revision_date 
1 'Structure model' 1 0 2019-09-25 
2 'Structure model' 1 1 2024-11-06 
# 
_pdbx_audit_revision_details.ordinal             1 
_pdbx_audit_revision_details.revision_ordinal    1 
_pdbx_audit_revision_details.data_content_type   'Structure model' 
_pdbx_audit_revision_details.provider            repository 
_pdbx_audit_revision_details.type                'Initial release' 
_pdbx_audit_revision_details.description         ? 
_pdbx_audit_revision_details.details             ? 
# 
loop_
_pdbx_audit_revision_group.ordinal 
_pdbx_audit_revision_group.revision_ordinal 
_pdbx_audit_revision_group.data_content_type 
_pdbx_audit_revision_group.group 
1 2 'Structure model' 'Data collection'     
2 2 'Structure model' 'Database references' 
3 2 'Structure model' 'Structure summary'   
# 
loop_
_pdbx_audit_revision_category.ordinal 
_pdbx_audit_revision_category.revision_ordinal 
_pdbx_audit_revision_category.data_content_type 
_pdbx_audit_revision_category.category 
1 2 'Structure model' chem_comp_atom            
2 2 'Structure model' chem_comp_bond            
3 2 'Structure model' database_2                
4 2 'Structure model' pdbx_entry_details        
5 2 'Structure model' pdbx_modification_feature 
# 
loop_
_pdbx_audit_revision_item.ordinal 
_pdbx_audit_revision_item.revision_ordinal 
_pdbx_audit_revision_item.data_content_type 
_pdbx_audit_revision_item.item 
1 2 'Structure model' '_database_2.pdbx_DOI'                
2 2 'Structure model' '_database_2.pdbx_database_accession' 
# 
_pdbx_database_status.status_code                     REL 
_pdbx_database_status.status_code_sf                  REL 
_pdbx_database_status.status_code_mr                  ? 
_pdbx_database_status.entry_id                        6NRE 
_pdbx_database_status.recvd_initial_deposition_date   2019-01-23 
_pdbx_database_status.SG_entry                        N 
_pdbx_database_status.deposit_site                    RCSB 
_pdbx_database_status.process_site                    RCSB 
_pdbx_database_status.status_code_cs                  ? 
_pdbx_database_status.methods_development_category    ? 
_pdbx_database_status.pdb_format_compatible           Y 
_pdbx_database_status.status_code_nmr_data            ? 
# 
loop_
_audit_author.name 
_audit_author.pdbx_ordinal 
_audit_author.identifier_ORCID 
'Clayton G, M.' 1 0000-0003-3380-362X 
'Kappler J, W.' 2 ?                   
'Chan, S.'      3 ?                   
# 
_citation.abstract                  ? 
_citation.abstract_id_CAS           ? 
_citation.book_id_ISBN              ? 
_citation.book_publisher            ? 
_citation.book_publisher_city       ? 
_citation.book_title                ? 
_citation.coordinate_linkage        ? 
_citation.country                   US 
_citation.database_id_Medline       ? 
_citation.details                   ? 
_citation.id                        primary 
_citation.journal_abbrev            'Plos One' 
_citation.journal_id_ASTM           ? 
_citation.journal_id_CSD            ? 
_citation.journal_id_ISSN           1932-6203 
_citation.journal_full              ? 
_citation.journal_issue             ? 
_citation.journal_volume            14 
_citation.language                  ? 
_citation.page_first                e0213052 
_citation.page_last                 e0213052 
_citation.title                     
'Structural characteristics of lipocalin allergens: Crystal structure of the immunogenic dog allergen Can f 6.' 
_citation.year                      2019 
_citation.database_id_CSD           ? 
_citation.pdbx_database_id_DOI      10.1371/journal.pone.0213052 
_citation.pdbx_database_id_PubMed   31525203 
_citation.unpublished_flag          ? 
# 
loop_
_citation_author.citation_id 
_citation_author.name 
_citation_author.ordinal 
_citation_author.identifier_ORCID 
primary 'Clayton, G.M.' 1 ?                   
primary 'White, J.'     2 ?                   
primary 'Lee, S.'       3 ?                   
primary 'Kappler, J.W.' 4 ?                   
primary 'Chan, S.K.'    5 0000-0002-9281-5711 
# 
loop_
_entity.id 
_entity.type 
_entity.src_method 
_entity.pdbx_description 
_entity.formula_weight 
_entity.pdbx_number_of_molecules 
_entity.pdbx_ec 
_entity.pdbx_mutation 
_entity.pdbx_fragment 
_entity.details 
1 polymer man 'Lipocalin-Can f 6 allergen' 21046.691 1  ? ? ? ? 
2 water   nat water                        18.015    13 ? ? ? ? 
# 
_entity_poly.entity_id                      1 
_entity_poly.type                           'polypeptide(L)' 
_entity_poly.nstd_linkage                   no 
_entity_poly.nstd_monomer                   no 
_entity_poly.pdbx_seq_one_letter_code       
;HEEENDVVKGNFDISKISGDWYSILLASDIKEKIEENGSMRVFVKDIEVLSNSSLIFTMHTKVNGKCTKISLICNKTEKD
GEYDVVHDGYNLFRIIETAYEDYIIFHLNNVNQEQEFQLMELYGRKPDVSPKVKEKFVRYCQGMEIPKENILDLTQVDRC
LQARQSEAAQVSSAEHHHHHH
;
_entity_poly.pdbx_seq_one_letter_code_can   
;HEEENDVVKGNFDISKISGDWYSILLASDIKEKIEENGSMRVFVKDIEVLSNSSLIFTMHTKVNGKCTKISLICNKTEKD
GEYDVVHDGYNLFRIIETAYEDYIIFHLNNVNQEQEFQLMELYGRKPDVSPKVKEKFVRYCQGMEIPKENILDLTQVDRC
LQARQSEAAQVSSAEHHHHHH
;
_entity_poly.pdbx_strand_id                 A 
_entity_poly.pdbx_target_identifier         ? 
# 
_pdbx_entity_nonpoly.entity_id   2 
_pdbx_entity_nonpoly.name        water 
_pdbx_entity_nonpoly.comp_id     HOH 
# 
loop_
_entity_poly_seq.entity_id 
_entity_poly_seq.num 
_entity_poly_seq.mon_id 
_entity_poly_seq.hetero 
1 1   HIS n 
1 2   GLU n 
1 3   GLU n 
1 4   GLU n 
1 5   ASN n 
1 6   ASP n 
1 7   VAL n 
1 8   VAL n 
1 9   LYS n 
1 10  GLY n 
1 11  ASN n 
1 12  PHE n 
1 13  ASP n 
1 14  ILE n 
1 15  SER n 
1 16  LYS n 
1 17  ILE n 
1 18  SER n 
1 19  GLY n 
1 20  ASP n 
1 21  TRP n 
1 22  TYR n 
1 23  SER n 
1 24  ILE n 
1 25  LEU n 
1 26  LEU n 
1 27  ALA n 
1 28  SER n 
1 29  ASP n 
1 30  ILE n 
1 31  LYS n 
1 32  GLU n 
1 33  LYS n 
1 34  ILE n 
1 35  GLU n 
1 36  GLU n 
1 37  ASN n 
1 38  GLY n 
1 39  SER n 
1 40  MET n 
1 41  ARG n 
1 42  VAL n 
1 43  PHE n 
1 44  VAL n 
1 45  LYS n 
1 46  ASP n 
1 47  ILE n 
1 48  GLU n 
1 49  VAL n 
1 50  LEU n 
1 51  SER n 
1 52  ASN n 
1 53  SER n 
1 54  SER n 
1 55  LEU n 
1 56  ILE n 
1 57  PHE n 
1 58  THR n 
1 59  MET n 
1 60  HIS n 
1 61  THR n 
1 62  LYS n 
1 63  VAL n 
1 64  ASN n 
1 65  GLY n 
1 66  LYS n 
1 67  CYS n 
1 68  THR n 
1 69  LYS n 
1 70  ILE n 
1 71  SER n 
1 72  LEU n 
1 73  ILE n 
1 74  CYS n 
1 75  ASN n 
1 76  LYS n 
1 77  THR n 
1 78  GLU n 
1 79  LYS n 
1 80  ASP n 
1 81  GLY n 
1 82  GLU n 
1 83  TYR n 
1 84  ASP n 
1 85  VAL n 
1 86  VAL n 
1 87  HIS n 
1 88  ASP n 
1 89  GLY n 
1 90  TYR n 
1 91  ASN n 
1 92  LEU n 
1 93  PHE n 
1 94  ARG n 
1 95  ILE n 
1 96  ILE n 
1 97  GLU n 
1 98  THR n 
1 99  ALA n 
1 100 TYR n 
1 101 GLU n 
1 102 ASP n 
1 103 TYR n 
1 104 ILE n 
1 105 ILE n 
1 106 PHE n 
1 107 HIS n 
1 108 LEU n 
1 109 ASN n 
1 110 ASN n 
1 111 VAL n 
1 112 ASN n 
1 113 GLN n 
1 114 GLU n 
1 115 GLN n 
1 116 GLU n 
1 117 PHE n 
1 118 GLN n 
1 119 LEU n 
1 120 MET n 
1 121 GLU n 
1 122 LEU n 
1 123 TYR n 
1 124 GLY n 
1 125 ARG n 
1 126 LYS n 
1 127 PRO n 
1 128 ASP n 
1 129 VAL n 
1 130 SER n 
1 131 PRO n 
1 132 LYS n 
1 133 VAL n 
1 134 LYS n 
1 135 GLU n 
1 136 LYS n 
1 137 PHE n 
1 138 VAL n 
1 139 ARG n 
1 140 TYR n 
1 141 CYS n 
1 142 GLN n 
1 143 GLY n 
1 144 MET n 
1 145 GLU n 
1 146 ILE n 
1 147 PRO n 
1 148 LYS n 
1 149 GLU n 
1 150 ASN n 
1 151 ILE n 
1 152 LEU n 
1 153 ASP n 
1 154 LEU n 
1 155 THR n 
1 156 GLN n 
1 157 VAL n 
1 158 ASP n 
1 159 ARG n 
1 160 CYS n 
1 161 LEU n 
1 162 GLN n 
1 163 ALA n 
1 164 ARG n 
1 165 GLN n 
1 166 SER n 
1 167 GLU n 
1 168 ALA n 
1 169 ALA n 
1 170 GLN n 
1 171 VAL n 
1 172 SER n 
1 173 SER n 
1 174 ALA n 
1 175 GLU n 
1 176 HIS n 
1 177 HIS n 
1 178 HIS n 
1 179 HIS n 
1 180 HIS n 
1 181 HIS n 
# 
_entity_src_gen.entity_id                          1 
_entity_src_gen.pdbx_src_id                        1 
_entity_src_gen.pdbx_alt_source_flag               sample 
_entity_src_gen.pdbx_seq_type                      'Biological sequence' 
_entity_src_gen.pdbx_beg_seq_num                   1 
_entity_src_gen.pdbx_end_seq_num                   181 
_entity_src_gen.gene_src_common_name               Dog 
_entity_src_gen.gene_src_genus                     ? 
_entity_src_gen.pdbx_gene_src_gene                 lcn 
_entity_src_gen.gene_src_species                   ? 
_entity_src_gen.gene_src_strain                    ? 
_entity_src_gen.gene_src_tissue                    ? 
_entity_src_gen.gene_src_tissue_fraction           ? 
_entity_src_gen.gene_src_details                   ? 
_entity_src_gen.pdbx_gene_src_fragment             ? 
_entity_src_gen.pdbx_gene_src_scientific_name      'Canis lupus familiaris' 
_entity_src_gen.pdbx_gene_src_ncbi_taxonomy_id     9615 
_entity_src_gen.pdbx_gene_src_variant              ? 
_entity_src_gen.pdbx_gene_src_cell_line            ? 
_entity_src_gen.pdbx_gene_src_atcc                 ? 
_entity_src_gen.pdbx_gene_src_organ                ? 
_entity_src_gen.pdbx_gene_src_organelle            ? 
_entity_src_gen.pdbx_gene_src_cell                 ? 
_entity_src_gen.pdbx_gene_src_cellular_location    ? 
_entity_src_gen.host_org_common_name               ? 
_entity_src_gen.pdbx_host_org_scientific_name      'Escherichia coli' 
_entity_src_gen.pdbx_host_org_ncbi_taxonomy_id     562 
_entity_src_gen.host_org_genus                     ? 
_entity_src_gen.pdbx_host_org_gene                 ? 
_entity_src_gen.pdbx_host_org_organ                ? 
_entity_src_gen.host_org_species                   ? 
_entity_src_gen.pdbx_host_org_tissue               ? 
_entity_src_gen.pdbx_host_org_tissue_fraction      ? 
_entity_src_gen.pdbx_host_org_strain               ? 
_entity_src_gen.pdbx_host_org_variant              ? 
_entity_src_gen.pdbx_host_org_cell_line            ? 
_entity_src_gen.pdbx_host_org_atcc                 ? 
_entity_src_gen.pdbx_host_org_culture_collection   ? 
_entity_src_gen.pdbx_host_org_cell                 ? 
_entity_src_gen.pdbx_host_org_organelle            ? 
_entity_src_gen.pdbx_host_org_cellular_location    ? 
_entity_src_gen.pdbx_host_org_vector_type          ? 
_entity_src_gen.pdbx_host_org_vector               ? 
_entity_src_gen.host_org_details                   ? 
_entity_src_gen.expression_system_id               ? 
_entity_src_gen.plasmid_name                       ? 
_entity_src_gen.plasmid_details                    ? 
_entity_src_gen.pdbx_description                   ? 
# 
loop_
_chem_comp.id 
_chem_comp.type 
_chem_comp.mon_nstd_flag 
_chem_comp.name 
_chem_comp.pdbx_synonyms 
_chem_comp.formula 
_chem_comp.formula_weight 
ALA 'L-peptide linking' y ALANINE         ? 'C3 H7 N O2'     89.093  
ARG 'L-peptide linking' y ARGININE        ? 'C6 H15 N4 O2 1' 175.209 
ASN 'L-peptide linking' y ASPARAGINE      ? 'C4 H8 N2 O3'    132.118 
ASP 'L-peptide linking' y 'ASPARTIC ACID' ? 'C4 H7 N O4'     133.103 
CYS 'L-peptide linking' y CYSTEINE        ? 'C3 H7 N O2 S'   121.158 
GLN 'L-peptide linking' y GLUTAMINE       ? 'C5 H10 N2 O3'   146.144 
GLU 'L-peptide linking' y 'GLUTAMIC ACID' ? 'C5 H9 N O4'     147.129 
GLY 'peptide linking'   y GLYCINE         ? 'C2 H5 N O2'     75.067  
HIS 'L-peptide linking' y HISTIDINE       ? 'C6 H10 N3 O2 1' 156.162 
HOH non-polymer         . WATER           ? 'H2 O'           18.015  
ILE 'L-peptide linking' y ISOLEUCINE      ? 'C6 H13 N O2'    131.173 
LEU 'L-peptide linking' y LEUCINE         ? 'C6 H13 N O2'    131.173 
LYS 'L-peptide linking' y LYSINE          ? 'C6 H15 N2 O2 1' 147.195 
MET 'L-peptide linking' y METHIONINE      ? 'C5 H11 N O2 S'  149.211 
PHE 'L-peptide linking' y PHENYLALANINE   ? 'C9 H11 N O2'    165.189 
PRO 'L-peptide linking' y PROLINE         ? 'C5 H9 N O2'     115.130 
SER 'L-peptide linking' y SERINE          ? 'C3 H7 N O3'     105.093 
THR 'L-peptide linking' y THREONINE       ? 'C4 H9 N O3'     119.119 
TRP 'L-peptide linking' y TRYPTOPHAN      ? 'C11 H12 N2 O2'  204.225 
TYR 'L-peptide linking' y TYROSINE        ? 'C9 H11 N O3'    181.189 
VAL 'L-peptide linking' y VALINE          ? 'C5 H11 N O2'    117.146 
# 
loop_
_pdbx_poly_seq_scheme.asym_id 
_pdbx_poly_seq_scheme.entity_id 
_pdbx_poly_seq_scheme.seq_id 
_pdbx_poly_seq_scheme.mon_id 
_pdbx_poly_seq_scheme.ndb_seq_num 
_pdbx_poly_seq_scheme.pdb_seq_num 
_pdbx_poly_seq_scheme.auth_seq_num 
_pdbx_poly_seq_scheme.pdb_mon_id 
_pdbx_poly_seq_scheme.auth_mon_id 
_pdbx_poly_seq_scheme.pdb_strand_id 
_pdbx_poly_seq_scheme.pdb_ins_code 
_pdbx_poly_seq_scheme.hetero 
A 1 1   HIS 1   1   ?   ?   ?   A . n 
A 1 2   GLU 2   2   ?   ?   ?   A . n 
A 1 3   GLU 3   3   ?   ?   ?   A . n 
A 1 4   GLU 4   4   ?   ?   ?   A . n 
A 1 5   ASN 5   5   ?   ?   ?   A . n 
A 1 6   ASP 6   6   6   ASP ASP A . n 
A 1 7   VAL 7   7   7   VAL VAL A . n 
A 1 8   VAL 8   8   8   VAL VAL A . n 
A 1 9   LYS 9   9   9   LYS LYS A . n 
A 1 10  GLY 10  10  10  GLY GLY A . n 
A 1 11  ASN 11  11  11  ASN ASN A . n 
A 1 12  PHE 12  12  12  PHE PHE A . n 
A 1 13  ASP 13  13  13  ASP ASP A . n 
A 1 14  ILE 14  14  14  ILE ILE A . n 
A 1 15  SER 15  15  15  SER SER A . n 
A 1 16  LYS 16  16  16  LYS LYS A . n 
A 1 17  ILE 17  17  17  ILE ILE A . n 
A 1 18  SER 18  18  18  SER SER A . n 
A 1 19  GLY 19  19  19  GLY GLY A . n 
A 1 20  ASP 20  20  20  ASP ASP A . n 
A 1 21  TRP 21  21  21  TRP TRP A . n 
A 1 22  TYR 22  22  22  TYR TYR A . n 
A 1 23  SER 23  23  23  SER SER A . n 
A 1 24  ILE 24  24  24  ILE ILE A . n 
A 1 25  LEU 25  25  25  LEU LEU A . n 
A 1 26  LEU 26  26  26  LEU LEU A . n 
A 1 27  ALA 27  27  27  ALA ALA A . n 
A 1 28  SER 28  28  28  SER SER A . n 
A 1 29  ASP 29  29  29  ASP ASP A . n 
A 1 30  ILE 30  30  30  ILE ILE A . n 
A 1 31  LYS 31  31  31  LYS LYS A . n 
A 1 32  GLU 32  32  32  GLU GLU A . n 
A 1 33  LYS 33  33  33  LYS LYS A . n 
A 1 34  ILE 34  34  34  ILE ILE A . n 
A 1 35  GLU 35  35  35  GLU GLU A . n 
A 1 36  GLU 36  36  36  GLU GLU A . n 
A 1 37  ASN 37  37  37  ASN ASN A . n 
A 1 38  GLY 38  38  38  GLY GLY A . n 
A 1 39  SER 39  39  39  SER SER A . n 
A 1 40  MET 40  40  40  MET MET A . n 
A 1 41  ARG 41  41  41  ARG ARG A . n 
A 1 42  VAL 42  42  42  VAL VAL A . n 
A 1 43  PHE 43  43  43  PHE PHE A . n 
A 1 44  VAL 44  44  44  VAL VAL A . n 
A 1 45  LYS 45  45  45  LYS LYS A . n 
A 1 46  ASP 46  46  46  ASP ASP A . n 
A 1 47  ILE 47  47  47  ILE ILE A . n 
A 1 48  GLU 48  48  48  GLU GLU A . n 
A 1 49  VAL 49  49  49  VAL VAL A . n 
A 1 50  LEU 50  50  50  LEU LEU A . n 
A 1 51  SER 51  51  51  SER SER A . n 
A 1 52  ASN 52  52  52  ASN ASN A . n 
A 1 53  SER 53  53  53  SER SER A . n 
A 1 54  SER 54  54  54  SER SER A . n 
A 1 55  LEU 55  55  55  LEU LEU A . n 
A 1 56  ILE 56  56  56  ILE ILE A . n 
A 1 57  PHE 57  57  57  PHE PHE A . n 
A 1 58  THR 58  58  58  THR THR A . n 
A 1 59  MET 59  59  59  MET MET A . n 
A 1 60  HIS 60  60  60  HIS HIS A . n 
A 1 61  THR 61  61  61  THR THR A . n 
A 1 62  LYS 62  62  62  LYS LYS A . n 
A 1 63  VAL 63  63  63  VAL VAL A . n 
A 1 64  ASN 64  64  64  ASN ASN A . n 
A 1 65  GLY 65  65  65  GLY GLY A . n 
A 1 66  LYS 66  66  66  LYS LYS A . n 
A 1 67  CYS 67  67  67  CYS CYS A . n 
A 1 68  THR 68  68  68  THR THR A . n 
A 1 69  LYS 69  69  69  LYS LYS A . n 
A 1 70  ILE 70  70  70  ILE ILE A . n 
A 1 71  SER 71  71  71  SER SER A . n 
A 1 72  LEU 72  72  72  LEU LEU A . n 
A 1 73  ILE 73  73  73  ILE ILE A . n 
A 1 74  CYS 74  74  74  CYS CYS A . n 
A 1 75  ASN 75  75  75  ASN ASN A . n 
A 1 76  LYS 76  76  76  LYS LYS A . n 
A 1 77  THR 77  77  77  THR THR A . n 
A 1 78  GLU 78  78  78  GLU GLU A . n 
A 1 79  LYS 79  79  79  LYS LYS A . n 
A 1 80  ASP 80  80  80  ASP ASP A . n 
A 1 81  GLY 81  81  81  GLY GLY A . n 
A 1 82  GLU 82  82  82  GLU GLU A . n 
A 1 83  TYR 83  83  83  TYR TYR A . n 
A 1 84  ASP 84  84  84  ASP ASP A . n 
A 1 85  VAL 85  85  85  VAL VAL A . n 
A 1 86  VAL 86  86  86  VAL VAL A . n 
A 1 87  HIS 87  87  87  HIS HIS A . n 
A 1 88  ASP 88  88  88  ASP ASP A . n 
A 1 89  GLY 89  89  89  GLY GLY A . n 
A 1 90  TYR 90  90  90  TYR TYR A . n 
A 1 91  ASN 91  91  91  ASN ASN A . n 
A 1 92  LEU 92  92  92  LEU LEU A . n 
A 1 93  PHE 93  93  93  PHE PHE A . n 
A 1 94  ARG 94  94  94  ARG ARG A . n 
A 1 95  ILE 95  95  95  ILE ILE A . n 
A 1 96  ILE 96  96  96  ILE ILE A . n 
A 1 97  GLU 97  97  97  GLU GLU A . n 
A 1 98  THR 98  98  98  THR THR A . n 
A 1 99  ALA 99  99  99  ALA ALA A . n 
A 1 100 TYR 100 100 100 TYR TYR A . n 
A 1 101 GLU 101 101 101 GLU GLU A . n 
A 1 102 ASP 102 102 102 ASP ASP A . n 
A 1 103 TYR 103 103 103 TYR TYR A . n 
A 1 104 ILE 104 104 104 ILE ILE A . n 
A 1 105 ILE 105 105 105 ILE ILE A . n 
A 1 106 PHE 106 106 106 PHE PHE A . n 
A 1 107 HIS 107 107 107 HIS HIS A . n 
A 1 108 LEU 108 108 108 LEU LEU A . n 
A 1 109 ASN 109 109 109 ASN ASN A . n 
A 1 110 ASN 110 110 110 ASN ASN A . n 
A 1 111 VAL 111 111 111 VAL VAL A . n 
A 1 112 ASN 112 112 112 ASN ASN A . n 
A 1 113 GLN 113 113 113 GLN GLN A . n 
A 1 114 GLU 114 114 114 GLU GLU A . n 
A 1 115 GLN 115 115 115 GLN GLN A . n 
A 1 116 GLU 116 116 116 GLU GLU A . n 
A 1 117 PHE 117 117 117 PHE PHE A . n 
A 1 118 GLN 118 118 118 GLN GLN A . n 
A 1 119 LEU 119 119 119 LEU LEU A . n 
A 1 120 MET 120 120 120 MET MET A . n 
A 1 121 GLU 121 121 121 GLU GLU A . n 
A 1 122 LEU 122 122 122 LEU LEU A . n 
A 1 123 TYR 123 123 123 TYR TYR A . n 
A 1 124 GLY 124 124 124 GLY GLY A . n 
A 1 125 ARG 125 125 125 ARG ARG A . n 
A 1 126 LYS 126 126 126 LYS LYS A . n 
A 1 127 PRO 127 127 127 PRO PRO A . n 
A 1 128 ASP 128 128 128 ASP ASP A . n 
A 1 129 VAL 129 129 129 VAL VAL A . n 
A 1 130 SER 130 130 130 SER SER A . n 
A 1 131 PRO 131 131 131 PRO PRO A . n 
A 1 132 LYS 132 132 132 LYS LYS A . n 
A 1 133 VAL 133 133 133 VAL VAL A . n 
A 1 134 LYS 134 134 134 LYS LYS A . n 
A 1 135 GLU 135 135 135 GLU GLU A . n 
A 1 136 LYS 136 136 136 LYS LYS A . n 
A 1 137 PHE 137 137 137 PHE PHE A . n 
A 1 138 VAL 138 138 138 VAL VAL A . n 
A 1 139 ARG 139 139 139 ARG ARG A . n 
A 1 140 TYR 140 140 140 TYR TYR A . n 
A 1 141 CYS 141 141 141 CYS CYS A . n 
A 1 142 GLN 142 142 142 GLN GLN A . n 
A 1 143 GLY 143 143 143 GLY GLY A . n 
A 1 144 MET 144 144 144 MET MET A . n 
A 1 145 GLU 145 145 145 GLU GLU A . n 
A 1 146 ILE 146 146 146 ILE ILE A . n 
A 1 147 PRO 147 147 147 PRO PRO A . n 
A 1 148 LYS 148 148 148 LYS LYS A . n 
A 1 149 GLU 149 149 149 GLU GLU A . n 
A 1 150 ASN 150 150 150 ASN ASN A . n 
A 1 151 ILE 151 151 151 ILE ILE A . n 
A 1 152 LEU 152 152 152 LEU LEU A . n 
A 1 153 ASP 153 153 153 ASP ASP A . n 
A 1 154 LEU 154 154 154 LEU LEU A . n 
A 1 155 THR 155 155 155 THR THR A . n 
A 1 156 GLN 156 156 156 GLN GLN A . n 
A 1 157 VAL 157 157 157 VAL VAL A . n 
A 1 158 ASP 158 158 158 ASP ASP A . n 
A 1 159 ARG 159 159 159 ARG ARG A . n 
A 1 160 CYS 160 160 160 CYS CYS A . n 
A 1 161 LEU 161 161 161 LEU LEU A . n 
A 1 162 GLN 162 162 162 GLN GLN A . n 
A 1 163 ALA 163 163 163 ALA ALA A . n 
A 1 164 ARG 164 164 164 ARG ARG A . n 
A 1 165 GLN 165 165 165 GLN GLN A . n 
A 1 166 SER 166 166 ?   ?   ?   A . n 
A 1 167 GLU 167 167 ?   ?   ?   A . n 
A 1 168 ALA 168 168 ?   ?   ?   A . n 
A 1 169 ALA 169 169 ?   ?   ?   A . n 
A 1 170 GLN 170 170 ?   ?   ?   A . n 
A 1 171 VAL 171 171 ?   ?   ?   A . n 
A 1 172 SER 172 172 ?   ?   ?   A . n 
A 1 173 SER 173 173 ?   ?   ?   A . n 
A 1 174 ALA 174 174 ?   ?   ?   A . n 
A 1 175 GLU 175 175 ?   ?   ?   A . n 
A 1 176 HIS 176 176 ?   ?   ?   A . n 
A 1 177 HIS 177 177 ?   ?   ?   A . n 
A 1 178 HIS 178 178 ?   ?   ?   A . n 
A 1 179 HIS 179 179 ?   ?   ?   A . n 
A 1 180 HIS 180 180 ?   ?   ?   A . n 
A 1 181 HIS 181 181 ?   ?   ?   A . n 
# 
loop_
_pdbx_nonpoly_scheme.asym_id 
_pdbx_nonpoly_scheme.entity_id 
_pdbx_nonpoly_scheme.mon_id 
_pdbx_nonpoly_scheme.ndb_seq_num 
_pdbx_nonpoly_scheme.pdb_seq_num 
_pdbx_nonpoly_scheme.auth_seq_num 
_pdbx_nonpoly_scheme.pdb_mon_id 
_pdbx_nonpoly_scheme.auth_mon_id 
_pdbx_nonpoly_scheme.pdb_strand_id 
_pdbx_nonpoly_scheme.pdb_ins_code 
B 2 HOH 1  201 201 HOH HOH A . 
B 2 HOH 2  202 202 HOH HOH A . 
B 2 HOH 3  203 203 HOH HOH A . 
B 2 HOH 4  204 204 HOH HOH A . 
B 2 HOH 5  205 205 HOH HOH A . 
B 2 HOH 6  206 206 HOH HOH A . 
B 2 HOH 7  207 207 HOH HOH A . 
B 2 HOH 8  208 208 HOH HOH A . 
B 2 HOH 9  209 209 HOH HOH A . 
B 2 HOH 10 210 210 HOH HOH A . 
B 2 HOH 11 211 211 HOH HOH A . 
B 2 HOH 12 212 212 HOH HOH A . 
B 2 HOH 13 213 213 HOH HOH A . 
# 
loop_
_pdbx_unobs_or_zero_occ_atoms.id 
_pdbx_unobs_or_zero_occ_atoms.PDB_model_num 
_pdbx_unobs_or_zero_occ_atoms.polymer_flag 
_pdbx_unobs_or_zero_occ_atoms.occupancy_flag 
_pdbx_unobs_or_zero_occ_atoms.auth_asym_id 
_pdbx_unobs_or_zero_occ_atoms.auth_comp_id 
_pdbx_unobs_or_zero_occ_atoms.auth_seq_id 
_pdbx_unobs_or_zero_occ_atoms.PDB_ins_code 
_pdbx_unobs_or_zero_occ_atoms.auth_atom_id 
_pdbx_unobs_or_zero_occ_atoms.label_alt_id 
_pdbx_unobs_or_zero_occ_atoms.label_asym_id 
_pdbx_unobs_or_zero_occ_atoms.label_comp_id 
_pdbx_unobs_or_zero_occ_atoms.label_seq_id 
_pdbx_unobs_or_zero_occ_atoms.label_atom_id 
1  1 Y 1 A ASP 6   ? CG  ? A ASP 6   CG  
2  1 Y 1 A ASP 6   ? OD1 ? A ASP 6   OD1 
3  1 Y 1 A ASP 6   ? OD2 ? A ASP 6   OD2 
4  1 Y 1 A ASN 11  ? CG  ? A ASN 11  CG  
5  1 Y 1 A ASN 11  ? OD1 ? A ASN 11  OD1 
6  1 Y 1 A ASN 11  ? ND2 ? A ASN 11  ND2 
7  1 Y 1 A GLU 35  ? CG  ? A GLU 35  CG  
8  1 Y 1 A GLU 35  ? CD  ? A GLU 35  CD  
9  1 Y 1 A GLU 35  ? OE1 ? A GLU 35  OE1 
10 1 Y 1 A GLU 35  ? OE2 ? A GLU 35  OE2 
11 1 Y 1 A GLU 48  ? CG  ? A GLU 48  CG  
12 1 Y 1 A GLU 48  ? CD  ? A GLU 48  CD  
13 1 Y 1 A GLU 48  ? OE1 ? A GLU 48  OE1 
14 1 Y 1 A GLU 48  ? OE2 ? A GLU 48  OE2 
15 1 Y 1 A ASN 52  ? CG  ? A ASN 52  CG  
16 1 Y 1 A ASN 52  ? OD1 ? A ASN 52  OD1 
17 1 Y 1 A ASN 52  ? ND2 ? A ASN 52  ND2 
18 1 Y 1 A LYS 66  ? CG  ? A LYS 66  CG  
19 1 Y 1 A LYS 66  ? CD  ? A LYS 66  CD  
20 1 Y 1 A LYS 66  ? CE  ? A LYS 66  CE  
21 1 Y 1 A LYS 66  ? NZ  ? A LYS 66  NZ  
22 1 Y 1 A LYS 76  ? CG  ? A LYS 76  CG  
23 1 Y 1 A LYS 76  ? CD  ? A LYS 76  CD  
24 1 Y 1 A LYS 76  ? CE  ? A LYS 76  CE  
25 1 Y 1 A LYS 76  ? NZ  ? A LYS 76  NZ  
26 1 Y 1 A GLU 78  ? CG  ? A GLU 78  CG  
27 1 Y 1 A GLU 78  ? CD  ? A GLU 78  CD  
28 1 Y 1 A GLU 78  ? OE1 ? A GLU 78  OE1 
29 1 Y 1 A GLU 78  ? OE2 ? A GLU 78  OE2 
30 1 Y 1 A LYS 79  ? CG  ? A LYS 79  CG  
31 1 Y 1 A LYS 79  ? CD  ? A LYS 79  CD  
32 1 Y 1 A LYS 79  ? CE  ? A LYS 79  CE  
33 1 Y 1 A LYS 79  ? NZ  ? A LYS 79  NZ  
34 1 Y 1 A ASP 88  ? CG  ? A ASP 88  CG  
35 1 Y 1 A ASP 88  ? OD1 ? A ASP 88  OD1 
36 1 Y 1 A ASP 88  ? OD2 ? A ASP 88  OD2 
37 1 Y 1 A GLU 101 ? CG  ? A GLU 101 CG  
38 1 Y 1 A GLU 101 ? CD  ? A GLU 101 CD  
39 1 Y 1 A GLU 101 ? OE1 ? A GLU 101 OE1 
40 1 Y 1 A GLU 101 ? OE2 ? A GLU 101 OE2 
41 1 Y 1 A GLN 113 ? CG  ? A GLN 113 CG  
42 1 Y 1 A GLN 113 ? CD  ? A GLN 113 CD  
43 1 Y 1 A GLN 113 ? OE1 ? A GLN 113 OE1 
44 1 Y 1 A GLN 113 ? NE2 ? A GLN 113 NE2 
45 1 Y 1 A GLU 114 ? CG  ? A GLU 114 CG  
46 1 Y 1 A GLU 114 ? CD  ? A GLU 114 CD  
47 1 Y 1 A GLU 114 ? OE1 ? A GLU 114 OE1 
48 1 Y 1 A GLU 114 ? OE2 ? A GLU 114 OE2 
49 1 Y 1 A GLU 116 ? CG  ? A GLU 116 CG  
50 1 Y 1 A GLU 116 ? CD  ? A GLU 116 CD  
51 1 Y 1 A GLU 116 ? OE1 ? A GLU 116 OE1 
52 1 Y 1 A GLU 116 ? OE2 ? A GLU 116 OE2 
53 1 Y 1 A LYS 132 ? CG  ? A LYS 132 CG  
54 1 Y 1 A LYS 132 ? CD  ? A LYS 132 CD  
55 1 Y 1 A LYS 132 ? CE  ? A LYS 132 CE  
56 1 Y 1 A LYS 132 ? NZ  ? A LYS 132 NZ  
57 1 Y 1 A GLU 135 ? CG  ? A GLU 135 CG  
58 1 Y 1 A GLU 135 ? CD  ? A GLU 135 CD  
59 1 Y 1 A GLU 135 ? OE1 ? A GLU 135 OE1 
60 1 Y 1 A GLU 135 ? OE2 ? A GLU 135 OE2 
61 1 Y 1 A GLN 165 ? CG  ? A GLN 165 CG  
62 1 Y 1 A GLN 165 ? CD  ? A GLN 165 CD  
63 1 Y 1 A GLN 165 ? OE1 ? A GLN 165 OE1 
64 1 Y 1 A GLN 165 ? NE2 ? A GLN 165 NE2 
# 
loop_
_software.citation_id 
_software.classification 
_software.compiler_name 
_software.compiler_version 
_software.contact_author 
_software.contact_author_email 
_software.date 
_software.description 
_software.dependencies 
_software.hardware 
_software.language 
_software.location 
_software.mods 
_software.name 
_software.os 
_software.os_version 
_software.type 
_software.version 
_software.pdbx_ordinal 
? refinement        ? ? ?                 ?                                       ?              ? ? ? ?   ? ? PHENIX      ? ? ? 
'(1.10.1_2155: ???)' 1 
? 'data reduction'  ? ? 'Wolfgang Kabsch' Wolfgang.Kabsch@mpimf-heidelberg.mpg.de ?              ? ? ? ?   
http://www.mpimf-heidelberg.mpg.de/~kabsch/xds/     ? XDS         ? ? package .                    2 
? 'data scaling'    ? ? 'Phil Evans'      ?                                       29/03/17       ? ? ? ?   
http://www.mrc-lmb.cam.ac.uk/harry/pre/aimless.html ? Aimless     ? ? program 0.5.32               3 
? phasing           ? ? 'Randy J. Read'   cimr-phaser@lists.cam.ac.uk             ?              ? ? ? ?   
http://www-structmed.cimr.cam.ac.uk/phaser/         ? PHASER      ? ? program .                    4 
? 'data extraction' ? ? PDB               deposit@deposit.rcsb.org                'Sep. 1, 2017' ? ? ? C++ 
http://sw-tools.pdb.org/apps/PDB_EXTRACT/           ? PDB_EXTRACT ? ? package 3.24                 5 
# 
_cell.entry_id           6NRE 
_cell.length_a           67.154 
_cell.length_b           67.154 
_cell.length_c           72.488 
_cell.angle_alpha        90.00 
_cell.angle_beta         90.00 
_cell.angle_gamma        120.00 
_cell.Z_PDB              6 
_cell.pdbx_unique_axis   ? 
# 
_symmetry.entry_id                         6NRE 
_symmetry.space_group_name_H-M             'P 31 2 1' 
_symmetry.pdbx_full_space_group_name_H-M   ? 
_symmetry.cell_setting                     ? 
_symmetry.Int_Tables_number                152 
# 
_exptl.absorpt_coefficient_mu     ? 
_exptl.absorpt_correction_T_max   ? 
_exptl.absorpt_correction_T_min   ? 
_exptl.absorpt_correction_type    ? 
_exptl.absorpt_process_details    ? 
_exptl.entry_id                   6NRE 
_exptl.crystals_number            1 
_exptl.details                    ? 
_exptl.method                     'X-RAY DIFFRACTION' 
_exptl.method_details             ? 
# 
_exptl_crystal.colour                      ? 
_exptl_crystal.density_diffrn              ? 
_exptl_crystal.density_Matthews            2.24 
_exptl_crystal.density_method              ? 
_exptl_crystal.density_percent_sol         45.13 
_exptl_crystal.description                 ? 
_exptl_crystal.F_000                       ? 
_exptl_crystal.id                          1 
_exptl_crystal.preparation                 ? 
_exptl_crystal.size_max                    ? 
_exptl_crystal.size_mid                    ? 
_exptl_crystal.size_min                    ? 
_exptl_crystal.size_rad                    ? 
_exptl_crystal.colour_lustre               ? 
_exptl_crystal.colour_modifier             ? 
_exptl_crystal.colour_primary              ? 
_exptl_crystal.density_meas                ? 
_exptl_crystal.density_meas_esd            ? 
_exptl_crystal.density_meas_gt             ? 
_exptl_crystal.density_meas_lt             ? 
_exptl_crystal.density_meas_temp           ? 
_exptl_crystal.density_meas_temp_esd       ? 
_exptl_crystal.density_meas_temp_gt        ? 
_exptl_crystal.density_meas_temp_lt        ? 
_exptl_crystal.pdbx_crystal_image_url      ? 
_exptl_crystal.pdbx_crystal_image_format   ? 
_exptl_crystal.pdbx_mosaicity              ? 
_exptl_crystal.pdbx_mosaicity_esd          ? 
# 
_exptl_crystal_grow.apparatus       ? 
_exptl_crystal_grow.atmosphere      ? 
_exptl_crystal_grow.crystal_id      1 
_exptl_crystal_grow.details         ? 
_exptl_crystal_grow.method          'VAPOR DIFFUSION, HANGING DROP' 
_exptl_crystal_grow.method_ref      ? 
_exptl_crystal_grow.pH              4.5 
_exptl_crystal_grow.pressure        ? 
_exptl_crystal_grow.pressure_esd    ? 
_exptl_crystal_grow.seeding         ? 
_exptl_crystal_grow.seeding_ref     ? 
_exptl_crystal_grow.temp            293 
_exptl_crystal_grow.temp_details    ? 
_exptl_crystal_grow.temp_esd        ? 
_exptl_crystal_grow.time            ? 
_exptl_crystal_grow.pdbx_details    '2-propanol, sodium acetate, polyethylene glycol ether 550' 
_exptl_crystal_grow.pdbx_pH_range   ? 
# 
_diffrn.ambient_environment              ? 
_diffrn.ambient_temp                     100 
_diffrn.ambient_temp_details             ? 
_diffrn.ambient_temp_esd                 ? 
_diffrn.crystal_id                       1 
_diffrn.crystal_support                  ? 
_diffrn.crystal_treatment                ? 
_diffrn.details                          ? 
_diffrn.id                               1 
_diffrn.ambient_pressure                 ? 
_diffrn.ambient_pressure_esd             ? 
_diffrn.ambient_pressure_gt              ? 
_diffrn.ambient_pressure_lt              ? 
_diffrn.ambient_temp_gt                  ? 
_diffrn.ambient_temp_lt                  ? 
_diffrn.pdbx_serial_crystal_experiment   N 
# 
_diffrn_detector.details                      ? 
_diffrn_detector.detector                     PIXEL 
_diffrn_detector.diffrn_id                    1 
_diffrn_detector.type                         'DECTRIS PILATUS 6M-F' 
_diffrn_detector.area_resol_mean              ? 
_diffrn_detector.dtime                        ? 
_diffrn_detector.pdbx_frames_total            ? 
_diffrn_detector.pdbx_collection_time_total   ? 
_diffrn_detector.pdbx_collection_date         2018-07-27 
_diffrn_detector.pdbx_frequency               ? 
# 
_diffrn_radiation.collimation                      ? 
_diffrn_radiation.diffrn_id                        1 
_diffrn_radiation.filter_edge                      ? 
_diffrn_radiation.inhomogeneity                    ? 
_diffrn_radiation.monochromator                    ? 
_diffrn_radiation.polarisn_norm                    ? 
_diffrn_radiation.polarisn_ratio                   ? 
_diffrn_radiation.probe                            ? 
_diffrn_radiation.type                             ? 
_diffrn_radiation.xray_symbol                      ? 
_diffrn_radiation.wavelength_id                    1 
_diffrn_radiation.pdbx_monochromatic_or_laue_m_l   M 
_diffrn_radiation.pdbx_wavelength_list             ? 
_diffrn_radiation.pdbx_wavelength                  ? 
_diffrn_radiation.pdbx_diffrn_protocol             'SINGLE WAVELENGTH' 
_diffrn_radiation.pdbx_analyzer                    ? 
_diffrn_radiation.pdbx_scattering_type             x-ray 
# 
_diffrn_radiation_wavelength.id           1 
_diffrn_radiation_wavelength.wavelength   0.9791 
_diffrn_radiation_wavelength.wt           1.0 
# 
_diffrn_source.current                     ? 
_diffrn_source.details                     ? 
_diffrn_source.diffrn_id                   1 
_diffrn_source.power                       ? 
_diffrn_source.size                        ? 
_diffrn_source.source                      SYNCHROTRON 
_diffrn_source.target                      ? 
_diffrn_source.type                        'APS BEAMLINE 24-ID-C' 
_diffrn_source.voltage                     ? 
_diffrn_source.take-off_angle              ? 
_diffrn_source.pdbx_wavelength_list        0.9791 
_diffrn_source.pdbx_wavelength             ? 
_diffrn_source.pdbx_synchrotron_beamline   24-ID-C 
_diffrn_source.pdbx_synchrotron_site       APS 
# 
_reflns.B_iso_Wilson_estimate            ? 
_reflns.entry_id                         6NRE 
_reflns.data_reduction_details           ? 
_reflns.data_reduction_method            ? 
_reflns.d_resolution_high                2.06 
_reflns.d_resolution_low                 72.49 
_reflns.details                          ? 
_reflns.limit_h_max                      ? 
_reflns.limit_h_min                      ? 
_reflns.limit_k_max                      ? 
_reflns.limit_k_min                      ? 
_reflns.limit_l_max                      ? 
_reflns.limit_l_min                      ? 
_reflns.number_all                       ? 
_reflns.number_obs                       12122 
_reflns.observed_criterion               ? 
_reflns.observed_criterion_F_max         ? 
_reflns.observed_criterion_F_min         ? 
_reflns.observed_criterion_I_max         ? 
_reflns.observed_criterion_I_min         ? 
_reflns.observed_criterion_sigma_F       ? 
_reflns.observed_criterion_sigma_I       ? 
_reflns.percent_possible_obs             99.4 
_reflns.R_free_details                   ? 
_reflns.Rmerge_F_all                     ? 
_reflns.Rmerge_F_obs                     ? 
_reflns.Friedel_coverage                 ? 
_reflns.number_gt                        ? 
_reflns.threshold_expression             ? 
_reflns.pdbx_redundancy                  17.0 
_reflns.pdbx_Rmerge_I_obs                0.051 
_reflns.pdbx_Rmerge_I_all                ? 
_reflns.pdbx_Rsym_value                  ? 
_reflns.pdbx_netI_over_av_sigmaI         ? 
_reflns.pdbx_netI_over_sigmaI            38.8 
_reflns.pdbx_res_netI_over_av_sigmaI_2   ? 
_reflns.pdbx_res_netI_over_sigmaI_2      ? 
_reflns.pdbx_chi_squared                 ? 
_reflns.pdbx_scaling_rejects             94 
_reflns.pdbx_d_res_high_opt              ? 
_reflns.pdbx_d_res_low_opt               ? 
_reflns.pdbx_d_res_opt_method            ? 
_reflns.phase_calculation_details        ? 
_reflns.pdbx_Rrim_I_all                  0.052 
_reflns.pdbx_Rpim_I_all                  0.012 
_reflns.pdbx_d_opt                       ? 
_reflns.pdbx_number_measured_all         69256 
_reflns.pdbx_diffrn_id                   1 
_reflns.pdbx_ordinal                     1 
_reflns.pdbx_CC_half                     0.985 
_reflns.pdbx_R_split                     ? 
# 
_reflns_shell.d_res_high                  2.06 
_reflns_shell.d_res_low                   2.11 
_reflns_shell.meanI_over_sigI_all         ? 
_reflns_shell.meanI_over_sigI_obs         3.3 
_reflns_shell.number_measured_all         5492 
_reflns_shell.number_measured_obs         ? 
_reflns_shell.number_possible             ? 
_reflns_shell.number_unique_all           ? 
_reflns_shell.number_unique_obs           872 
_reflns_shell.percent_possible_all        93.0 
_reflns_shell.percent_possible_obs        ? 
_reflns_shell.Rmerge_F_all                ? 
_reflns_shell.Rmerge_F_obs                ? 
_reflns_shell.Rmerge_I_all                ? 
_reflns_shell.Rmerge_I_obs                0.412 
_reflns_shell.meanI_over_sigI_gt          ? 
_reflns_shell.meanI_over_uI_all           ? 
_reflns_shell.meanI_over_uI_gt            ? 
_reflns_shell.number_measured_gt          ? 
_reflns_shell.number_unique_gt            ? 
_reflns_shell.percent_possible_gt         ? 
_reflns_shell.Rmerge_F_gt                 ? 
_reflns_shell.Rmerge_I_gt                 ? 
_reflns_shell.pdbx_redundancy             4.9 
_reflns_shell.pdbx_Rsym_value             ? 
_reflns_shell.pdbx_chi_squared            ? 
_reflns_shell.pdbx_netI_over_sigmaI_all   ? 
_reflns_shell.pdbx_netI_over_sigmaI_obs   0.100 
_reflns_shell.pdbx_Rrim_I_all             0.457 
_reflns_shell.pdbx_Rpim_I_all             0.194 
_reflns_shell.pdbx_rejects                ? 
_reflns_shell.pdbx_ordinal                1 
_reflns_shell.pdbx_diffrn_id              1 
_reflns_shell.pdbx_CC_half                ? 
_reflns_shell.pdbx_R_split                ? 
# 
_refine.pdbx_refine_id                           'X-RAY DIFFRACTION' 
_refine.entry_id                                 6NRE 
_refine.pdbx_diffrn_id                           1 
_refine.pdbx_TLS_residual_ADP_flag               ? 
_refine.ls_number_reflns_obs                     22536 
_refine.ls_number_reflns_all                     ? 
_refine.pdbx_ls_sigma_I                          ? 
_refine.pdbx_ls_sigma_F                          0.320 
_refine.pdbx_data_cutoff_high_absF               ? 
_refine.pdbx_data_cutoff_low_absF                ? 
_refine.pdbx_data_cutoff_high_rms_absF           ? 
_refine.ls_d_res_low                             58.16 
_refine.ls_d_res_high                            2.06 
_refine.ls_percent_reflns_obs                    99.1 
_refine.ls_R_factor_obs                          0.223 
_refine.ls_R_factor_all                          ? 
_refine.ls_R_factor_R_work                       0.221 
_refine.ls_R_factor_R_free                       0.248 
_refine.ls_R_factor_R_free_error                 ? 
_refine.ls_R_factor_R_free_error_details         ? 
_refine.ls_percent_reflns_R_free                 4.720 
_refine.ls_number_reflns_R_free                  1063 
_refine.ls_number_parameters                     ? 
_refine.ls_number_restraints                     ? 
_refine.occupancy_min                            ? 
_refine.occupancy_max                            ? 
_refine.correlation_coeff_Fo_to_Fc               ? 
_refine.correlation_coeff_Fo_to_Fc_free          ? 
_refine.B_iso_mean                               ? 
_refine.aniso_B[1][1]                            ? 
_refine.aniso_B[2][2]                            ? 
_refine.aniso_B[3][3]                            ? 
_refine.aniso_B[1][2]                            ? 
_refine.aniso_B[1][3]                            ? 
_refine.aniso_B[2][3]                            ? 
_refine.solvent_model_details                    'FLAT BULK SOLVENT MODEL' 
_refine.solvent_model_param_ksol                 ? 
_refine.solvent_model_param_bsol                 ? 
_refine.pdbx_solvent_vdw_probe_radii             1.11 
_refine.pdbx_solvent_ion_probe_radii             ? 
_refine.pdbx_solvent_shrinkage_radii             0.90 
_refine.pdbx_ls_cross_valid_method               THROUGHOUT 
_refine.details                                  ? 
_refine.pdbx_starting_model                      ? 
_refine.pdbx_method_to_determine_struct          'MOLECULAR REPLACEMENT' 
_refine.pdbx_isotropic_thermal_model             ? 
_refine.pdbx_stereochemistry_target_values       ML 
_refine.pdbx_stereochem_target_val_spec_case     ? 
_refine.pdbx_R_Free_selection_details            ? 
_refine.pdbx_overall_ESU_R                       ? 
_refine.pdbx_overall_ESU_R_Free                  ? 
_refine.overall_SU_ML                            0.310 
_refine.pdbx_overall_phase_error                 31.510 
_refine.overall_SU_B                             ? 
_refine.overall_SU_R_Cruickshank_DPI             ? 
_refine.pdbx_overall_SU_R_free_Cruickshank_DPI   ? 
_refine.pdbx_overall_SU_R_Blow_DPI               ? 
_refine.pdbx_overall_SU_R_free_Blow_DPI          ? 
# 
_refine_hist.pdbx_refine_id                   'X-RAY DIFFRACTION' 
_refine_hist.cycle_id                         LAST 
_refine_hist.pdbx_number_atoms_protein        1240 
_refine_hist.pdbx_number_atoms_nucleic_acid   0 
_refine_hist.pdbx_number_atoms_ligand         0 
_refine_hist.number_atoms_solvent             13 
_refine_hist.number_atoms_total               1253 
_refine_hist.d_res_high                       2.06 
_refine_hist.d_res_low                        58.16 
# 
loop_
_refine_ls_restr.type 
_refine_ls_restr.dev_ideal 
_refine_ls_restr.dev_ideal_target 
_refine_ls_restr.weight 
_refine_ls_restr.number 
_refine_ls_restr.pdbx_refine_id 
_refine_ls_restr.pdbx_restraint_function 
f_bond_d           0.004  ? ? 1275 'X-RAY DIFFRACTION' ? 
f_angle_d          0.672  ? ? 1723 'X-RAY DIFFRACTION' ? 
f_dihedral_angle_d 15.795 ? ? 773  'X-RAY DIFFRACTION' ? 
f_chiral_restr     0.051  ? ? 198  'X-RAY DIFFRACTION' ? 
f_plane_restr      0.003  ? ? 219  'X-RAY DIFFRACTION' ? 
# 
loop_
_refine_ls_shell.pdbx_refine_id 
_refine_ls_shell.pdbx_total_number_of_bins_used 
_refine_ls_shell.d_res_high 
_refine_ls_shell.d_res_low 
_refine_ls_shell.number_reflns_R_work 
_refine_ls_shell.R_factor_R_work 
_refine_ls_shell.percent_reflns_obs 
_refine_ls_shell.R_factor_R_free 
_refine_ls_shell.R_factor_R_free_error 
_refine_ls_shell.percent_reflns_R_free 
_refine_ls_shell.number_reflns_R_free 
_refine_ls_shell.number_reflns_all 
_refine_ls_shell.R_factor_all 
'X-RAY DIFFRACTION' . 2.0567 2.1503  2544 0.3345 94.00  0.3954 . . 143 . . 
'X-RAY DIFFRACTION' . 2.1503 2.2637  2709 0.2913 99.00  0.3024 . . 102 . . 
'X-RAY DIFFRACTION' . 2.2637 2.4055  2687 0.2791 100.00 0.2922 . . 168 . . 
'X-RAY DIFFRACTION' . 2.4055 2.5912  2711 0.2843 100.00 0.3505 . . 140 . . 
'X-RAY DIFFRACTION' . 2.5912 2.8520  2687 0.2714 100.00 0.3763 . . 110 . . 
'X-RAY DIFFRACTION' . 2.8520 3.2647  2694 0.2526 100.00 0.2779 . . 150 . . 
'X-RAY DIFFRACTION' . 3.2647 4.1130  2714 0.2076 100.00 0.2194 . . 133 . . 
'X-RAY DIFFRACTION' . 4.1130 58.1800 2727 0.1879 100.00 0.2084 . . 117 . . 
# 
_struct.entry_id                     6NRE 
_struct.title                        'Monomeric Lipocalin Can F 6' 
_struct.pdbx_model_details           ? 
_struct.pdbx_formula_weight          ? 
_struct.pdbx_formula_weight_method   ? 
_struct.pdbx_model_type_details      ? 
_struct.pdbx_CASP_flag               N 
# 
_struct_keywords.entry_id        6NRE 
_struct_keywords.text            'Lipocalin, metabolic role, ALLERGEN' 
_struct_keywords.pdbx_keywords   ALLERGEN 
# 
loop_
_struct_asym.id 
_struct_asym.pdbx_blank_PDB_chainid_flag 
_struct_asym.pdbx_modified 
_struct_asym.entity_id 
_struct_asym.details 
A N N 1 ? 
B N N 2 ? 
# 
_struct_ref.id                         1 
_struct_ref.db_name                    UNP 
_struct_ref.db_code                    H2B3G5_CANLF 
_struct_ref.pdbx_db_accession          H2B3G5 
_struct_ref.pdbx_db_isoform            ? 
_struct_ref.entity_id                  1 
_struct_ref.pdbx_seq_one_letter_code   
;HEEENDVVKGNFDISKISGDWYSILLASDIKEKIEENGSMRVFVKDIEVLSNSSLIFTMHTKVNGKCTKISLICNKTEKD
GEYDVVHDGYNLFRIIETAYEDYIIFHLNNVNQEQEFQLMELYGRKPDVSPKVKEKFVRYCQGMEIPKENILDLTQVDRC
LQARQSEAAQVSSAE
;
_struct_ref.pdbx_align_begin           16 
# 
_struct_ref_seq.align_id                      1 
_struct_ref_seq.ref_id                        1 
_struct_ref_seq.pdbx_PDB_id_code              6NRE 
_struct_ref_seq.pdbx_strand_id                A 
_struct_ref_seq.seq_align_beg                 1 
_struct_ref_seq.pdbx_seq_align_beg_ins_code   ? 
_struct_ref_seq.seq_align_end                 175 
_struct_ref_seq.pdbx_seq_align_end_ins_code   ? 
_struct_ref_seq.pdbx_db_accession             H2B3G5 
_struct_ref_seq.db_align_beg                  16 
_struct_ref_seq.pdbx_db_align_beg_ins_code    ? 
_struct_ref_seq.db_align_end                  190 
_struct_ref_seq.pdbx_db_align_end_ins_code    ? 
_struct_ref_seq.pdbx_auth_seq_align_beg       1 
_struct_ref_seq.pdbx_auth_seq_align_end       175 
# 
loop_
_struct_ref_seq_dif.align_id 
_struct_ref_seq_dif.pdbx_pdb_id_code 
_struct_ref_seq_dif.mon_id 
_struct_ref_seq_dif.pdbx_pdb_strand_id 
_struct_ref_seq_dif.seq_num 
_struct_ref_seq_dif.pdbx_pdb_ins_code 
_struct_ref_seq_dif.pdbx_seq_db_name 
_struct_ref_seq_dif.pdbx_seq_db_accession_code 
_struct_ref_seq_dif.db_mon_id 
_struct_ref_seq_dif.pdbx_seq_db_seq_num 
_struct_ref_seq_dif.details 
_struct_ref_seq_dif.pdbx_auth_seq_num 
_struct_ref_seq_dif.pdbx_ordinal 
1 6NRE HIS A 176 ? UNP H2B3G5 ? ? 'expression tag' 176 1 
1 6NRE HIS A 177 ? UNP H2B3G5 ? ? 'expression tag' 177 2 
1 6NRE HIS A 178 ? UNP H2B3G5 ? ? 'expression tag' 178 3 
1 6NRE HIS A 179 ? UNP H2B3G5 ? ? 'expression tag' 179 4 
1 6NRE HIS A 180 ? UNP H2B3G5 ? ? 'expression tag' 180 5 
1 6NRE HIS A 181 ? UNP H2B3G5 ? ? 'expression tag' 181 6 
# 
_pdbx_struct_assembly.id                   1 
_pdbx_struct_assembly.details              author_and_software_defined_assembly 
_pdbx_struct_assembly.method_details       PISA 
_pdbx_struct_assembly.oligomeric_details   monomeric 
_pdbx_struct_assembly.oligomeric_count     1 
# 
_pdbx_struct_assembly_gen.assembly_id       1 
_pdbx_struct_assembly_gen.oper_expression   1 
_pdbx_struct_assembly_gen.asym_id_list      A,B 
# 
_pdbx_struct_assembly_auth_evidence.id                     1 
_pdbx_struct_assembly_auth_evidence.assembly_id            1 
_pdbx_struct_assembly_auth_evidence.experimental_support   none 
_pdbx_struct_assembly_auth_evidence.details                ? 
# 
_pdbx_struct_oper_list.id                   1 
_pdbx_struct_oper_list.type                 'identity operation' 
_pdbx_struct_oper_list.name                 1_555 
_pdbx_struct_oper_list.symmetry_operation   x,y,z 
_pdbx_struct_oper_list.matrix[1][1]         1.0000000000 
_pdbx_struct_oper_list.matrix[1][2]         0.0000000000 
_pdbx_struct_oper_list.matrix[1][3]         0.0000000000 
_pdbx_struct_oper_list.vector[1]            0.0000000000 
_pdbx_struct_oper_list.matrix[2][1]         0.0000000000 
_pdbx_struct_oper_list.matrix[2][2]         1.0000000000 
_pdbx_struct_oper_list.matrix[2][3]         0.0000000000 
_pdbx_struct_oper_list.vector[2]            0.0000000000 
_pdbx_struct_oper_list.matrix[3][1]         0.0000000000 
_pdbx_struct_oper_list.matrix[3][2]         0.0000000000 
_pdbx_struct_oper_list.matrix[3][3]         1.0000000000 
_pdbx_struct_oper_list.vector[3]            0.0000000000 
# 
loop_
_struct_conf.conf_type_id 
_struct_conf.id 
_struct_conf.pdbx_PDB_helix_id 
_struct_conf.beg_label_comp_id 
_struct_conf.beg_label_asym_id 
_struct_conf.beg_label_seq_id 
_struct_conf.pdbx_beg_PDB_ins_code 
_struct_conf.end_label_comp_id 
_struct_conf.end_label_asym_id 
_struct_conf.end_label_seq_id 
_struct_conf.pdbx_end_PDB_ins_code 
_struct_conf.beg_auth_comp_id 
_struct_conf.beg_auth_asym_id 
_struct_conf.beg_auth_seq_id 
_struct_conf.end_auth_comp_id 
_struct_conf.end_auth_asym_id 
_struct_conf.end_auth_seq_id 
_struct_conf.pdbx_PDB_helix_class 
_struct_conf.details 
_struct_conf.pdbx_PDB_helix_length 
HELX_P HELX_P1 AA1 ASP A 13  ? SER A 18  ? ASP A 13  SER A 18  5 ? 6  
HELX_P HELX_P2 AA2 ILE A 30  ? ILE A 34  ? ILE A 30  ILE A 34  5 ? 5  
HELX_P HELX_P3 AA3 SER A 130 ? MET A 144 ? SER A 130 MET A 144 1 ? 15 
HELX_P HELX_P4 AA4 PRO A 147 ? GLU A 149 ? PRO A 147 GLU A 149 5 ? 3  
HELX_P HELX_P5 AA5 CYS A 160 ? ARG A 164 ? CYS A 160 ARG A 164 5 ? 5  
# 
_struct_conf_type.id          HELX_P 
_struct_conf_type.criteria    ? 
_struct_conf_type.reference   ? 
# 
_struct_conn.id                            disulf1 
_struct_conn.conn_type_id                  disulf 
_struct_conn.pdbx_leaving_atom_flag        ? 
_struct_conn.pdbx_PDB_id                   ? 
_struct_conn.ptnr1_label_asym_id           A 
_struct_conn.ptnr1_label_comp_id           CYS 
_struct_conn.ptnr1_label_seq_id            67 
_struct_conn.ptnr1_label_atom_id           SG 
_struct_conn.pdbx_ptnr1_label_alt_id       ? 
_struct_conn.pdbx_ptnr1_PDB_ins_code       ? 
_struct_conn.pdbx_ptnr1_standard_comp_id   ? 
_struct_conn.ptnr1_symmetry                1_555 
_struct_conn.ptnr2_label_asym_id           A 
_struct_conn.ptnr2_label_comp_id           CYS 
_struct_conn.ptnr2_label_seq_id            160 
_struct_conn.ptnr2_label_atom_id           SG 
_struct_conn.pdbx_ptnr2_label_alt_id       ? 
_struct_conn.pdbx_ptnr2_PDB_ins_code       ? 
_struct_conn.ptnr1_auth_asym_id            A 
_struct_conn.ptnr1_auth_comp_id            CYS 
_struct_conn.ptnr1_auth_seq_id             67 
_struct_conn.ptnr2_auth_asym_id            A 
_struct_conn.ptnr2_auth_comp_id            CYS 
_struct_conn.ptnr2_auth_seq_id             160 
_struct_conn.ptnr2_symmetry                1_555 
_struct_conn.pdbx_ptnr3_label_atom_id      ? 
_struct_conn.pdbx_ptnr3_label_seq_id       ? 
_struct_conn.pdbx_ptnr3_label_comp_id      ? 
_struct_conn.pdbx_ptnr3_label_asym_id      ? 
_struct_conn.pdbx_ptnr3_label_alt_id       ? 
_struct_conn.pdbx_ptnr3_PDB_ins_code       ? 
_struct_conn.details                       ? 
_struct_conn.pdbx_dist_value               2.025 
_struct_conn.pdbx_value_order              ? 
_struct_conn.pdbx_role                     ? 
# 
_struct_conn_type.id          disulf 
_struct_conn_type.criteria    ? 
_struct_conn_type.reference   ? 
# 
_pdbx_modification_feature.ordinal                            1 
_pdbx_modification_feature.label_comp_id                      CYS 
_pdbx_modification_feature.label_asym_id                      A 
_pdbx_modification_feature.label_seq_id                       67 
_pdbx_modification_feature.label_alt_id                       ? 
_pdbx_modification_feature.modified_residue_label_comp_id     CYS 
_pdbx_modification_feature.modified_residue_label_asym_id     A 
_pdbx_modification_feature.modified_residue_label_seq_id      160 
_pdbx_modification_feature.modified_residue_label_alt_id      ? 
_pdbx_modification_feature.auth_comp_id                       CYS 
_pdbx_modification_feature.auth_asym_id                       A 
_pdbx_modification_feature.auth_seq_id                        67 
_pdbx_modification_feature.PDB_ins_code                       ? 
_pdbx_modification_feature.symmetry                           1_555 
_pdbx_modification_feature.modified_residue_auth_comp_id      CYS 
_pdbx_modification_feature.modified_residue_auth_asym_id      A 
_pdbx_modification_feature.modified_residue_auth_seq_id       160 
_pdbx_modification_feature.modified_residue_PDB_ins_code      ? 
_pdbx_modification_feature.modified_residue_symmetry          1_555 
_pdbx_modification_feature.comp_id_linking_atom               SG 
_pdbx_modification_feature.modified_residue_id_linking_atom   SG 
_pdbx_modification_feature.modified_residue_id                . 
_pdbx_modification_feature.ref_pcm_id                         . 
_pdbx_modification_feature.ref_comp_id                        . 
_pdbx_modification_feature.type                               None 
_pdbx_modification_feature.category                           'Disulfide bridge' 
# 
_struct_sheet.id               AA1 
_struct_sheet.type             ? 
_struct_sheet.number_strands   10 
_struct_sheet.details          ? 
# 
loop_
_struct_sheet_order.sheet_id 
_struct_sheet_order.range_id_1 
_struct_sheet_order.range_id_2 
_struct_sheet_order.offset 
_struct_sheet_order.sense 
AA1 1 2  ? anti-parallel 
AA1 2 3  ? anti-parallel 
AA1 3 4  ? anti-parallel 
AA1 4 5  ? anti-parallel 
AA1 5 6  ? anti-parallel 
AA1 6 7  ? anti-parallel 
AA1 7 8  ? anti-parallel 
AA1 8 9  ? anti-parallel 
AA1 9 10 ? anti-parallel 
# 
loop_
_struct_sheet_range.sheet_id 
_struct_sheet_range.id 
_struct_sheet_range.beg_label_comp_id 
_struct_sheet_range.beg_label_asym_id 
_struct_sheet_range.beg_label_seq_id 
_struct_sheet_range.pdbx_beg_PDB_ins_code 
_struct_sheet_range.end_label_comp_id 
_struct_sheet_range.end_label_asym_id 
_struct_sheet_range.end_label_seq_id 
_struct_sheet_range.pdbx_end_PDB_ins_code 
_struct_sheet_range.beg_auth_comp_id 
_struct_sheet_range.beg_auth_asym_id 
_struct_sheet_range.beg_auth_seq_id 
_struct_sheet_range.end_auth_comp_id 
_struct_sheet_range.end_auth_asym_id 
_struct_sheet_range.end_auth_seq_id 
AA1 1  GLY A 19  ? ASP A 20  ? GLY A 19  ASP A 20  
AA1 2  PHE A 43  ? VAL A 49  ? PHE A 43  VAL A 49  
AA1 3  SER A 54  ? VAL A 63  ? SER A 54  VAL A 63  
AA1 4  LYS A 66  ? LYS A 76  ? LYS A 66  LYS A 76  
AA1 5  GLU A 82  ? VAL A 86  ? GLU A 82  VAL A 86  
AA1 6  TYR A 90  ? ALA A 99  ? TYR A 90  ALA A 99  
AA1 7  TYR A 103 ? VAL A 111 ? TYR A 103 VAL A 111 
AA1 8  PHE A 117 ? GLY A 124 ? PHE A 117 GLY A 124 
AA1 9  TYR A 22  ? SER A 28  ? TYR A 22  SER A 28  
AA1 10 ILE A 151 ? ASP A 153 ? ILE A 151 ASP A 153 
# 
loop_
_pdbx_struct_sheet_hbond.sheet_id 
_pdbx_struct_sheet_hbond.range_id_1 
_pdbx_struct_sheet_hbond.range_id_2 
_pdbx_struct_sheet_hbond.range_1_label_atom_id 
_pdbx_struct_sheet_hbond.range_1_label_comp_id 
_pdbx_struct_sheet_hbond.range_1_label_asym_id 
_pdbx_struct_sheet_hbond.range_1_label_seq_id 
_pdbx_struct_sheet_hbond.range_1_PDB_ins_code 
_pdbx_struct_sheet_hbond.range_1_auth_atom_id 
_pdbx_struct_sheet_hbond.range_1_auth_comp_id 
_pdbx_struct_sheet_hbond.range_1_auth_asym_id 
_pdbx_struct_sheet_hbond.range_1_auth_seq_id 
_pdbx_struct_sheet_hbond.range_2_label_atom_id 
_pdbx_struct_sheet_hbond.range_2_label_comp_id 
_pdbx_struct_sheet_hbond.range_2_label_asym_id 
_pdbx_struct_sheet_hbond.range_2_label_seq_id 
_pdbx_struct_sheet_hbond.range_2_PDB_ins_code 
_pdbx_struct_sheet_hbond.range_2_auth_atom_id 
_pdbx_struct_sheet_hbond.range_2_auth_comp_id 
_pdbx_struct_sheet_hbond.range_2_auth_asym_id 
_pdbx_struct_sheet_hbond.range_2_auth_seq_id 
AA1 1 2  N GLY A 19  ? N GLY A 19  O ILE A 47  ? O ILE A 47  
AA1 2 3  N LYS A 45  ? N LYS A 45  O THR A 58  ? O THR A 58  
AA1 3 4  N LEU A 55  ? N LEU A 55  O CYS A 74  ? O CYS A 74  
AA1 4 5  N ASN A 75  ? N ASN A 75  O ASP A 84  ? O ASP A 84  
AA1 5 6  N VAL A 85  ? N VAL A 85  O ASN A 91  ? O ASN A 91  
AA1 6 7  N LEU A 92  ? N LEU A 92  O ASN A 109 ? O ASN A 109 
AA1 7 8  N LEU A 108 ? N LEU A 108 O LEU A 119 ? O LEU A 119 
AA1 8 9  O MET A 120 ? O MET A 120 N ALA A 27  ? N ALA A 27  
AA1 9 10 N LEU A 26  ? N LEU A 26  O LEU A 152 ? O LEU A 152 
# 
_pdbx_entry_details.entry_id                   6NRE 
_pdbx_entry_details.compound_details           ? 
_pdbx_entry_details.source_details             ? 
_pdbx_entry_details.nonpolymer_details         ? 
_pdbx_entry_details.sequence_details           ? 
_pdbx_entry_details.has_ligand_of_interest     ? 
_pdbx_entry_details.has_protein_modification   Y 
# 
loop_
_pdbx_validate_torsion.id 
_pdbx_validate_torsion.PDB_model_num 
_pdbx_validate_torsion.auth_comp_id 
_pdbx_validate_torsion.auth_asym_id 
_pdbx_validate_torsion.auth_seq_id 
_pdbx_validate_torsion.PDB_ins_code 
_pdbx_validate_torsion.label_alt_id 
_pdbx_validate_torsion.phi 
_pdbx_validate_torsion.psi 
1 1 ASN A 37  ? ? 86.56  1.70 
2 1 PRO A 127 ? ? -60.21 5.17 
# 
_phasing.method   MR 
# 
loop_
_pdbx_unobs_or_zero_occ_residues.id 
_pdbx_unobs_or_zero_occ_residues.PDB_model_num 
_pdbx_unobs_or_zero_occ_residues.polymer_flag 
_pdbx_unobs_or_zero_occ_residues.occupancy_flag 
_pdbx_unobs_or_zero_occ_residues.auth_asym_id 
_pdbx_unobs_or_zero_occ_residues.auth_comp_id 
_pdbx_unobs_or_zero_occ_residues.auth_seq_id 
_pdbx_unobs_or_zero_occ_residues.PDB_ins_code 
_pdbx_unobs_or_zero_occ_residues.label_asym_id 
_pdbx_unobs_or_zero_occ_residues.label_comp_id 
_pdbx_unobs_or_zero_occ_residues.label_seq_id 
1  1 Y 1 A HIS 1   ? A HIS 1   
2  1 Y 1 A GLU 2   ? A GLU 2   
3  1 Y 1 A GLU 3   ? A GLU 3   
4  1 Y 1 A GLU 4   ? A GLU 4   
5  1 Y 1 A ASN 5   ? A ASN 5   
6  1 Y 1 A SER 166 ? A SER 166 
7  1 Y 1 A GLU 167 ? A GLU 167 
8  1 Y 1 A ALA 168 ? A ALA 168 
9  1 Y 1 A ALA 169 ? A ALA 169 
10 1 Y 1 A GLN 170 ? A GLN 170 
11 1 Y 1 A VAL 171 ? A VAL 171 
12 1 Y 1 A SER 172 ? A SER 172 
13 1 Y 1 A SER 173 ? A SER 173 
14 1 Y 1 A ALA 174 ? A ALA 174 
15 1 Y 1 A GLU 175 ? A GLU 175 
16 1 Y 1 A HIS 176 ? A HIS 176 
17 1 Y 1 A HIS 177 ? A HIS 177 
18 1 Y 1 A HIS 178 ? A HIS 178 
19 1 Y 1 A HIS 179 ? A HIS 179 
20 1 Y 1 A HIS 180 ? A HIS 180 
21 1 Y 1 A HIS 181 ? A HIS 181 
# 
loop_
_chem_comp_atom.comp_id 
_chem_comp_atom.atom_id 
_chem_comp_atom.type_symbol 
_chem_comp_atom.pdbx_aromatic_flag 
_chem_comp_atom.pdbx_stereo_config 
_chem_comp_atom.pdbx_ordinal 
ALA N    N N N 1   
ALA CA   C N S 2   
ALA C    C N N 3   
ALA O    O N N 4   
ALA CB   C N N 5   
ALA OXT  O N N 6   
ALA H    H N N 7   
ALA H2   H N N 8   
ALA HA   H N N 9   
ALA HB1  H N N 10  
ALA HB2  H N N 11  
ALA HB3  H N N 12  
ALA HXT  H N N 13  
ARG N    N N N 14  
ARG CA   C N S 15  
ARG C    C N N 16  
ARG O    O N N 17  
ARG CB   C N N 18  
ARG CG   C N N 19  
ARG CD   C N N 20  
ARG NE   N N N 21  
ARG CZ   C N N 22  
ARG NH1  N N N 23  
ARG NH2  N N N 24  
ARG OXT  O N N 25  
ARG H    H N N 26  
ARG H2   H N N 27  
ARG HA   H N N 28  
ARG HB2  H N N 29  
ARG HB3  H N N 30  
ARG HG2  H N N 31  
ARG HG3  H N N 32  
ARG HD2  H N N 33  
ARG HD3  H N N 34  
ARG HE   H N N 35  
ARG HH11 H N N 36  
ARG HH12 H N N 37  
ARG HH21 H N N 38  
ARG HH22 H N N 39  
ARG HXT  H N N 40  
ASN N    N N N 41  
ASN CA   C N S 42  
ASN C    C N N 43  
ASN O    O N N 44  
ASN CB   C N N 45  
ASN CG   C N N 46  
ASN OD1  O N N 47  
ASN ND2  N N N 48  
ASN OXT  O N N 49  
ASN H    H N N 50  
ASN H2   H N N 51  
ASN HA   H N N 52  
ASN HB2  H N N 53  
ASN HB3  H N N 54  
ASN HD21 H N N 55  
ASN HD22 H N N 56  
ASN HXT  H N N 57  
ASP N    N N N 58  
ASP CA   C N S 59  
ASP C    C N N 60  
ASP O    O N N 61  
ASP CB   C N N 62  
ASP CG   C N N 63  
ASP OD1  O N N 64  
ASP OD2  O N N 65  
ASP OXT  O N N 66  
ASP H    H N N 67  
ASP H2   H N N 68  
ASP HA   H N N 69  
ASP HB2  H N N 70  
ASP HB3  H N N 71  
ASP HD2  H N N 72  
ASP HXT  H N N 73  
CYS N    N N N 74  
CYS CA   C N R 75  
CYS C    C N N 76  
CYS O    O N N 77  
CYS CB   C N N 78  
CYS SG   S N N 79  
CYS OXT  O N N 80  
CYS H    H N N 81  
CYS H2   H N N 82  
CYS HA   H N N 83  
CYS HB2  H N N 84  
CYS HB3  H N N 85  
CYS HG   H N N 86  
CYS HXT  H N N 87  
GLN N    N N N 88  
GLN CA   C N S 89  
GLN C    C N N 90  
GLN O    O N N 91  
GLN CB   C N N 92  
GLN CG   C N N 93  
GLN CD   C N N 94  
GLN OE1  O N N 95  
GLN NE2  N N N 96  
GLN OXT  O N N 97  
GLN H    H N N 98  
GLN H2   H N N 99  
GLN HA   H N N 100 
GLN HB2  H N N 101 
GLN HB3  H N N 102 
GLN HG2  H N N 103 
GLN HG3  H N N 104 
GLN HE21 H N N 105 
GLN HE22 H N N 106 
GLN HXT  H N N 107 
GLU N    N N N 108 
GLU CA   C N S 109 
GLU C    C N N 110 
GLU O    O N N 111 
GLU CB   C N N 112 
GLU CG   C N N 113 
GLU CD   C N N 114 
GLU OE1  O N N 115 
GLU OE2  O N N 116 
GLU OXT  O N N 117 
GLU H    H N N 118 
GLU H2   H N N 119 
GLU HA   H N N 120 
GLU HB2  H N N 121 
GLU HB3  H N N 122 
GLU HG2  H N N 123 
GLU HG3  H N N 124 
GLU HE2  H N N 125 
GLU HXT  H N N 126 
GLY N    N N N 127 
GLY CA   C N N 128 
GLY C    C N N 129 
GLY O    O N N 130 
GLY OXT  O N N 131 
GLY H    H N N 132 
GLY H2   H N N 133 
GLY HA2  H N N 134 
GLY HA3  H N N 135 
GLY HXT  H N N 136 
HIS N    N N N 137 
HIS CA   C N S 138 
HIS C    C N N 139 
HIS O    O N N 140 
HIS CB   C N N 141 
HIS CG   C Y N 142 
HIS ND1  N Y N 143 
HIS CD2  C Y N 144 
HIS CE1  C Y N 145 
HIS NE2  N Y N 146 
HIS OXT  O N N 147 
HIS H    H N N 148 
HIS H2   H N N 149 
HIS HA   H N N 150 
HIS HB2  H N N 151 
HIS HB3  H N N 152 
HIS HD1  H N N 153 
HIS HD2  H N N 154 
HIS HE1  H N N 155 
HIS HE2  H N N 156 
HIS HXT  H N N 157 
HOH O    O N N 158 
HOH H1   H N N 159 
HOH H2   H N N 160 
ILE N    N N N 161 
ILE CA   C N S 162 
ILE C    C N N 163 
ILE O    O N N 164 
ILE CB   C N S 165 
ILE CG1  C N N 166 
ILE CG2  C N N 167 
ILE CD1  C N N 168 
ILE OXT  O N N 169 
ILE H    H N N 170 
ILE H2   H N N 171 
ILE HA   H N N 172 
ILE HB   H N N 173 
ILE HG12 H N N 174 
ILE HG13 H N N 175 
ILE HG21 H N N 176 
ILE HG22 H N N 177 
ILE HG23 H N N 178 
ILE HD11 H N N 179 
ILE HD12 H N N 180 
ILE HD13 H N N 181 
ILE HXT  H N N 182 
LEU N    N N N 183 
LEU CA   C N S 184 
LEU C    C N N 185 
LEU O    O N N 186 
LEU CB   C N N 187 
LEU CG   C N N 188 
LEU CD1  C N N 189 
LEU CD2  C N N 190 
LEU OXT  O N N 191 
LEU H    H N N 192 
LEU H2   H N N 193 
LEU HA   H N N 194 
LEU HB2  H N N 195 
LEU HB3  H N N 196 
LEU HG   H N N 197 
LEU HD11 H N N 198 
LEU HD12 H N N 199 
LEU HD13 H N N 200 
LEU HD21 H N N 201 
LEU HD22 H N N 202 
LEU HD23 H N N 203 
LEU HXT  H N N 204 
LYS N    N N N 205 
LYS CA   C N S 206 
LYS C    C N N 207 
LYS O    O N N 208 
LYS CB   C N N 209 
LYS CG   C N N 210 
LYS CD   C N N 211 
LYS CE   C N N 212 
LYS NZ   N N N 213 
LYS OXT  O N N 214 
LYS H    H N N 215 
LYS H2   H N N 216 
LYS HA   H N N 217 
LYS HB2  H N N 218 
LYS HB3  H N N 219 
LYS HG2  H N N 220 
LYS HG3  H N N 221 
LYS HD2  H N N 222 
LYS HD3  H N N 223 
LYS HE2  H N N 224 
LYS HE3  H N N 225 
LYS HZ1  H N N 226 
LYS HZ2  H N N 227 
LYS HZ3  H N N 228 
LYS HXT  H N N 229 
MET N    N N N 230 
MET CA   C N S 231 
MET C    C N N 232 
MET O    O N N 233 
MET CB   C N N 234 
MET CG   C N N 235 
MET SD   S N N 236 
MET CE   C N N 237 
MET OXT  O N N 238 
MET H    H N N 239 
MET H2   H N N 240 
MET HA   H N N 241 
MET HB2  H N N 242 
MET HB3  H N N 243 
MET HG2  H N N 244 
MET HG3  H N N 245 
MET HE1  H N N 246 
MET HE2  H N N 247 
MET HE3  H N N 248 
MET HXT  H N N 249 
PHE N    N N N 250 
PHE CA   C N S 251 
PHE C    C N N 252 
PHE O    O N N 253 
PHE CB   C N N 254 
PHE CG   C Y N 255 
PHE CD1  C Y N 256 
PHE CD2  C Y N 257 
PHE CE1  C Y N 258 
PHE CE2  C Y N 259 
PHE CZ   C Y N 260 
PHE OXT  O N N 261 
PHE H    H N N 262 
PHE H2   H N N 263 
PHE HA   H N N 264 
PHE HB2  H N N 265 
PHE HB3  H N N 266 
PHE HD1  H N N 267 
PHE HD2  H N N 268 
PHE HE1  H N N 269 
PHE HE2  H N N 270 
PHE HZ   H N N 271 
PHE HXT  H N N 272 
PRO N    N N N 273 
PRO CA   C N S 274 
PRO C    C N N 275 
PRO O    O N N 276 
PRO CB   C N N 277 
PRO CG   C N N 278 
PRO CD   C N N 279 
PRO OXT  O N N 280 
PRO H    H N N 281 
PRO HA   H N N 282 
PRO HB2  H N N 283 
PRO HB3  H N N 284 
PRO HG2  H N N 285 
PRO HG3  H N N 286 
PRO HD2  H N N 287 
PRO HD3  H N N 288 
PRO HXT  H N N 289 
SER N    N N N 290 
SER CA   C N S 291 
SER C    C N N 292 
SER O    O N N 293 
SER CB   C N N 294 
SER OG   O N N 295 
SER OXT  O N N 296 
SER H    H N N 297 
SER H2   H N N 298 
SER HA   H N N 299 
SER HB2  H N N 300 
SER HB3  H N N 301 
SER HG   H N N 302 
SER HXT  H N N 303 
THR N    N N N 304 
THR CA   C N S 305 
THR C    C N N 306 
THR O    O N N 307 
THR CB   C N R 308 
THR OG1  O N N 309 
THR CG2  C N N 310 
THR OXT  O N N 311 
THR H    H N N 312 
THR H2   H N N 313 
THR HA   H N N 314 
THR HB   H N N 315 
THR HG1  H N N 316 
THR HG21 H N N 317 
THR HG22 H N N 318 
THR HG23 H N N 319 
THR HXT  H N N 320 
TRP N    N N N 321 
TRP CA   C N S 322 
TRP C    C N N 323 
TRP O    O N N 324 
TRP CB   C N N 325 
TRP CG   C Y N 326 
TRP CD1  C Y N 327 
TRP CD2  C Y N 328 
TRP NE1  N Y N 329 
TRP CE2  C Y N 330 
TRP CE3  C Y N 331 
TRP CZ2  C Y N 332 
TRP CZ3  C Y N 333 
TRP CH2  C Y N 334 
TRP OXT  O N N 335 
TRP H    H N N 336 
TRP H2   H N N 337 
TRP HA   H N N 338 
TRP HB2  H N N 339 
TRP HB3  H N N 340 
TRP HD1  H N N 341 
TRP HE1  H N N 342 
TRP HE3  H N N 343 
TRP HZ2  H N N 344 
TRP HZ3  H N N 345 
TRP HH2  H N N 346 
TRP HXT  H N N 347 
TYR N    N N N 348 
TYR CA   C N S 349 
TYR C    C N N 350 
TYR O    O N N 351 
TYR CB   C N N 352 
TYR CG   C Y N 353 
TYR CD1  C Y N 354 
TYR CD2  C Y N 355 
TYR CE1  C Y N 356 
TYR CE2  C Y N 357 
TYR CZ   C Y N 358 
TYR OH   O N N 359 
TYR OXT  O N N 360 
TYR H    H N N 361 
TYR H2   H N N 362 
TYR HA   H N N 363 
TYR HB2  H N N 364 
TYR HB3  H N N 365 
TYR HD1  H N N 366 
TYR HD2  H N N 367 
TYR HE1  H N N 368 
TYR HE2  H N N 369 
TYR HH   H N N 370 
TYR HXT  H N N 371 
VAL N    N N N 372 
VAL CA   C N S 373 
VAL C    C N N 374 
VAL O    O N N 375 
VAL CB   C N N 376 
VAL CG1  C N N 377 
VAL CG2  C N N 378 
VAL OXT  O N N 379 
VAL H    H N N 380 
VAL H2   H N N 381 
VAL HA   H N N 382 
VAL HB   H N N 383 
VAL HG11 H N N 384 
VAL HG12 H N N 385 
VAL HG13 H N N 386 
VAL HG21 H N N 387 
VAL HG22 H N N 388 
VAL HG23 H N N 389 
VAL HXT  H N N 390 
# 
loop_
_chem_comp_bond.comp_id 
_chem_comp_bond.atom_id_1 
_chem_comp_bond.atom_id_2 
_chem_comp_bond.value_order 
_chem_comp_bond.pdbx_aromatic_flag 
_chem_comp_bond.pdbx_stereo_config 
_chem_comp_bond.pdbx_ordinal 
ALA N   CA   sing N N 1   
ALA N   H    sing N N 2   
ALA N   H2   sing N N 3   
ALA CA  C    sing N N 4   
ALA CA  CB   sing N N 5   
ALA CA  HA   sing N N 6   
ALA C   O    doub N N 7   
ALA C   OXT  sing N N 8   
ALA CB  HB1  sing N N 9   
ALA CB  HB2  sing N N 10  
ALA CB  HB3  sing N N 11  
ALA OXT HXT  sing N N 12  
ARG N   CA   sing N N 13  
ARG N   H    sing N N 14  
ARG N   H2   sing N N 15  
ARG CA  C    sing N N 16  
ARG CA  CB   sing N N 17  
ARG CA  HA   sing N N 18  
ARG C   O    doub N N 19  
ARG C   OXT  sing N N 20  
ARG CB  CG   sing N N 21  
ARG CB  HB2  sing N N 22  
ARG CB  HB3  sing N N 23  
ARG CG  CD   sing N N 24  
ARG CG  HG2  sing N N 25  
ARG CG  HG3  sing N N 26  
ARG CD  NE   sing N N 27  
ARG CD  HD2  sing N N 28  
ARG CD  HD3  sing N N 29  
ARG NE  CZ   sing N N 30  
ARG NE  HE   sing N N 31  
ARG CZ  NH1  sing N N 32  
ARG CZ  NH2  doub N N 33  
ARG NH1 HH11 sing N N 34  
ARG NH1 HH12 sing N N 35  
ARG NH2 HH21 sing N N 36  
ARG NH2 HH22 sing N N 37  
ARG OXT HXT  sing N N 38  
ASN N   CA   sing N N 39  
ASN N   H    sing N N 40  
ASN N   H2   sing N N 41  
ASN CA  C    sing N N 42  
ASN CA  CB   sing N N 43  
ASN CA  HA   sing N N 44  
ASN C   O    doub N N 45  
ASN C   OXT  sing N N 46  
ASN CB  CG   sing N N 47  
ASN CB  HB2  sing N N 48  
ASN CB  HB3  sing N N 49  
ASN CG  OD1  doub N N 50  
ASN CG  ND2  sing N N 51  
ASN ND2 HD21 sing N N 52  
ASN ND2 HD22 sing N N 53  
ASN OXT HXT  sing N N 54  
ASP N   CA   sing N N 55  
ASP N   H    sing N N 56  
ASP N   H2   sing N N 57  
ASP CA  C    sing N N 58  
ASP CA  CB   sing N N 59  
ASP CA  HA   sing N N 60  
ASP C   O    doub N N 61  
ASP C   OXT  sing N N 62  
ASP CB  CG   sing N N 63  
ASP CB  HB2  sing N N 64  
ASP CB  HB3  sing N N 65  
ASP CG  OD1  doub N N 66  
ASP CG  OD2  sing N N 67  
ASP OD2 HD2  sing N N 68  
ASP OXT HXT  sing N N 69  
CYS N   CA   sing N N 70  
CYS N   H    sing N N 71  
CYS N   H2   sing N N 72  
CYS CA  C    sing N N 73  
CYS CA  CB   sing N N 74  
CYS CA  HA   sing N N 75  
CYS C   O    doub N N 76  
CYS C   OXT  sing N N 77  
CYS CB  SG   sing N N 78  
CYS CB  HB2  sing N N 79  
CYS CB  HB3  sing N N 80  
CYS SG  HG   sing N N 81  
CYS OXT HXT  sing N N 82  
GLN N   CA   sing N N 83  
GLN N   H    sing N N 84  
GLN N   H2   sing N N 85  
GLN CA  C    sing N N 86  
GLN CA  CB   sing N N 87  
GLN CA  HA   sing N N 88  
GLN C   O    doub N N 89  
GLN C   OXT  sing N N 90  
GLN CB  CG   sing N N 91  
GLN CB  HB2  sing N N 92  
GLN CB  HB3  sing N N 93  
GLN CG  CD   sing N N 94  
GLN CG  HG2  sing N N 95  
GLN CG  HG3  sing N N 96  
GLN CD  OE1  doub N N 97  
GLN CD  NE2  sing N N 98  
GLN NE2 HE21 sing N N 99  
GLN NE2 HE22 sing N N 100 
GLN OXT HXT  sing N N 101 
GLU N   CA   sing N N 102 
GLU N   H    sing N N 103 
GLU N   H2   sing N N 104 
GLU CA  C    sing N N 105 
GLU CA  CB   sing N N 106 
GLU CA  HA   sing N N 107 
GLU C   O    doub N N 108 
GLU C   OXT  sing N N 109 
GLU CB  CG   sing N N 110 
GLU CB  HB2  sing N N 111 
GLU CB  HB3  sing N N 112 
GLU CG  CD   sing N N 113 
GLU CG  HG2  sing N N 114 
GLU CG  HG3  sing N N 115 
GLU CD  OE1  doub N N 116 
GLU CD  OE2  sing N N 117 
GLU OE2 HE2  sing N N 118 
GLU OXT HXT  sing N N 119 
GLY N   CA   sing N N 120 
GLY N   H    sing N N 121 
GLY N   H2   sing N N 122 
GLY CA  C    sing N N 123 
GLY CA  HA2  sing N N 124 
GLY CA  HA3  sing N N 125 
GLY C   O    doub N N 126 
GLY C   OXT  sing N N 127 
GLY OXT HXT  sing N N 128 
HIS N   CA   sing N N 129 
HIS N   H    sing N N 130 
HIS N   H2   sing N N 131 
HIS CA  C    sing N N 132 
HIS CA  CB   sing N N 133 
HIS CA  HA   sing N N 134 
HIS C   O    doub N N 135 
HIS C   OXT  sing N N 136 
HIS CB  CG   sing N N 137 
HIS CB  HB2  sing N N 138 
HIS CB  HB3  sing N N 139 
HIS CG  ND1  sing Y N 140 
HIS CG  CD2  doub Y N 141 
HIS ND1 CE1  doub Y N 142 
HIS ND1 HD1  sing N N 143 
HIS CD2 NE2  sing Y N 144 
HIS CD2 HD2  sing N N 145 
HIS CE1 NE2  sing Y N 146 
HIS CE1 HE1  sing N N 147 
HIS NE2 HE2  sing N N 148 
HIS OXT HXT  sing N N 149 
HOH O   H1   sing N N 150 
HOH O   H2   sing N N 151 
ILE N   CA   sing N N 152 
ILE N   H    sing N N 153 
ILE N   H2   sing N N 154 
ILE CA  C    sing N N 155 
ILE CA  CB   sing N N 156 
ILE CA  HA   sing N N 157 
ILE C   O    doub N N 158 
ILE C   OXT  sing N N 159 
ILE CB  CG1  sing N N 160 
ILE CB  CG2  sing N N 161 
ILE CB  HB   sing N N 162 
ILE CG1 CD1  sing N N 163 
ILE CG1 HG12 sing N N 164 
ILE CG1 HG13 sing N N 165 
ILE CG2 HG21 sing N N 166 
ILE CG2 HG22 sing N N 167 
ILE CG2 HG23 sing N N 168 
ILE CD1 HD11 sing N N 169 
ILE CD1 HD12 sing N N 170 
ILE CD1 HD13 sing N N 171 
ILE OXT HXT  sing N N 172 
LEU N   CA   sing N N 173 
LEU N   H    sing N N 174 
LEU N   H2   sing N N 175 
LEU CA  C    sing N N 176 
LEU CA  CB   sing N N 177 
LEU CA  HA   sing N N 178 
LEU C   O    doub N N 179 
LEU C   OXT  sing N N 180 
LEU CB  CG   sing N N 181 
LEU CB  HB2  sing N N 182 
LEU CB  HB3  sing N N 183 
LEU CG  CD1  sing N N 184 
LEU CG  CD2  sing N N 185 
LEU CG  HG   sing N N 186 
LEU CD1 HD11 sing N N 187 
LEU CD1 HD12 sing N N 188 
LEU CD1 HD13 sing N N 189 
LEU CD2 HD21 sing N N 190 
LEU CD2 HD22 sing N N 191 
LEU CD2 HD23 sing N N 192 
LEU OXT HXT  sing N N 193 
LYS N   CA   sing N N 194 
LYS N   H    sing N N 195 
LYS N   H2   sing N N 196 
LYS CA  C    sing N N 197 
LYS CA  CB   sing N N 198 
LYS CA  HA   sing N N 199 
LYS C   O    doub N N 200 
LYS C   OXT  sing N N 201 
LYS CB  CG   sing N N 202 
LYS CB  HB2  sing N N 203 
LYS CB  HB3  sing N N 204 
LYS CG  CD   sing N N 205 
LYS CG  HG2  sing N N 206 
LYS CG  HG3  sing N N 207 
LYS CD  CE   sing N N 208 
LYS CD  HD2  sing N N 209 
LYS CD  HD3  sing N N 210 
LYS CE  NZ   sing N N 211 
LYS CE  HE2  sing N N 212 
LYS CE  HE3  sing N N 213 
LYS NZ  HZ1  sing N N 214 
LYS NZ  HZ2  sing N N 215 
LYS NZ  HZ3  sing N N 216 
LYS OXT HXT  sing N N 217 
MET N   CA   sing N N 218 
MET N   H    sing N N 219 
MET N   H2   sing N N 220 
MET CA  C    sing N N 221 
MET CA  CB   sing N N 222 
MET CA  HA   sing N N 223 
MET C   O    doub N N 224 
MET C   OXT  sing N N 225 
MET CB  CG   sing N N 226 
MET CB  HB2  sing N N 227 
MET CB  HB3  sing N N 228 
MET CG  SD   sing N N 229 
MET CG  HG2  sing N N 230 
MET CG  HG3  sing N N 231 
MET SD  CE   sing N N 232 
MET CE  HE1  sing N N 233 
MET CE  HE2  sing N N 234 
MET CE  HE3  sing N N 235 
MET OXT HXT  sing N N 236 
PHE N   CA   sing N N 237 
PHE N   H    sing N N 238 
PHE N   H2   sing N N 239 
PHE CA  C    sing N N 240 
PHE CA  CB   sing N N 241 
PHE CA  HA   sing N N 242 
PHE C   O    doub N N 243 
PHE C   OXT  sing N N 244 
PHE CB  CG   sing N N 245 
PHE CB  HB2  sing N N 246 
PHE CB  HB3  sing N N 247 
PHE CG  CD1  doub Y N 248 
PHE CG  CD2  sing Y N 249 
PHE CD1 CE1  sing Y N 250 
PHE CD1 HD1  sing N N 251 
PHE CD2 CE2  doub Y N 252 
PHE CD2 HD2  sing N N 253 
PHE CE1 CZ   doub Y N 254 
PHE CE1 HE1  sing N N 255 
PHE CE2 CZ   sing Y N 256 
PHE CE2 HE2  sing N N 257 
PHE CZ  HZ   sing N N 258 
PHE OXT HXT  sing N N 259 
PRO N   CA   sing N N 260 
PRO N   CD   sing N N 261 
PRO N   H    sing N N 262 
PRO CA  C    sing N N 263 
PRO CA  CB   sing N N 264 
PRO CA  HA   sing N N 265 
PRO C   O    doub N N 266 
PRO C   OXT  sing N N 267 
PRO CB  CG   sing N N 268 
PRO CB  HB2  sing N N 269 
PRO CB  HB3  sing N N 270 
PRO CG  CD   sing N N 271 
PRO CG  HG2  sing N N 272 
PRO CG  HG3  sing N N 273 
PRO CD  HD2  sing N N 274 
PRO CD  HD3  sing N N 275 
PRO OXT HXT  sing N N 276 
SER N   CA   sing N N 277 
SER N   H    sing N N 278 
SER N   H2   sing N N 279 
SER CA  C    sing N N 280 
SER CA  CB   sing N N 281 
SER CA  HA   sing N N 282 
SER C   O    doub N N 283 
SER C   OXT  sing N N 284 
SER CB  OG   sing N N 285 
SER CB  HB2  sing N N 286 
SER CB  HB3  sing N N 287 
SER OG  HG   sing N N 288 
SER OXT HXT  sing N N 289 
THR N   CA   sing N N 290 
THR N   H    sing N N 291 
THR N   H2   sing N N 292 
THR CA  C    sing N N 293 
THR CA  CB   sing N N 294 
THR CA  HA   sing N N 295 
THR C   O    doub N N 296 
THR C   OXT  sing N N 297 
THR CB  OG1  sing N N 298 
THR CB  CG2  sing N N 299 
THR CB  HB   sing N N 300 
THR OG1 HG1  sing N N 301 
THR CG2 HG21 sing N N 302 
THR CG2 HG22 sing N N 303 
THR CG2 HG23 sing N N 304 
THR OXT HXT  sing N N 305 
TRP N   CA   sing N N 306 
TRP N   H    sing N N 307 
TRP N   H2   sing N N 308 
TRP CA  C    sing N N 309 
TRP CA  CB   sing N N 310 
TRP CA  HA   sing N N 311 
TRP C   O    doub N N 312 
TRP C   OXT  sing N N 313 
TRP CB  CG   sing N N 314 
TRP CB  HB2  sing N N 315 
TRP CB  HB3  sing N N 316 
TRP CG  CD1  doub Y N 317 
TRP CG  CD2  sing Y N 318 
TRP CD1 NE1  sing Y N 319 
TRP CD1 HD1  sing N N 320 
TRP CD2 CE2  doub Y N 321 
TRP CD2 CE3  sing Y N 322 
TRP NE1 CE2  sing Y N 323 
TRP NE1 HE1  sing N N 324 
TRP CE2 CZ2  sing Y N 325 
TRP CE3 CZ3  doub Y N 326 
TRP CE3 HE3  sing N N 327 
TRP CZ2 CH2  doub Y N 328 
TRP CZ2 HZ2  sing N N 329 
TRP CZ3 CH2  sing Y N 330 
TRP CZ3 HZ3  sing N N 331 
TRP CH2 HH2  sing N N 332 
TRP OXT HXT  sing N N 333 
TYR N   CA   sing N N 334 
TYR N   H    sing N N 335 
TYR N   H2   sing N N 336 
TYR CA  C    sing N N 337 
TYR CA  CB   sing N N 338 
TYR CA  HA   sing N N 339 
TYR C   O    doub N N 340 
TYR C   OXT  sing N N 341 
TYR CB  CG   sing N N 342 
TYR CB  HB2  sing N N 343 
TYR CB  HB3  sing N N 344 
TYR CG  CD1  doub Y N 345 
TYR CG  CD2  sing Y N 346 
TYR CD1 CE1  sing Y N 347 
TYR CD1 HD1  sing N N 348 
TYR CD2 CE2  doub Y N 349 
TYR CD2 HD2  sing N N 350 
TYR CE1 CZ   doub Y N 351 
TYR CE1 HE1  sing N N 352 
TYR CE2 CZ   sing Y N 353 
TYR CE2 HE2  sing N N 354 
TYR CZ  OH   sing N N 355 
TYR OH  HH   sing N N 356 
TYR OXT HXT  sing N N 357 
VAL N   CA   sing N N 358 
VAL N   H    sing N N 359 
VAL N   H2   sing N N 360 
VAL CA  C    sing N N 361 
VAL CA  CB   sing N N 362 
VAL CA  HA   sing N N 363 
VAL C   O    doub N N 364 
VAL C   OXT  sing N N 365 
VAL CB  CG1  sing N N 366 
VAL CB  CG2  sing N N 367 
VAL CB  HB   sing N N 368 
VAL CG1 HG11 sing N N 369 
VAL CG1 HG12 sing N N 370 
VAL CG1 HG13 sing N N 371 
VAL CG2 HG21 sing N N 372 
VAL CG2 HG22 sing N N 373 
VAL CG2 HG23 sing N N 374 
VAL OXT HXT  sing N N 375 
# 
_atom_sites.entry_id                    6NRE 
_atom_sites.fract_transf_matrix[1][1]   -0.00540889 
_atom_sites.fract_transf_matrix[1][2]   -0.00919230 
_atom_sites.fract_transf_matrix[1][3]   0.01348688 
_atom_sites.fract_transf_matrix[2][1]   0.00913140 
_atom_sites.fract_transf_matrix[2][2]   -0.01353266 
_atom_sites.fract_transf_matrix[2][3]   0.00539932 
_atom_sites.fract_transf_matrix[3][1]   0.00715911 
_atom_sites.fract_transf_matrix[3][2]   0.00820847 
_atom_sites.fract_transf_matrix[3][3]   0.00846582 
_atom_sites.fract_transf_vector[1]      0.211882 
_atom_sites.fract_transf_vector[2]      0.480053 
_atom_sites.fract_transf_vector[3]      0.017356 
# 
loop_
_atom_type.symbol 
C 
N 
O 
S 
# 
loop_
_atom_site.group_PDB 
_atom_site.id 
_atom_site.type_symbol 
_atom_site.label_atom_id 
_atom_site.label_alt_id 
_atom_site.label_comp_id 
_atom_site.label_asym_id 
_atom_site.label_entity_id 
_atom_site.label_seq_id 
_atom_site.pdbx_PDB_ins_code 
_atom_site.Cartn_x 
_atom_site.Cartn_y 
_atom_site.Cartn_z 
_atom_site.occupancy 
_atom_site.B_iso_or_equiv 
_atom_site.pdbx_formal_charge 
_atom_site.auth_seq_id 
_atom_site.auth_comp_id 
_atom_site.auth_asym_id 
_atom_site.auth_atom_id 
_atom_site.pdbx_PDB_model_num 
ATOM   1    N N   . ASP A 1 6   ? 16.775  -4.447  -10.392 1.00 84.48  ? 6   ASP A N   1 
ATOM   2    C CA  . ASP A 1 6   ? 16.682  -5.848  -10.003 1.00 80.84  ? 6   ASP A CA  1 
ATOM   3    C C   . ASP A 1 6   ? 15.330  -6.151  -9.364  1.00 80.07  ? 6   ASP A C   1 
ATOM   4    O O   . ASP A 1 6   ? 15.152  -5.979  -8.159  1.00 72.98  ? 6   ASP A O   1 
ATOM   5    C CB  . ASP A 1 6   ? 17.813  -6.213  -9.040  1.00 84.31  ? 6   ASP A CB  1 
ATOM   6    N N   . VAL A 1 7   ? 14.379  -6.607  -10.181 1.00 80.22  ? 7   VAL A N   1 
ATOM   7    C CA  . VAL A 1 7   ? 13.045  -6.914  -9.681  1.00 74.09  ? 7   VAL A CA  1 
ATOM   8    C C   . VAL A 1 7   ? 13.088  -8.185  -8.843  1.00 71.71  ? 7   VAL A C   1 
ATOM   9    O O   . VAL A 1 7   ? 13.766  -9.161  -9.190  1.00 75.18  ? 7   VAL A O   1 
ATOM   10   C CB  . VAL A 1 7   ? 12.051  -7.046  -10.848 1.00 72.33  ? 7   VAL A CB  1 
ATOM   11   C CG1 . VAL A 1 7   ? 10.651  -7.335  -10.331 1.00 66.83  ? 7   VAL A CG1 1 
ATOM   12   C CG2 . VAL A 1 7   ? 12.058  -5.782  -11.694 1.00 70.54  ? 7   VAL A CG2 1 
ATOM   13   N N   . VAL A 1 8   ? 12.367  -8.176  -7.724  1.00 69.11  ? 8   VAL A N   1 
ATOM   14   C CA  . VAL A 1 8   ? 12.258  -9.329  -6.838  1.00 66.91  ? 8   VAL A CA  1 
ATOM   15   C C   . VAL A 1 8   ? 10.789  -9.713  -6.749  1.00 68.17  ? 8   VAL A C   1 
ATOM   16   O O   . VAL A 1 8   ? 9.952   -8.890  -6.359  1.00 61.56  ? 8   VAL A O   1 
ATOM   17   C CB  . VAL A 1 8   ? 12.828  -9.038  -5.442  1.00 67.64  ? 8   VAL A CB  1 
ATOM   18   C CG1 . VAL A 1 8   ? 12.780  -10.292 -4.585  1.00 67.27  ? 8   VAL A CG1 1 
ATOM   19   C CG2 . VAL A 1 8   ? 14.249  -8.506  -5.544  1.00 67.75  ? 8   VAL A CG2 1 
ATOM   20   N N   . LYS A 1 9   ? 10.476  -10.958 -7.101  1.00 71.74  ? 9   LYS A N   1 
ATOM   21   C CA  . LYS A 1 9   ? 9.106   -11.449 -7.065  1.00 69.71  ? 9   LYS A CA  1 
ATOM   22   C C   . LYS A 1 9   ? 8.866   -12.485 -5.975  1.00 69.60  ? 9   LYS A C   1 
ATOM   23   O O   . LYS A 1 9   ? 7.761   -13.032 -5.893  1.00 75.90  ? 9   LYS A O   1 
ATOM   24   C CB  . LYS A 1 9   ? 8.720   -12.034 -8.428  1.00 68.24  ? 9   LYS A CB  1 
ATOM   25   C CG  . LYS A 1 9   ? 8.725   -11.017 -9.550  1.00 65.89  ? 9   LYS A CG  1 
ATOM   26   C CD  . LYS A 1 9   ? 8.185   -11.616 -10.833 1.00 63.99  ? 9   LYS A CD  1 
ATOM   27   C CE  . LYS A 1 9   ? 7.681   -10.531 -11.764 1.00 65.18  ? 9   LYS A CE  1 
ATOM   28   N NZ  . LYS A 1 9   ? 6.430   -10.941 -12.448 1.00 70.86  ? 9   LYS A NZ  1 
ATOM   29   N N   . GLY A 1 10  ? 9.859   -12.763 -5.139  1.00 73.67  ? 10  GLY A N   1 
ATOM   30   C CA  . GLY A 1 10  ? 9.691   -13.727 -4.065  1.00 72.56  ? 10  GLY A CA  1 
ATOM   31   C C   . GLY A 1 10  ? 10.924  -13.745 -3.190  1.00 79.63  ? 10  GLY A C   1 
ATOM   32   O O   . GLY A 1 10  ? 11.985  -13.233 -3.560  1.00 79.07  ? 10  GLY A O   1 
ATOM   33   N N   . ASN A 1 11  ? 10.763  -14.350 -2.013  1.00 79.57  ? 11  ASN A N   1 
ATOM   34   C CA  . ASN A 1 11  ? 11.831  -14.463 -1.018  1.00 79.80  ? 11  ASN A CA  1 
ATOM   35   C C   . ASN A 1 11  ? 12.402  -13.086 -0.678  1.00 83.09  ? 11  ASN A C   1 
ATOM   36   O O   . ASN A 1 11  ? 13.597  -12.819 -0.810  1.00 76.32  ? 11  ASN A O   1 
ATOM   37   C CB  . ASN A 1 11  ? 12.928  -15.415 -1.504  1.00 81.44  ? 11  ASN A CB  1 
ATOM   38   N N   . PHE A 1 12  ? 11.512  -12.209 -0.223  1.00 80.63  ? 12  PHE A N   1 
ATOM   39   C CA  . PHE A 1 12  ? 11.850  -10.804 -0.047  1.00 78.00  ? 12  PHE A CA  1 
ATOM   40   C C   . PHE A 1 12  ? 12.638  -10.580 1.236   1.00 76.43  ? 12  PHE A C   1 
ATOM   41   O O   . PHE A 1 12  ? 12.335  -11.166 2.281   1.00 80.01  ? 12  PHE A O   1 
ATOM   42   C CB  . PHE A 1 12  ? 10.578  -9.955  -0.030  1.00 76.09  ? 12  PHE A CB  1 
ATOM   43   C CG  . PHE A 1 12  ? 9.621   -10.273 -1.145  1.00 72.02  ? 12  PHE A CG  1 
ATOM   44   C CD1 . PHE A 1 12  ? 9.725   -9.630  -2.367  1.00 69.84  ? 12  PHE A CD1 1 
ATOM   45   C CD2 . PHE A 1 12  ? 8.615   -11.209 -0.968  1.00 72.48  ? 12  PHE A CD2 1 
ATOM   46   C CE1 . PHE A 1 12  ? 8.847   -9.920  -3.396  1.00 69.17  ? 12  PHE A CE1 1 
ATOM   47   C CE2 . PHE A 1 12  ? 7.734   -11.502 -1.992  1.00 67.14  ? 12  PHE A CE2 1 
ATOM   48   C CZ  . PHE A 1 12  ? 7.849   -10.855 -3.206  1.00 66.52  ? 12  PHE A CZ  1 
ATOM   49   N N   . ASP A 1 13  ? 13.653  -9.724  1.151   1.00 75.50  ? 13  ASP A N   1 
ATOM   50   C CA  . ASP A 1 13  ? 14.434  -9.309  2.316   1.00 75.47  ? 13  ASP A CA  1 
ATOM   51   C C   . ASP A 1 13  ? 13.699  -8.143  2.966   1.00 72.33  ? 13  ASP A C   1 
ATOM   52   O O   . ASP A 1 13  ? 13.781  -7.003  2.503   1.00 69.62  ? 13  ASP A O   1 
ATOM   53   C CB  . ASP A 1 13  ? 15.854  -8.933  1.908   1.00 73.38  ? 13  ASP A CB  1 
ATOM   54   C CG  . ASP A 1 13  ? 16.741  -8.605  3.097   1.00 81.75  ? 13  ASP A CG  1 
ATOM   55   O OD1 . ASP A 1 13  ? 16.299  -8.804  4.248   1.00 79.59  ? 13  ASP A OD1 1 
ATOM   56   O OD2 . ASP A 1 13  ? 17.887  -8.164  2.881   1.00 85.85  ? 13  ASP A OD2 1 
ATOM   57   N N   . ILE A 1 14  ? 12.979  -8.433  4.053   1.00 72.35  ? 14  ILE A N   1 
ATOM   58   C CA  . ILE A 1 14  ? 12.102  -7.439  4.668   1.00 73.62  ? 14  ILE A CA  1 
ATOM   59   C C   . ILE A 1 14  ? 12.892  -6.223  5.133   1.00 73.73  ? 14  ILE A C   1 
ATOM   60   O O   . ILE A 1 14  ? 12.409  -5.087  5.059   1.00 72.41  ? 14  ILE A O   1 
ATOM   61   C CB  . ILE A 1 14  ? 11.307  -8.077  5.822   1.00 73.02  ? 14  ILE A CB  1 
ATOM   62   C CG1 . ILE A 1 14  ? 10.271  -9.046  5.258   1.00 78.06  ? 14  ILE A CG1 1 
ATOM   63   C CG2 . ILE A 1 14  ? 10.670  -7.021  6.701   1.00 72.26  ? 14  ILE A CG2 1 
ATOM   64   C CD1 . ILE A 1 14  ? 9.145   -8.345  4.534   1.00 75.79  ? 14  ILE A CD1 1 
ATOM   65   N N   . SER A 1 15  ? 14.121  -6.434  5.604   1.00 72.41  ? 15  SER A N   1 
ATOM   66   C CA  . SER A 1 15  ? 14.923  -5.304  6.057   1.00 70.99  ? 15  SER A CA  1 
ATOM   67   C C   . SER A 1 15  ? 15.217  -4.331  4.921   1.00 69.26  ? 15  SER A C   1 
ATOM   68   O O   . SER A 1 15  ? 15.397  -3.132  5.164   1.00 65.86  ? 15  SER A O   1 
ATOM   69   C CB  . SER A 1 15  ? 16.226  -5.803  6.680   1.00 73.58  ? 15  SER A CB  1 
ATOM   70   O OG  . SER A 1 15  ? 16.969  -6.571  5.749   1.00 82.12  ? 15  SER A OG  1 
ATOM   71   N N   . LYS A 1 16  ? 15.254  -4.818  3.679   1.00 69.03  ? 16  LYS A N   1 
ATOM   72   C CA  . LYS A 1 16  ? 15.565  -3.953  2.548   1.00 67.59  ? 16  LYS A CA  1 
ATOM   73   C C   . LYS A 1 16  ? 14.355  -3.195  2.014   1.00 65.24  ? 16  LYS A C   1 
ATOM   74   O O   . LYS A 1 16  ? 14.529  -2.328  1.151   1.00 64.67  ? 16  LYS A O   1 
ATOM   75   C CB  . LYS A 1 16  ? 16.214  -4.767  1.423   1.00 73.00  ? 16  LYS A CB  1 
ATOM   76   C CG  . LYS A 1 16  ? 17.628  -5.210  1.765   1.00 74.28  ? 16  LYS A CG  1 
ATOM   77   C CD  . LYS A 1 16  ? 18.349  -5.858  0.595   1.00 81.11  ? 16  LYS A CD  1 
ATOM   78   C CE  . LYS A 1 16  ? 19.751  -6.280  1.014   1.00 89.26  ? 16  LYS A CE  1 
ATOM   79   N NZ  . LYS A 1 16  ? 20.582  -6.746  -0.126  1.00 92.09  ? 16  LYS A NZ  1 
ATOM   80   N N   . ILE A 1 17  ? 13.141  -3.488  2.500   1.00 58.26  ? 17  ILE A N   1 
ATOM   81   C CA  . ILE A 1 17  ? 11.981  -2.663  2.175   1.00 59.11  ? 17  ILE A CA  1 
ATOM   82   C C   . ILE A 1 17  ? 11.661  -1.659  3.271   1.00 60.45  ? 17  ILE A C   1 
ATOM   83   O O   . ILE A 1 17  ? 10.675  -0.918  3.153   1.00 54.82  ? 17  ILE A O   1 
ATOM   84   C CB  . ILE A 1 17  ? 10.710  -3.497  1.896   1.00 59.24  ? 17  ILE A CB  1 
ATOM   85   C CG1 . ILE A 1 17  ? 10.204  -4.170  3.173   1.00 62.24  ? 17  ILE A CG1 1 
ATOM   86   C CG2 . ILE A 1 17  ? 10.962  -4.515  0.796   1.00 60.45  ? 17  ILE A CG2 1 
ATOM   87   C CD1 . ILE A 1 17  ? 8.750   -4.580  3.114   1.00 64.24  ? 17  ILE A CD1 1 
ATOM   88   N N   . SER A 1 18  ? 12.454  -1.610  4.336   1.00 58.83  ? 18  SER A N   1 
ATOM   89   C CA  . SER A 1 18  ? 12.229  -0.638  5.389   1.00 54.72  ? 18  SER A CA  1 
ATOM   90   C C   . SER A 1 18  ? 12.661  0.752   4.930   1.00 56.58  ? 18  SER A C   1 
ATOM   91   O O   . SER A 1 18  ? 13.351  0.921   3.921   1.00 55.91  ? 18  SER A O   1 
ATOM   92   C CB  . SER A 1 18  ? 12.977  -1.038  6.661   1.00 60.38  ? 18  SER A CB  1 
ATOM   93   O OG  . SER A 1 18  ? 14.376  -1.049  6.447   1.00 63.68  ? 18  SER A OG  1 
ATOM   94   N N   . GLY A 1 19  ? 12.245  1.755   5.689   1.00 51.70  ? 19  GLY A N   1 
ATOM   95   C CA  . GLY A 1 19  ? 12.560  3.132   5.371   1.00 50.61  ? 19  GLY A CA  1 
ATOM   96   C C   . GLY A 1 19  ? 11.386  3.838   4.729   1.00 50.13  ? 19  GLY A C   1 
ATOM   97   O O   . GLY A 1 19  ? 10.251  3.356   4.714   1.00 51.17  ? 19  GLY A O   1 
ATOM   98   N N   . ASP A 1 20  ? 11.685  5.006   4.169   1.00 45.55  ? 20  ASP A N   1 
ATOM   99   C CA  . ASP A 1 20  ? 10.655  5.868   3.609   1.00 46.47  ? 20  ASP A CA  1 
ATOM   100  C C   . ASP A 1 20  ? 10.082  5.301   2.316   1.00 49.80  ? 20  ASP A C   1 
ATOM   101  O O   . ASP A 1 20  ? 10.790  4.694   1.509   1.00 51.59  ? 20  ASP A O   1 
ATOM   102  C CB  . ASP A 1 20  ? 11.215  7.264   3.347   1.00 51.17  ? 20  ASP A CB  1 
ATOM   103  C CG  . ASP A 1 20  ? 11.047  8.182   4.530   1.00 62.26  ? 20  ASP A CG  1 
ATOM   104  O OD1 . ASP A 1 20  ? 11.086  7.686   5.676   1.00 52.15  ? 20  ASP A OD1 1 
ATOM   105  O OD2 . ASP A 1 20  ? 10.880  9.399   4.314   1.00 63.46  ? 20  ASP A OD2 1 
ATOM   106  N N   . TRP A 1 21  ? 8.779   5.508   2.129   1.00 49.53  ? 21  TRP A N   1 
ATOM   107  C CA  . TRP A 1 21  ? 8.100   5.198   0.880   1.00 48.64  ? 21  TRP A CA  1 
ATOM   108  C C   . TRP A 1 21  ? 7.111   6.316   0.590   1.00 47.96  ? 21  TRP A C   1 
ATOM   109  O O   . TRP A 1 21  ? 6.724   7.070   1.484   1.00 46.90  ? 21  TRP A O   1 
ATOM   110  C CB  . TRP A 1 21  ? 7.360   3.850   0.934   1.00 44.82  ? 21  TRP A CB  1 
ATOM   111  C CG  . TRP A 1 21  ? 8.258   2.653   0.967   1.00 44.23  ? 21  TRP A CG  1 
ATOM   112  C CD1 . TRP A 1 21  ? 8.630   1.943   2.070   1.00 44.96  ? 21  TRP A CD1 1 
ATOM   113  C CD2 . TRP A 1 21  ? 8.873   2.003   -0.155  1.00 45.48  ? 21  TRP A CD2 1 
ATOM   114  N NE1 . TRP A 1 21  ? 9.451   0.905   1.709   1.00 47.16  ? 21  TRP A NE1 1 
ATOM   115  C CE2 . TRP A 1 21  ? 9.616   0.918   0.350   1.00 44.54  ? 21  TRP A CE2 1 
ATOM   116  C CE3 . TRP A 1 21  ? 8.876   2.241   -1.533  1.00 43.02  ? 21  TRP A CE3 1 
ATOM   117  C CZ2 . TRP A 1 21  ? 10.350  0.068   -0.475  1.00 45.54  ? 21  TRP A CZ2 1 
ATOM   118  C CZ3 . TRP A 1 21  ? 9.607   1.396   -2.351  1.00 47.75  ? 21  TRP A CZ3 1 
ATOM   119  C CH2 . TRP A 1 21  ? 10.334  0.324   -1.820  1.00 49.37  ? 21  TRP A CH2 1 
ATOM   120  N N   . TYR A 1 22  ? 6.704   6.418   -0.669  1.00 45.60  ? 22  TYR A N   1 
ATOM   121  C CA  . TYR A 1 22  ? 5.714   7.400   -1.086  1.00 41.82  ? 22  TYR A CA  1 
ATOM   122  C C   . TYR A 1 22  ? 4.599   6.692   -1.836  1.00 48.29  ? 22  TYR A C   1 
ATOM   123  O O   . TYR A 1 22  ? 4.863   5.888   -2.734  1.00 45.41  ? 22  TYR A O   1 
ATOM   124  C CB  . TYR A 1 22  ? 6.334   8.482   -1.974  1.00 49.31  ? 22  TYR A CB  1 
ATOM   125  C CG  . TYR A 1 22  ? 7.413   9.285   -1.286  1.00 51.24  ? 22  TYR A CG  1 
ATOM   126  C CD1 . TYR A 1 22  ? 8.710   8.798   -1.192  1.00 51.00  ? 22  TYR A CD1 1 
ATOM   127  C CD2 . TYR A 1 22  ? 7.134   10.525  -0.734  1.00 53.14  ? 22  TYR A CD2 1 
ATOM   128  C CE1 . TYR A 1 22  ? 9.708   9.531   -0.560  1.00 55.80  ? 22  TYR A CE1 1 
ATOM   129  C CE2 . TYR A 1 22  ? 8.118   11.262  -0.102  1.00 53.05  ? 22  TYR A CE2 1 
ATOM   130  C CZ  . TYR A 1 22  ? 9.404   10.764  -0.017  1.00 54.96  ? 22  TYR A CZ  1 
ATOM   131  O OH  . TYR A 1 22  ? 10.379  11.507  0.613   1.00 57.76  ? 22  TYR A OH  1 
ATOM   132  N N   . SER A 1 23  ? 3.355   6.983   -1.456  1.00 47.22  ? 23  SER A N   1 
ATOM   133  C CA  . SER A 1 23  ? 2.202   6.409   -2.134  1.00 48.93  ? 23  SER A CA  1 
ATOM   134  C C   . SER A 1 23  ? 1.744   6.924   -3.492  1.00 52.64  ? 23  SER A C   1 
ATOM   135  O O   . SER A 1 23  ? 1.027   7.926   -3.576  1.00 49.43  ? 23  SER A O   1 
ATOM   136  C CB  . SER A 1 23  ? 0.934   6.610   -1.303  1.00 47.68  ? 23  SER A CB  1 
ATOM   137  O OG  . SER A 1 23  ? 0.930   5.758   -0.171  1.00 47.27  ? 23  SER A OG  1 
ATOM   138  N N   . ILE A 1 24  ? 2.232   6.291   -4.561  1.00 51.54  ? 24  ILE A N   1 
ATOM   139  C CA  . ILE A 1 24  ? 1.886   6.750   -5.940  1.00 47.29  ? 24  ILE A CA  1 
ATOM   140  C C   . ILE A 1 24  ? 0.535   6.349   -6.539  1.00 55.24  ? 24  ILE A C   1 
ATOM   141  O O   . ILE A 1 24  ? -0.258  7.254   -6.866  1.00 58.92  ? 24  ILE A O   1 
ATOM   142  C CB  . ILE A 1 24  ? 3.062   6.249   -6.801  1.00 48.21  ? 24  ILE A CB  1 
ATOM   143  C CG1 . ILE A 1 24  ? 4.410   6.728   -6.254  1.00 54.31  ? 24  ILE A CG1 1 
ATOM   144  C CG2 . ILE A 1 24  ? 2.872   6.643   -8.257  1.00 55.26  ? 24  ILE A CG2 1 
ATOM   145  C CD1 . ILE A 1 24  ? 5.601   6.002   -6.835  1.00 62.23  ? 24  ILE A CD1 1 
ATOM   146  N N   . LEU A 1 25  ? 0.295   5.043   -6.672  1.00 51.93  ? 25  LEU A N   1 
ATOM   147  C CA  . LEU A 1 25  ? -0.956  4.567   -7.249  1.00 52.44  ? 25  LEU A CA  1 
ATOM   148  C C   . LEU A 1 25  ? -1.721  3.732   -6.230  1.00 47.12  ? 25  LEU A C   1 
ATOM   149  O O   . LEU A 1 25  ? -1.125  2.990   -5.442  1.00 47.60  ? 25  LEU A O   1 
ATOM   150  C CB  . LEU A 1 25  ? -0.722  3.741   -8.524  1.00 53.27  ? 25  LEU A CB  1 
ATOM   151  C CG  . LEU A 1 25  ? -0.017  4.386   -9.722  1.00 56.63  ? 25  LEU A CG  1 
ATOM   152  C CD1 . LEU A 1 25  ? -0.020  3.424   -10.903 1.00 58.22  ? 25  LEU A CD1 1 
ATOM   153  C CD2 . LEU A 1 25  ? -0.657  5.707   -10.103 1.00 59.15  ? 25  LEU A CD2 1 
ATOM   154  N N   . LEU A 1 26  ? -3.047  3.854   -6.259  1.00 53.36  ? 26  LEU A N   1 
ATOM   155  C CA  . LEU A 1 26  ? -3.945  3.187   -5.327  1.00 55.90  ? 26  LEU A CA  1 
ATOM   156  C C   . LEU A 1 26  ? -5.126  2.632   -6.110  1.00 50.89  ? 26  LEU A C   1 
ATOM   157  O O   . LEU A 1 26  ? -5.703  3.330   -6.950  1.00 55.61  ? 26  LEU A O   1 
ATOM   158  C CB  . LEU A 1 26  ? -4.424  4.165   -4.237  1.00 56.35  ? 26  LEU A CB  1 
ATOM   159  C CG  . LEU A 1 26  ? -5.010  3.657   -2.914  1.00 54.22  ? 26  LEU A CG  1 
ATOM   160  C CD1 . LEU A 1 26  ? -3.990  2.856   -2.130  1.00 56.52  ? 26  LEU A CD1 1 
ATOM   161  C CD2 . LEU A 1 26  ? -5.527  4.819   -2.069  1.00 48.60  ? 26  LEU A CD2 1 
ATOM   162  N N   . ALA A 1 27  ? -5.476  1.374   -5.845  1.00 49.27  ? 27  ALA A N   1 
ATOM   163  C CA  . ALA A 1 27  ? -6.493  0.682   -6.622  1.00 50.96  ? 27  ALA A CA  1 
ATOM   164  C C   . ALA A 1 27  ? -7.311  -0.233  -5.720  1.00 52.01  ? 27  ALA A C   1 
ATOM   165  O O   . ALA A 1 27  ? -6.811  -0.760  -4.721  1.00 49.91  ? 27  ALA A O   1 
ATOM   166  C CB  . ALA A 1 27  ? -5.866  -0.123  -7.769  1.00 48.72  ? 27  ALA A CB  1 
ATOM   167  N N   . SER A 1 28  ? -8.578  -0.420  -6.090  1.00 46.64  ? 28  SER A N   1 
ATOM   168  C CA  . SER A 1 28  ? -9.525  -1.198  -5.301  1.00 49.10  ? 28  SER A CA  1 
ATOM   169  C C   . SER A 1 28  ? -10.706 -1.579  -6.185  1.00 56.09  ? 28  SER A C   1 
ATOM   170  O O   . SER A 1 28  ? -11.086 -0.826  -7.083  1.00 51.66  ? 28  SER A O   1 
ATOM   171  C CB  . SER A 1 28  ? -10.015 -0.409  -4.083  1.00 53.01  ? 28  SER A CB  1 
ATOM   172  O OG  . SER A 1 28  ? -11.030 -1.117  -3.388  1.00 51.98  ? 28  SER A OG  1 
ATOM   173  N N   . ASP A 1 29  ? -11.284 -2.758  -5.924  1.00 49.36  ? 29  ASP A N   1 
ATOM   174  C CA  . ASP A 1 29  ? -12.509 -3.144  -6.619  1.00 54.70  ? 29  ASP A CA  1 
ATOM   175  C C   . ASP A 1 29  ? -13.745 -2.475  -6.034  1.00 58.23  ? 29  ASP A C   1 
ATOM   176  O O   . ASP A 1 29  ? -14.842 -2.660  -6.572  1.00 52.22  ? 29  ASP A O   1 
ATOM   177  C CB  . ASP A 1 29  ? -12.697 -4.669  -6.621  1.00 58.60  ? 29  ASP A CB  1 
ATOM   178  C CG  . ASP A 1 29  ? -12.354 -5.318  -5.295  1.00 62.46  ? 29  ASP A CG  1 
ATOM   179  O OD1 . ASP A 1 29  ? -12.236 -4.600  -4.282  1.00 64.38  ? 29  ASP A OD1 1 
ATOM   180  O OD2 . ASP A 1 29  ? -12.227 -6.561  -5.270  1.00 58.48  ? 29  ASP A OD2 1 
ATOM   181  N N   . ILE A 1 30  ? -13.593 -1.718  -4.950  1.00 53.23  ? 30  ILE A N   1 
ATOM   182  C CA  . ILE A 1 30  ? -14.622 -0.822  -4.439  1.00 53.98  ? 30  ILE A CA  1 
ATOM   183  C C   . ILE A 1 30  ? -13.988 0.563   -4.393  1.00 58.27  ? 30  ILE A C   1 
ATOM   184  O O   . ILE A 1 30  ? -13.202 0.868   -3.485  1.00 52.15  ? 30  ILE A O   1 
ATOM   185  C CB  . ILE A 1 30  ? -15.135 -1.244  -3.058  1.00 52.28  ? 30  ILE A CB  1 
ATOM   186  C CG1 . ILE A 1 30  ? -15.713 -2.658  -3.124  1.00 56.30  ? 30  ILE A CG1 1 
ATOM   187  C CG2 . ILE A 1 30  ? -16.189 -0.262  -2.558  1.00 51.99  ? 30  ILE A CG2 1 
ATOM   188  C CD1 . ILE A 1 30  ? -16.369 -3.101  -1.840  1.00 52.61  ? 30  ILE A CD1 1 
ATOM   189  N N   . LYS A 1 31  ? -14.336 1.406   -5.370  1.00 56.74  ? 31  LYS A N   1 
ATOM   190  C CA  . LYS A 1 31  ? -13.624 2.667   -5.558  1.00 57.31  ? 31  LYS A CA  1 
ATOM   191  C C   . LYS A 1 31  ? -13.810 3.619   -4.381  1.00 55.28  ? 31  LYS A C   1 
ATOM   192  O O   . LYS A 1 31  ? -12.887 4.372   -4.051  1.00 57.63  ? 31  LYS A O   1 
ATOM   193  C CB  . LYS A 1 31  ? -14.067 3.334   -6.863  1.00 58.48  ? 31  LYS A CB  1 
ATOM   194  C CG  . LYS A 1 31  ? -13.689 4.807   -6.956  1.00 66.57  ? 31  LYS A CG  1 
ATOM   195  C CD  . LYS A 1 31  ? -14.047 5.431   -8.292  1.00 75.11  ? 31  LYS A CD  1 
ATOM   196  C CE  . LYS A 1 31  ? -12.794 5.717   -9.101  1.00 77.98  ? 31  LYS A CE  1 
ATOM   197  N NZ  . LYS A 1 31  ? -12.978 6.849   -10.051 1.00 87.73  ? 31  LYS A NZ  1 
ATOM   198  N N   . GLU A 1 32  ? -14.980 3.597   -3.730  1.00 53.87  ? 32  GLU A N   1 
ATOM   199  C CA  . GLU A 1 32  ? -15.211 4.498   -2.603  1.00 54.78  ? 32  GLU A CA  1 
ATOM   200  C C   . GLU A 1 32  ? -14.159 4.324   -1.517  1.00 53.85  ? 32  GLU A C   1 
ATOM   201  O O   . GLU A 1 32  ? -13.834 5.283   -0.808  1.00 55.32  ? 32  GLU A O   1 
ATOM   202  C CB  . GLU A 1 32  ? -16.605 4.277   -2.012  1.00 57.55  ? 32  GLU A CB  1 
ATOM   203  C CG  . GLU A 1 32  ? -17.764 4.732   -2.889  1.00 59.86  ? 32  GLU A CG  1 
ATOM   204  C CD  . GLU A 1 32  ? -18.134 3.711   -3.944  1.00 60.84  ? 32  GLU A CD  1 
ATOM   205  O OE1 . GLU A 1 32  ? -17.457 2.666   -4.028  1.00 58.09  ? 32  GLU A OE1 1 
ATOM   206  O OE2 . GLU A 1 32  ? -19.112 3.946   -4.685  1.00 59.74  ? 32  GLU A OE2 1 
ATOM   207  N N   . LYS A 1 33  ? -13.603 3.117   -1.384  1.00 51.76  ? 33  LYS A N   1 
ATOM   208  C CA  . LYS A 1 33  ? -12.636 2.851   -0.326  1.00 56.56  ? 33  LYS A CA  1 
ATOM   209  C C   . LYS A 1 33  ? -11.370 3.688   -0.483  1.00 53.28  ? 33  LYS A C   1 
ATOM   210  O O   . LYS A 1 33  ? -10.688 3.964   0.510   1.00 52.51  ? 33  LYS A O   1 
ATOM   211  C CB  . LYS A 1 33  ? -12.284 1.363   -0.305  1.00 53.80  ? 33  LYS A CB  1 
ATOM   212  C CG  . LYS A 1 33  ? -13.468 0.428   -0.077  1.00 55.60  ? 33  LYS A CG  1 
ATOM   213  C CD  . LYS A 1 33  ? -14.048 0.565   1.322   1.00 58.81  ? 33  LYS A CD  1 
ATOM   214  C CE  . LYS A 1 33  ? -15.079 -0.524  1.597   1.00 61.43  ? 33  LYS A CE  1 
ATOM   215  N NZ  . LYS A 1 33  ? -15.758 -0.335  2.911   1.00 63.90  ? 33  LYS A NZ  1 
ATOM   216  N N   . ILE A 1 34  ? -11.039 4.107   -1.706  1.00 49.10  ? 34  ILE A N   1 
ATOM   217  C CA  . ILE A 1 34  ? -9.774  4.775   -1.982  1.00 53.45  ? 34  ILE A CA  1 
ATOM   218  C C   . ILE A 1 34  ? -9.942  6.193   -2.503  1.00 52.84  ? 34  ILE A C   1 
ATOM   219  O O   . ILE A 1 34  ? -8.936  6.873   -2.727  1.00 56.87  ? 34  ILE A O   1 
ATOM   220  C CB  . ILE A 1 34  ? -8.908  3.956   -2.958  1.00 53.94  ? 34  ILE A CB  1 
ATOM   221  C CG1 . ILE A 1 34  ? -9.641  3.760   -4.282  1.00 53.71  ? 34  ILE A CG1 1 
ATOM   222  C CG2 . ILE A 1 34  ? -8.546  2.633   -2.341  1.00 51.02  ? 34  ILE A CG2 1 
ATOM   223  C CD1 . ILE A 1 34  ? -8.755  3.256   -5.383  1.00 50.75  ? 34  ILE A CD1 1 
ATOM   224  N N   . GLU A 1 35  ? -11.166 6.663   -2.708  1.00 55.10  ? 35  GLU A N   1 
ATOM   225  C CA  . GLU A 1 35  ? -11.361 8.060   -3.056  1.00 62.97  ? 35  GLU A CA  1 
ATOM   226  C C   . GLU A 1 35  ? -11.357 8.896   -1.776  1.00 60.09  ? 35  GLU A C   1 
ATOM   227  O O   . GLU A 1 35  ? -11.240 8.372   -0.667  1.00 58.68  ? 35  GLU A O   1 
ATOM   228  C CB  . GLU A 1 35  ? -12.643 8.242   -3.866  1.00 62.79  ? 35  GLU A CB  1 
ATOM   229  N N   . GLU A 1 36  ? -11.479 10.214  -1.926  1.00 59.02  ? 36  GLU A N   1 
ATOM   230  C CA  . GLU A 1 36  ? -11.310 11.108  -0.784  1.00 62.55  ? 36  GLU A CA  1 
ATOM   231  C C   . GLU A 1 36  ? -12.354 10.827  0.291   1.00 58.27  ? 36  GLU A C   1 
ATOM   232  O O   . GLU A 1 36  ? -13.542 10.668  -0.009  1.00 56.63  ? 36  GLU A O   1 
ATOM   233  C CB  . GLU A 1 36  ? -11.375 12.570  -1.228  1.00 65.45  ? 36  GLU A CB  1 
ATOM   234  C CG  . GLU A 1 36  ? -11.095 13.544  -0.092  1.00 71.65  ? 36  GLU A CG  1 
ATOM   235  C CD  . GLU A 1 36  ? -10.191 14.702  -0.495  1.00 85.11  ? 36  GLU A CD  1 
ATOM   236  O OE1 . GLU A 1 36  ? -10.644 15.608  -1.240  1.00 95.46  ? 36  GLU A OE1 1 
ATOM   237  O OE2 . GLU A 1 36  ? -9.002  14.699  -0.084  1.00 87.85  ? 36  GLU A OE2 1 
ATOM   238  N N   . ASN A 1 37  ? -11.869 10.691  1.528   1.00 53.73  ? 37  ASN A N   1 
ATOM   239  C CA  . ASN A 1 37  ? -12.741 10.363  2.683   1.00 54.33  ? 37  ASN A CA  1 
ATOM   240  C C   . ASN A 1 37  ? -12.881 8.838   2.768   1.00 51.44  ? 37  ASN A C   1 
ATOM   241  O O   . ASN A 1 37  ? -13.612 8.368   3.662   1.00 53.55  ? 37  ASN A O   1 
ATOM   242  C CB  . ASN A 1 37  ? -14.105 11.049  2.580   1.00 53.08  ? 37  ASN A CB  1 
ATOM   243  C CG  . ASN A 1 37  ? -14.003 12.558  2.505   1.00 58.77  ? 37  ASN A CG  1 
ATOM   244  O OD1 . ASN A 1 37  ? -13.049 13.147  3.008   1.00 58.82  ? 37  ASN A OD1 1 
ATOM   245  N ND2 . ASN A 1 37  ? -14.982 13.192  1.879   1.00 55.82  ? 37  ASN A ND2 1 
ATOM   246  N N   . GLY A 1 38  ? -12.209 8.111   1.869   1.00 54.41  ? 38  GLY A N   1 
ATOM   247  C CA  . GLY A 1 38  ? -12.266 6.636   1.854   1.00 54.72  ? 38  GLY A CA  1 
ATOM   248  C C   . GLY A 1 38  ? -11.505 6.037   3.025   1.00 56.97  ? 38  GLY A C   1 
ATOM   249  O O   . GLY A 1 38  ? -10.452 6.595   3.391   1.00 52.10  ? 38  GLY A O   1 
ATOM   250  N N   . SER A 1 39  ? -12.020 4.941   3.591   1.00 53.61  ? 39  SER A N   1 
ATOM   251  C CA  . SER A 1 39  ? -11.375 4.286   4.724   1.00 55.65  ? 39  SER A CA  1 
ATOM   252  C C   . SER A 1 39  ? -9.972  3.796   4.390   1.00 55.30  ? 39  SER A C   1 
ATOM   253  O O   . SER A 1 39  ? -9.155  3.622   5.302   1.00 60.42  ? 39  SER A O   1 
ATOM   254  C CB  . SER A 1 39  ? -12.231 3.114   5.212   1.00 59.56  ? 39  SER A CB  1 
ATOM   255  O OG  . SER A 1 39  ? -12.268 2.072   4.249   1.00 61.91  ? 39  SER A OG  1 
ATOM   256  N N   . MET A 1 40  ? -9.665  3.583   3.113   1.00 47.72  ? 40  MET A N   1 
ATOM   257  C CA  . MET A 1 40  ? -8.365  3.069   2.708   1.00 52.53  ? 40  MET A CA  1 
ATOM   258  C C   . MET A 1 40  ? -7.472  4.121   2.060   1.00 52.57  ? 40  MET A C   1 
ATOM   259  O O   . MET A 1 40  ? -6.376  3.783   1.601   1.00 50.25  ? 40  MET A O   1 
ATOM   260  C CB  . MET A 1 40  ? -8.541  1.887   1.751   1.00 55.15  ? 40  MET A CB  1 
ATOM   261  C CG  . MET A 1 40  ? -9.131  0.658   2.412   1.00 62.01  ? 40  MET A CG  1 
ATOM   262  S SD  . MET A 1 40  ? -8.048  -0.014  3.687   1.00 71.05  ? 40  MET A SD  1 
ATOM   263  C CE  . MET A 1 40  ? -9.068  -1.339  4.313   1.00 69.43  ? 40  MET A CE  1 
ATOM   264  N N   . ARG A 1 41  ? -7.906  5.382   2.015   1.00 51.57  ? 41  ARG A N   1 
ATOM   265  C CA  . ARG A 1 41  ? -7.084  6.457   1.459   1.00 53.44  ? 41  ARG A CA  1 
ATOM   266  C C   . ARG A 1 41  ? -6.104  6.900   2.539   1.00 54.83  ? 41  ARG A C   1 
ATOM   267  O O   . ARG A 1 41  ? -6.321  7.868   3.270   1.00 55.41  ? 41  ARG A O   1 
ATOM   268  C CB  . ARG A 1 41  ? -7.950  7.611   0.972   1.00 60.62  ? 41  ARG A CB  1 
ATOM   269  C CG  . ARG A 1 41  ? -7.209  8.637   0.119   1.00 59.54  ? 41  ARG A CG  1 
ATOM   270  C CD  . ARG A 1 41  ? -8.162  9.719   -0.358  1.00 63.92  ? 41  ARG A CD  1 
ATOM   271  N NE  . ARG A 1 41  ? -7.556  10.662  -1.296  1.00 56.81  ? 41  ARG A NE  1 
ATOM   272  C CZ  . ARG A 1 41  ? -7.604  10.542  -2.619  1.00 63.75  ? 41  ARG A CZ  1 
ATOM   273  N NH1 . ARG A 1 41  ? -8.232  9.512   -3.177  1.00 60.26  ? 41  ARG A NH1 1 
ATOM   274  N NH2 . ARG A 1 41  ? -7.026  11.454  -3.391  1.00 57.66  ? 41  ARG A NH2 1 
ATOM   275  N N   . VAL A 1 42  ? -5.019  6.141   2.657   1.00 48.61  ? 42  VAL A N   1 
ATOM   276  C CA  . VAL A 1 42  ? -3.911  6.480   3.536   1.00 50.20  ? 42  VAL A CA  1 
ATOM   277  C C   . VAL A 1 42  ? -2.655  6.595   2.685   1.00 51.48  ? 42  VAL A C   1 
ATOM   278  O O   . VAL A 1 42  ? -2.537  5.968   1.625   1.00 47.12  ? 42  VAL A O   1 
ATOM   279  C CB  . VAL A 1 42  ? -3.717  5.446   4.665   1.00 50.39  ? 42  VAL A CB  1 
ATOM   280  C CG1 . VAL A 1 42  ? -4.792  5.618   5.721   1.00 53.13  ? 42  VAL A CG1 1 
ATOM   281  C CG2 . VAL A 1 42  ? -3.739  4.039   4.101   1.00 51.85  ? 42  VAL A CG2 1 
ATOM   282  N N   . PHE A 1 43  ? -1.716  7.411   3.152   1.00 47.22  ? 43  PHE A N   1 
ATOM   283  C CA  . PHE A 1 43  ? -0.489  7.699   2.423   1.00 46.40  ? 43  PHE A CA  1 
ATOM   284  C C   . PHE A 1 43  ? 0.683   7.218   3.264   1.00 46.31  ? 43  PHE A C   1 
ATOM   285  O O   . PHE A 1 43  ? 0.919   7.741   4.360   1.00 45.56  ? 43  PHE A O   1 
ATOM   286  C CB  . PHE A 1 43  ? -0.381  9.191   2.121   1.00 49.18  ? 43  PHE A CB  1 
ATOM   287  C CG  . PHE A 1 43  ? -1.660  9.786   1.614   1.00 48.74  ? 43  PHE A CG  1 
ATOM   288  C CD1 . PHE A 1 43  ? -2.107  9.505   0.333   1.00 51.28  ? 43  PHE A CD1 1 
ATOM   289  C CD2 . PHE A 1 43  ? -2.426  10.607  2.423   1.00 50.87  ? 43  PHE A CD2 1 
ATOM   290  C CE1 . PHE A 1 43  ? -3.291  10.047  -0.137  1.00 54.06  ? 43  PHE A CE1 1 
ATOM   291  C CE2 . PHE A 1 43  ? -3.610  11.150  1.961   1.00 54.78  ? 43  PHE A CE2 1 
ATOM   292  C CZ  . PHE A 1 43  ? -4.044  10.872  0.677   1.00 57.98  ? 43  PHE A CZ  1 
ATOM   293  N N   . VAL A 1 44  ? 1.402   6.212   2.753   1.00 40.84  ? 44  VAL A N   1 
ATOM   294  C CA  . VAL A 1 44  ? 2.476   5.607   3.525   1.00 41.79  ? 44  VAL A CA  1 
ATOM   295  C C   . VAL A 1 44  ? 3.556   6.649   3.812   1.00 47.95  ? 44  VAL A C   1 
ATOM   296  O O   . VAL A 1 44  ? 3.837   7.536   2.994   1.00 47.24  ? 44  VAL A O   1 
ATOM   297  C CB  . VAL A 1 44  ? 3.064   4.393   2.786   1.00 44.61  ? 44  VAL A CB  1 
ATOM   298  C CG1 . VAL A 1 44  ? 3.817   4.833   1.530   1.00 47.91  ? 44  VAL A CG1 1 
ATOM   299  C CG2 . VAL A 1 44  ? 3.964   3.589   3.714   1.00 43.14  ? 44  VAL A CG2 1 
ATOM   300  N N   . LYS A 1 45  ? 4.139   6.562   5.005   1.00 42.41  ? 45  LYS A N   1 
ATOM   301  C CA  . LYS A 1 45  ? 5.322   7.336   5.349   1.00 46.91  ? 45  LYS A CA  1 
ATOM   302  C C   . LYS A 1 45  ? 6.615   6.545   5.494   1.00 47.81  ? 45  LYS A C   1 
ATOM   303  O O   . LYS A 1 45  ? 7.665   6.988   5.021   1.00 45.19  ? 45  LYS A O   1 
ATOM   304  C CB  . LYS A 1 45  ? 5.142   8.029   6.710   1.00 47.14  ? 45  LYS A CB  1 
ATOM   305  C CG  . LYS A 1 45  ? 6.436   8.604   7.272   1.00 52.06  ? 45  LYS A CG  1 
ATOM   306  C CD  . LYS A 1 45  ? 6.989   9.690   6.367   1.00 57.16  ? 45  LYS A CD  1 
ATOM   307  C CE  . LYS A 1 45  ? 8.507   9.703   6.388   1.00 64.49  ? 45  LYS A CE  1 
ATOM   308  N NZ  . LYS A 1 45  ? 9.059   9.891   7.756   1.00 56.06  ? 45  LYS A NZ  1 
ATOM   309  N N   . ASP A 1 46  ? 6.567   5.371   6.124   1.00 46.17  ? 46  ASP A N   1 
ATOM   310  C CA  . ASP A 1 46  ? 7.750   4.529   6.226   1.00 45.68  ? 46  ASP A CA  1 
ATOM   311  C C   . ASP A 1 46  ? 7.300   3.163   6.728   1.00 45.40  ? 46  ASP A C   1 
ATOM   312  O O   . ASP A 1 46  ? 6.226   3.010   7.317   1.00 49.22  ? 46  ASP A O   1 
ATOM   313  C CB  . ASP A 1 46  ? 8.922   5.071   7.066   1.00 52.28  ? 46  ASP A CB  1 
ATOM   314  C CG  . ASP A 1 46  ? 8.617   5.121   8.553   1.00 60.31  ? 46  ASP A CG  1 
ATOM   315  O OD1 . ASP A 1 46  ? 9.568   5.215   9.356   1.00 67.63  ? 46  ASP A OD1 1 
ATOM   316  O OD2 . ASP A 1 46  ? 7.434   5.068   8.925   1.00 61.79  ? 46  ASP A OD2 1 
ATOM   317  N N   . ILE A 1 47  ? 8.144   2.167   6.464   1.00 46.77  ? 47  ILE A N   1 
ATOM   318  C CA  . ILE A 1 47  ? 7.999   0.806   6.962   1.00 52.36  ? 47  ILE A CA  1 
ATOM   319  C C   . ILE A 1 47  ? 9.239   0.489   7.786   1.00 57.77  ? 47  ILE A C   1 
ATOM   320  O O   . ILE A 1 47  ? 10.356  0.829   7.384   1.00 57.20  ? 47  ILE A O   1 
ATOM   321  C CB  . ILE A 1 47  ? 7.846   -0.202  5.802   1.00 50.88  ? 47  ILE A CB  1 
ATOM   322  C CG1 . ILE A 1 47  ? 6.632   0.141   4.935   1.00 49.84  ? 47  ILE A CG1 1 
ATOM   323  C CG2 . ILE A 1 47  ? 7.760   -1.637  6.313   1.00 55.61  ? 47  ILE A CG2 1 
ATOM   324  C CD1 . ILE A 1 47  ? 6.644   -0.567  3.596   1.00 49.11  ? 47  ILE A CD1 1 
ATOM   325  N N   . GLU A 1 48  ? 9.055   -0.150  8.941   1.00 56.46  ? 48  GLU A N   1 
ATOM   326  C CA  . GLU A 1 48  ? 10.193  -0.566  9.751   1.00 60.67  ? 48  GLU A CA  1 
ATOM   327  C C   . GLU A 1 48  ? 9.933   -1.940  10.353  1.00 62.43  ? 48  GLU A C   1 
ATOM   328  O O   . GLU A 1 48  ? 8.787   -2.333  10.586  1.00 57.58  ? 48  GLU A O   1 
ATOM   329  C CB  . GLU A 1 48  ? 10.526  0.445   10.866  1.00 63.91  ? 48  GLU A CB  1 
ATOM   330  N N   . VAL A 1 49  ? 11.023  -2.662  10.599  1.00 60.79  ? 49  VAL A N   1 
ATOM   331  C CA  . VAL A 1 49  ? 10.978  -4.015  11.142  1.00 58.95  ? 49  VAL A CA  1 
ATOM   332  C C   . VAL A 1 49  ? 10.936  -3.920  12.662  1.00 63.71  ? 49  VAL A C   1 
ATOM   333  O O   . VAL A 1 49  ? 11.846  -3.359  13.283  1.00 66.36  ? 49  VAL A O   1 
ATOM   334  C CB  . VAL A 1 49  ? 12.191  -4.835  10.675  1.00 70.08  ? 49  VAL A CB  1 
ATOM   335  C CG1 . VAL A 1 49  ? 11.992  -6.306  10.970  1.00 63.39  ? 49  VAL A CG1 1 
ATOM   336  C CG2 . VAL A 1 49  ? 12.441  -4.618  9.186   1.00 70.91  ? 49  VAL A CG2 1 
ATOM   337  N N   . LEU A 1 50  ? 9.872   -4.454  13.265  1.00 61.46  ? 50  LEU A N   1 
ATOM   338  C CA  . LEU A 1 50  ? 9.819   -4.531  14.722  1.00 60.56  ? 50  LEU A CA  1 
ATOM   339  C C   . LEU A 1 50  ? 10.590  -5.738  15.229  1.00 65.64  ? 50  LEU A C   1 
ATOM   340  O O   . LEU A 1 50  ? 11.462  -5.612  16.096  1.00 65.33  ? 50  LEU A O   1 
ATOM   341  C CB  . LEU A 1 50  ? 8.368   -4.597  15.204  1.00 59.49  ? 50  LEU A CB  1 
ATOM   342  C CG  . LEU A 1 50  ? 7.549   -3.306  15.248  1.00 60.31  ? 50  LEU A CG  1 
ATOM   343  C CD1 . LEU A 1 50  ? 6.169   -3.565  15.845  1.00 52.79  ? 50  LEU A CD1 1 
ATOM   344  C CD2 . LEU A 1 50  ? 8.281   -2.233  16.033  1.00 55.33  ? 50  LEU A CD2 1 
ATOM   345  N N   . SER A 1 51  ? 10.277  -6.915  14.694  1.00 68.40  ? 51  SER A N   1 
ATOM   346  C CA  . SER A 1 51  ? 10.888  -8.168  15.098  1.00 72.05  ? 51  SER A CA  1 
ATOM   347  C C   . SER A 1 51  ? 11.128  -9.012  13.854  1.00 75.57  ? 51  SER A C   1 
ATOM   348  O O   . SER A 1 51  ? 10.905  -8.565  12.725  1.00 70.80  ? 51  SER A O   1 
ATOM   349  C CB  . SER A 1 51  ? 10.002  -8.907  16.105  1.00 72.66  ? 51  SER A CB  1 
ATOM   350  O OG  . SER A 1 51  ? 8.718   -9.160  15.560  1.00 70.62  ? 51  SER A OG  1 
ATOM   351  N N   . ASN A 1 52  ? 11.571  -10.252 14.064  1.00 78.40  ? 52  ASN A N   1 
ATOM   352  C CA  . ASN A 1 52  ? 11.708  -11.186 12.954  1.00 85.12  ? 52  ASN A CA  1 
ATOM   353  C C   . ASN A 1 52  ? 10.385  -11.440 12.248  1.00 80.29  ? 52  ASN A C   1 
ATOM   354  O O   . ASN A 1 52  ? 10.387  -11.942 11.119  1.00 86.72  ? 52  ASN A O   1 
ATOM   355  C CB  . ASN A 1 52  ? 12.292  -12.512 13.452  1.00 87.17  ? 52  ASN A CB  1 
ATOM   356  N N   . SER A 1 53  ? 9.254   -11.092 12.878  1.00 77.77  ? 53  SER A N   1 
ATOM   357  C CA  . SER A 1 53  ? 7.949   -11.443 12.336  1.00 75.28  ? 53  SER A CA  1 
ATOM   358  C C   . SER A 1 53  ? 6.934   -10.304 12.360  1.00 72.03  ? 53  SER A C   1 
ATOM   359  O O   . SER A 1 53  ? 5.762   -10.515 12.029  1.00 67.55  ? 53  SER A O   1 
ATOM   360  C CB  . SER A 1 53  ? 7.418   -12.724 12.985  1.00 79.58  ? 53  SER A CB  1 
ATOM   361  O OG  . SER A 1 53  ? 6.994   -12.483 14.316  1.00 72.04  ? 53  SER A OG  1 
ATOM   362  N N   . SER A 1 54  ? 7.346   -9.095  12.735  1.00 70.84  ? 54  SER A N   1 
ATOM   363  C CA  . SER A 1 54  ? 6.425   -7.966  12.746  1.00 64.37  ? 54  SER A CA  1 
ATOM   364  C C   . SER A 1 54  ? 6.949   -6.726  12.041  1.00 60.14  ? 54  SER A C   1 
ATOM   365  O O   . SER A 1 54  ? 8.159   -6.487  11.970  1.00 61.76  ? 54  SER A O   1 
ATOM   366  C CB  . SER A 1 54  ? 6.131   -7.638  14.216  1.00 64.95  ? 54  SER A CB  1 
ATOM   367  O OG  . SER A 1 54  ? 5.015   -8.379  14.678  1.00 70.86  ? 54  SER A OG  1 
ATOM   368  N N   . LEU A 1 55  ? 6.010   -5.941  11.518  1.00 57.09  ? 55  LEU A N   1 
ATOM   369  C CA  . LEU A 1 55  ? 6.296   -4.678  10.859  1.00 57.34  ? 55  LEU A CA  1 
ATOM   370  C C   . LEU A 1 55  ? 5.494   -3.575  11.528  1.00 55.02  ? 55  LEU A C   1 
ATOM   371  O O   . LEU A 1 55  ? 4.455   -3.821  12.143  1.00 49.18  ? 55  LEU A O   1 
ATOM   372  C CB  . LEU A 1 55  ? 5.944   -4.721  9.366   1.00 56.60  ? 55  LEU A CB  1 
ATOM   373  C CG  . LEU A 1 55  ? 6.693   -5.719  8.494   1.00 59.42  ? 55  LEU A CG  1 
ATOM   374  C CD1 . LEU A 1 55  ? 6.157   -5.671  7.075   1.00 58.54  ? 55  LEU A CD1 1 
ATOM   375  C CD2 . LEU A 1 55  ? 8.169   -5.399  8.527   1.00 61.53  ? 55  LEU A CD2 1 
ATOM   376  N N   . ILE A 1 56  ? 5.982   -2.344  11.397  1.00 52.41  ? 56  ILE A N   1 
ATOM   377  C CA  . ILE A 1 56  ? 5.223   -1.162  11.781  1.00 53.15  ? 56  ILE A CA  1 
ATOM   378  C C   . ILE A 1 56  ? 5.167   -0.225  10.580  1.00 51.33  ? 56  ILE A C   1 
ATOM   379  O O   . ILE A 1 56  ? 6.206   0.194   10.053  1.00 51.29  ? 56  ILE A O   1 
ATOM   380  C CB  . ILE A 1 56  ? 5.801   -0.462  13.025  1.00 46.72  ? 56  ILE A CB  1 
ATOM   381  C CG1 . ILE A 1 56  ? 4.936   0.745   13.401  1.00 52.17  ? 56  ILE A CG1 1 
ATOM   382  C CG2 . ILE A 1 56  ? 7.275   -0.069  12.841  1.00 51.11  ? 56  ILE A CG2 1 
ATOM   383  C CD1 . ILE A 1 56  ? 5.208   1.284   14.792  1.00 58.10  ? 56  ILE A CD1 1 
ATOM   384  N N   . PHE A 1 57  ? 3.951   0.071   10.132  1.00 48.40  ? 57  PHE A N   1 
ATOM   385  C CA  . PHE A 1 57  ? 3.696   1.025   9.063   1.00 52.37  ? 57  PHE A CA  1 
ATOM   386  C C   . PHE A 1 57  ? 3.345   2.367   9.687   1.00 53.27  ? 57  PHE A C   1 
ATOM   387  O O   . PHE A 1 57  ? 2.474   2.435   10.558  1.00 52.38  ? 57  PHE A O   1 
ATOM   388  C CB  . PHE A 1 57  ? 2.538   0.566   8.170   1.00 50.93  ? 57  PHE A CB  1 
ATOM   389  C CG  . PHE A 1 57  ? 2.921   -0.424  7.099   1.00 50.43  ? 57  PHE A CG  1 
ATOM   390  C CD1 . PHE A 1 57  ? 2.713   -0.120  5.760   1.00 54.46  ? 57  PHE A CD1 1 
ATOM   391  C CD2 . PHE A 1 57  ? 3.450   -1.664  7.424   1.00 51.41  ? 57  PHE A CD2 1 
ATOM   392  C CE1 . PHE A 1 57  ? 3.046   -1.027  4.760   1.00 52.39  ? 57  PHE A CE1 1 
ATOM   393  C CE2 . PHE A 1 57  ? 3.786   -2.576  6.429   1.00 57.08  ? 57  PHE A CE2 1 
ATOM   394  C CZ  . PHE A 1 57  ? 3.584   -2.254  5.094   1.00 54.34  ? 57  PHE A CZ  1 
ATOM   395  N N   . THR A 1 58  ? 4.006   3.429   9.242   1.00 43.46  ? 58  THR A N   1 
ATOM   396  C CA  . THR A 1 58  ? 3.578   4.779   9.572   1.00 46.20  ? 58  THR A CA  1 
ATOM   397  C C   . THR A 1 58  ? 2.953   5.411   8.336   1.00 41.69  ? 58  THR A C   1 
ATOM   398  O O   . THR A 1 58  ? 3.512   5.334   7.238   1.00 45.43  ? 58  THR A O   1 
ATOM   399  C CB  . THR A 1 58  ? 4.743   5.627   10.091  1.00 51.28  ? 58  THR A CB  1 
ATOM   400  O OG1 . THR A 1 58  ? 5.301   5.014   11.260  1.00 53.31  ? 58  THR A OG1 1 
ATOM   401  C CG2 . THR A 1 58  ? 4.276   7.006   10.436  1.00 55.28  ? 58  THR A CG2 1 
ATOM   402  N N   . MET A 1 59  ? 1.767   5.988   8.510   1.00 43.00  ? 59  MET A N   1 
ATOM   403  C CA  . MET A 1 59  ? 0.992   6.477   7.380   1.00 45.37  ? 59  MET A CA  1 
ATOM   404  C C   . MET A 1 59  ? 0.258   7.740   7.800   1.00 47.04  ? 59  MET A C   1 
ATOM   405  O O   . MET A 1 59  ? 0.049   7.989   8.988   1.00 51.51  ? 59  MET A O   1 
ATOM   406  C CB  . MET A 1 59  ? -0.014  5.421   6.882   1.00 45.97  ? 59  MET A CB  1 
ATOM   407  C CG  . MET A 1 59  ? 0.529   3.997   6.829   1.00 53.29  ? 59  MET A CG  1 
ATOM   408  S SD  . MET A 1 59  ? -0.546  2.813   5.998   1.00 63.54  ? 59  MET A SD  1 
ATOM   409  C CE  . MET A 1 59  ? -0.115  3.111   4.285   1.00 58.27  ? 59  MET A CE  1 
ATOM   410  N N   . HIS A 1 60  ? -0.132  8.539   6.810   1.00 44.18  ? 60  HIS A N   1 
ATOM   411  C CA  . HIS A 1 60  ? -0.921  9.741   7.046   1.00 49.14  ? 60  HIS A CA  1 
ATOM   412  C C   . HIS A 1 60  ? -2.344  9.562   6.532   1.00 49.10  ? 60  HIS A C   1 
ATOM   413  O O   . HIS A 1 60  ? -2.569  8.966   5.474   1.00 49.97  ? 60  HIS A O   1 
ATOM   414  C CB  . HIS A 1 60  ? -0.289  10.973  6.388   1.00 51.93  ? 60  HIS A CB  1 
ATOM   415  C CG  . HIS A 1 60  ? 0.833   11.575  7.180   1.00 48.67  ? 60  HIS A CG  1 
ATOM   416  N ND1 . HIS A 1 60  ? 2.150   11.211  6.997   1.00 48.91  ? 60  HIS A ND1 1 
ATOM   417  C CD2 . HIS A 1 60  ? 0.832   12.513  8.158   1.00 48.84  ? 60  HIS A CD2 1 
ATOM   418  C CE1 . HIS A 1 60  ? 2.913   11.899  7.827   1.00 55.42  ? 60  HIS A CE1 1 
ATOM   419  N NE2 . HIS A 1 60  ? 2.140   12.696  8.543   1.00 51.53  ? 60  HIS A NE2 1 
ATOM   420  N N   . THR A 1 61  ? -3.299  10.077  7.300   1.00 47.94  ? 61  THR A N   1 
ATOM   421  C CA  . THR A 1 61  ? -4.688  10.163  6.891   1.00 50.20  ? 61  THR A CA  1 
ATOM   422  C C   . THR A 1 61  ? -5.190  11.561  7.220   1.00 55.99  ? 61  THR A C   1 
ATOM   423  O O   . THR A 1 61  ? -4.634  12.255  8.078   1.00 54.72  ? 61  THR A O   1 
ATOM   424  C CB  . THR A 1 61  ? -5.562  9.099   7.582   1.00 57.46  ? 61  THR A CB  1 
ATOM   425  O OG1 . THR A 1 61  ? -6.885  9.129   7.028   1.00 61.97  ? 61  THR A OG1 1 
ATOM   426  C CG2 . THR A 1 61  ? -5.638  9.358   9.081   1.00 49.33  ? 61  THR A CG2 1 
ATOM   427  N N   . LYS A 1 62  ? -6.233  11.983  6.518   1.00 53.15  ? 62  LYS A N   1 
ATOM   428  C CA  . LYS A 1 62  ? -6.837  13.281  6.774   1.00 56.40  ? 62  LYS A CA  1 
ATOM   429  C C   . LYS A 1 62  ? -7.845  13.160  7.911   1.00 58.59  ? 62  LYS A C   1 
ATOM   430  O O   . LYS A 1 62  ? -8.777  12.351  7.842   1.00 58.27  ? 62  LYS A O   1 
ATOM   431  C CB  . LYS A 1 62  ? -7.512  13.831  5.517   1.00 65.38  ? 62  LYS A CB  1 
ATOM   432  C CG  . LYS A 1 62  ? -6.553  14.209  4.390   1.00 63.04  ? 62  LYS A CG  1 
ATOM   433  C CD  . LYS A 1 62  ? -5.736  15.444  4.744   1.00 67.03  ? 62  LYS A CD  1 
ATOM   434  C CE  . LYS A 1 62  ? -5.189  16.124  3.500   1.00 71.29  ? 62  LYS A CE  1 
ATOM   435  N NZ  . LYS A 1 62  ? -6.283  16.709  2.676   1.00 73.02  ? 62  LYS A NZ  1 
ATOM   436  N N   . VAL A 1 63  ? -7.647  13.955  8.958   1.00 51.76  ? 63  VAL A N   1 
ATOM   437  C CA  . VAL A 1 63  ? -8.560  14.015  10.094  1.00 53.76  ? 63  VAL A CA  1 
ATOM   438  C C   . VAL A 1 63  ? -8.999  15.466  10.243  1.00 59.93  ? 63  VAL A C   1 
ATOM   439  O O   . VAL A 1 63  ? -8.201  16.326  10.640  1.00 57.22  ? 63  VAL A O   1 
ATOM   440  C CB  . VAL A 1 63  ? -7.918  13.491  11.385  1.00 54.72  ? 63  VAL A CB  1 
ATOM   441  C CG1 . VAL A 1 63  ? -8.880  13.648  12.549  1.00 53.82  ? 63  VAL A CG1 1 
ATOM   442  C CG2 . VAL A 1 63  ? -7.520  12.031  11.220  1.00 53.21  ? 63  VAL A CG2 1 
ATOM   443  N N   . ASN A 1 64  ? -10.264 15.736  9.919   1.00 57.43  ? 64  ASN A N   1 
ATOM   444  C CA  . ASN A 1 64  ? -10.831 17.085  9.942   1.00 58.82  ? 64  ASN A CA  1 
ATOM   445  C C   . ASN A 1 64  ? -10.036 18.047  9.063   1.00 58.20  ? 64  ASN A C   1 
ATOM   446  O O   . ASN A 1 64  ? -9.875  19.222  9.399   1.00 59.98  ? 64  ASN A O   1 
ATOM   447  C CB  . ASN A 1 64  ? -10.935 17.621  11.373  1.00 59.88  ? 64  ASN A CB  1 
ATOM   448  C CG  . ASN A 1 64  ? -12.020 16.927  12.182  1.00 60.07  ? 64  ASN A CG  1 
ATOM   449  O OD1 . ASN A 1 64  ? -13.099 16.630  11.670  1.00 55.44  ? 64  ASN A OD1 1 
ATOM   450  N ND2 . ASN A 1 64  ? -11.734 16.660  13.451  1.00 54.23  ? 64  ASN A ND2 1 
ATOM   451  N N   . GLY A 1 65  ? -9.530  17.553  7.931   1.00 56.87  ? 65  GLY A N   1 
ATOM   452  C CA  . GLY A 1 65  ? -8.779  18.367  6.999   1.00 61.24  ? 65  GLY A CA  1 
ATOM   453  C C   . GLY A 1 65  ? -7.286  18.409  7.235   1.00 60.63  ? 65  GLY A C   1 
ATOM   454  O O   . GLY A 1 65  ? -6.552  18.914  6.376   1.00 64.47  ? 65  GLY A O   1 
ATOM   455  N N   . LYS A 1 66  ? -6.810  17.894  8.362   1.00 59.82  ? 66  LYS A N   1 
ATOM   456  C CA  . LYS A 1 66  ? -5.397  17.947  8.701   1.00 57.25  ? 66  LYS A CA  1 
ATOM   457  C C   . LYS A 1 66  ? -4.753  16.583  8.504   1.00 61.47  ? 66  LYS A C   1 
ATOM   458  O O   . LYS A 1 66  ? -5.348  15.547  8.820   1.00 54.08  ? 66  LYS A O   1 
ATOM   459  C CB  . LYS A 1 66  ? -5.199  18.414  10.145  1.00 59.54  ? 66  LYS A CB  1 
ATOM   460  N N   . CYS A 1 67  ? -3.536  16.591  7.971   1.00 56.48  ? 67  CYS A N   1 
ATOM   461  C CA  . CYS A 1 67  ? -2.770  15.362  7.835   1.00 57.39  ? 67  CYS A CA  1 
ATOM   462  C C   . CYS A 1 67  ? -2.384  14.842  9.211   1.00 55.91  ? 67  CYS A C   1 
ATOM   463  O O   . CYS A 1 67  ? -1.848  15.585  10.040  1.00 56.88  ? 67  CYS A O   1 
ATOM   464  C CB  . CYS A 1 67  ? -1.533  15.610  6.979   1.00 58.47  ? 67  CYS A CB  1 
ATOM   465  S SG  . CYS A 1 67  ? -1.929  15.908  5.249   1.00 71.65  ? 67  CYS A SG  1 
ATOM   466  N N   . THR A 1 68  ? -2.674  13.567  9.455   1.00 50.46  ? 68  THR A N   1 
ATOM   467  C CA  . THR A 1 68  ? -2.564  12.979  10.782  1.00 50.57  ? 68  THR A CA  1 
ATOM   468  C C   . THR A 1 68  ? -1.842  11.647  10.690  1.00 52.32  ? 68  THR A C   1 
ATOM   469  O O   . THR A 1 68  ? -2.209  10.787  9.883   1.00 48.59  ? 68  THR A O   1 
ATOM   470  C CB  . THR A 1 68  ? -3.947  12.788  11.413  1.00 50.35  ? 68  THR A CB  1 
ATOM   471  O OG1 . THR A 1 68  ? -4.616  14.053  11.472  1.00 53.67  ? 68  THR A OG1 1 
ATOM   472  C CG2 . THR A 1 68  ? -3.826  12.226  12.817  1.00 50.66  ? 68  THR A CG2 1 
ATOM   473  N N   . LYS A 1 69  ? -0.828  11.476  11.530  1.00 47.59  ? 69  LYS A N   1 
ATOM   474  C CA  . LYS A 1 69  ? -0.002  10.282  11.501  1.00 54.60  ? 69  LYS A CA  1 
ATOM   475  C C   . LYS A 1 69  ? -0.647  9.153   12.300  1.00 56.84  ? 69  LYS A C   1 
ATOM   476  O O   . LYS A 1 69  ? -1.172  9.371   13.395  1.00 54.71  ? 69  LYS A O   1 
ATOM   477  C CB  . LYS A 1 69  ? 1.383   10.602  12.061  1.00 55.83  ? 69  LYS A CB  1 
ATOM   478  C CG  . LYS A 1 69  ? 2.484   9.759   11.479  1.00 57.67  ? 69  LYS A CG  1 
ATOM   479  C CD  . LYS A 1 69  ? 3.839   10.085  12.090  1.00 63.55  ? 69  LYS A CD  1 
ATOM   480  C CE  . LYS A 1 69  ? 4.461   11.315  11.457  1.00 61.71  ? 69  LYS A CE  1 
ATOM   481  N NZ  . LYS A 1 69  ? 5.447   11.949  12.371  1.00 77.76  ? 69  LYS A NZ  1 
ATOM   482  N N   . ILE A 1 70  ? -0.612  7.939   11.740  1.00 53.16  ? 70  ILE A N   1 
ATOM   483  C CA  . ILE A 1 70  ? -1.095  6.746   12.422  1.00 50.35  ? 70  ILE A CA  1 
ATOM   484  C C   . ILE A 1 70  ? -0.046  5.646   12.305  1.00 52.48  ? 70  ILE A C   1 
ATOM   485  O O   . ILE A 1 70  ? 0.789   5.638   11.398  1.00 51.99  ? 70  ILE A O   1 
ATOM   486  C CB  . ILE A 1 70  ? -2.454  6.245   11.877  1.00 53.44  ? 70  ILE A CB  1 
ATOM   487  C CG1 . ILE A 1 70  ? -2.348  5.865   10.396  1.00 57.11  ? 70  ILE A CG1 1 
ATOM   488  C CG2 . ILE A 1 70  ? -3.553  7.280   12.108  1.00 50.50  ? 70  ILE A CG2 1 
ATOM   489  C CD1 . ILE A 1 70  ? -3.629  5.283   9.824   1.00 59.42  ? 70  ILE A CD1 1 
ATOM   490  N N   . SER A 1 71  ? -0.099  4.708   13.248  1.00 47.29  ? 71  SER A N   1 
ATOM   491  C CA  . SER A 1 71  ? 0.782   3.550   13.259  1.00 50.17  ? 71  SER A CA  1 
ATOM   492  C C   . SER A 1 71  ? -0.054  2.291   13.094  1.00 55.37  ? 71  SER A C   1 
ATOM   493  O O   . SER A 1 71  ? -1.163  2.200   13.631  1.00 57.39  ? 71  SER A O   1 
ATOM   494  C CB  . SER A 1 71  ? 1.584   3.472   14.560  1.00 55.94  ? 71  SER A CB  1 
ATOM   495  O OG  . SER A 1 71  ? 2.740   4.286   14.500  1.00 62.72  ? 71  SER A OG  1 
ATOM   496  N N   . LEU A 1 72  ? 0.479   1.322   12.351  1.00 52.11  ? 72  LEU A N   1 
ATOM   497  C CA  . LEU A 1 72  ? -0.182  0.040   12.133  1.00 52.75  ? 72  LEU A CA  1 
ATOM   498  C C   . LEU A 1 72  ? 0.831   -1.076  12.332  1.00 52.37  ? 72  LEU A C   1 
ATOM   499  O O   . LEU A 1 72  ? 1.882   -1.086  11.682  1.00 51.29  ? 72  LEU A O   1 
ATOM   500  C CB  . LEU A 1 72  ? -0.805  -0.043  10.733  1.00 51.81  ? 72  LEU A CB  1 
ATOM   501  C CG  . LEU A 1 72  ? -1.897  0.965   10.364  1.00 54.16  ? 72  LEU A CG  1 
ATOM   502  C CD1 . LEU A 1 72  ? -2.380  0.745   8.934   1.00 66.13  ? 72  LEU A CD1 1 
ATOM   503  C CD2 . LEU A 1 72  ? -3.063  0.891   11.340  1.00 62.09  ? 72  LEU A CD2 1 
ATOM   504  N N   . ILE A 1 73  ? 0.520   -2.009  13.226  1.00 51.26  ? 73  ILE A N   1 
ATOM   505  C CA  . ILE A 1 73  ? 1.364   -3.174  13.466  1.00 55.81  ? 73  ILE A CA  1 
ATOM   506  C C   . ILE A 1 73  ? 0.891   -4.300  12.557  1.00 53.24  ? 73  ILE A C   1 
ATOM   507  O O   . ILE A 1 73  ? -0.310  -4.585  12.478  1.00 56.44  ? 73  ILE A O   1 
ATOM   508  C CB  . ILE A 1 73  ? 1.315   -3.596  14.944  1.00 53.80  ? 73  ILE A CB  1 
ATOM   509  C CG1 . ILE A 1 73  ? 1.425   -2.370  15.855  1.00 58.54  ? 73  ILE A CG1 1 
ATOM   510  C CG2 . ILE A 1 73  ? 2.426   -4.585  15.254  1.00 56.79  ? 73  ILE A CG2 1 
ATOM   511  C CD1 . ILE A 1 73  ? 2.758   -1.651  15.765  1.00 52.63  ? 73  ILE A CD1 1 
ATOM   512  N N   . CYS A 1 74  ? 1.828   -4.930  11.854  1.00 55.67  ? 74  CYS A N   1 
ATOM   513  C CA  . CYS A 1 74  ? 1.511   -5.992  10.910  1.00 55.65  ? 74  CYS A CA  1 
ATOM   514  C C   . CYS A 1 74  ? 2.336   -7.219  11.261  1.00 57.61  ? 74  CYS A C   1 
ATOM   515  O O   . CYS A 1 74  ? 3.548   -7.112  11.474  1.00 59.38  ? 74  CYS A O   1 
ATOM   516  C CB  . CYS A 1 74  ? 1.780   -5.551  9.467   1.00 55.45  ? 74  CYS A CB  1 
ATOM   517  S SG  . CYS A 1 74  ? 1.032   -3.967  9.019   1.00 55.73  ? 74  CYS A SG  1 
ATOM   518  N N   . ASN A 1 75  ? 1.683   -8.375  11.328  1.00 58.93  ? 75  ASN A N   1 
ATOM   519  C CA  . ASN A 1 75  ? 2.315   -9.619  11.746  1.00 62.96  ? 75  ASN A CA  1 
ATOM   520  C C   . ASN A 1 75  ? 2.369   -10.596 10.581  1.00 63.83  ? 75  ASN A C   1 
ATOM   521  O O   . ASN A 1 75  ? 1.383   -10.755 9.853   1.00 62.92  ? 75  ASN A O   1 
ATOM   522  C CB  . ASN A 1 75  ? 1.554   -10.251 12.914  1.00 59.91  ? 75  ASN A CB  1 
ATOM   523  C CG  . ASN A 1 75  ? 1.651   -9.431  14.184  1.00 64.65  ? 75  ASN A CG  1 
ATOM   524  O OD1 . ASN A 1 75  ? 2.741   -9.067  14.619  1.00 62.41  ? 75  ASN A OD1 1 
ATOM   525  N ND2 . ASN A 1 75  ? 0.504   -9.131  14.781  1.00 60.72  ? 75  ASN A ND2 1 
ATOM   526  N N   . LYS A 1 76  ? 3.520   -11.244 10.412  1.00 64.81  ? 76  LYS A N   1 
ATOM   527  C CA  . LYS A 1 76  ? 3.649   -12.286 9.404   1.00 69.16  ? 76  LYS A CA  1 
ATOM   528  C C   . LYS A 1 76  ? 2.736   -13.456 9.746   1.00 71.38  ? 76  LYS A C   1 
ATOM   529  O O   . LYS A 1 76  ? 2.494   -13.756 10.918  1.00 64.77  ? 76  LYS A O   1 
ATOM   530  C CB  . LYS A 1 76  ? 5.102   -12.756 9.305   1.00 65.30  ? 76  LYS A CB  1 
ATOM   531  N N   . THR A 1 77  ? 2.213   -14.107 8.715   1.00 77.63  ? 77  THR A N   1 
ATOM   532  C CA  . THR A 1 77  ? 1.302   -15.227 8.880   1.00 83.03  ? 77  THR A CA  1 
ATOM   533  C C   . THR A 1 77  ? 1.938   -16.495 8.327   1.00 83.29  ? 77  THR A C   1 
ATOM   534  O O   . THR A 1 77  ? 3.088   -16.501 7.875   1.00 84.59  ? 77  THR A O   1 
ATOM   535  C CB  . THR A 1 77  ? -0.016  -14.971 8.151   1.00 86.17  ? 77  THR A CB  1 
ATOM   536  O OG1 . THR A 1 77  ? 0.244   -14.785 6.758   1.00 83.15  ? 77  THR A OG1 1 
ATOM   537  C CG2 . THR A 1 77  ? -0.694  -13.729 8.695   1.00 85.61  ? 77  THR A CG2 1 
ATOM   538  N N   . GLU A 1 78  ? 1.159   -17.577 8.359   1.00 89.13  ? 78  GLU A N   1 
ATOM   539  C CA  . GLU A 1 78  ? 1.613   -18.883 7.899   1.00 93.29  ? 78  GLU A CA  1 
ATOM   540  C C   . GLU A 1 78  ? 2.215   -18.804 6.504   1.00 93.05  ? 78  GLU A C   1 
ATOM   541  O O   . GLU A 1 78  ? 3.429   -18.962 6.342   1.00 99.29  ? 78  GLU A O   1 
ATOM   542  C CB  . GLU A 1 78  ? 0.464   -19.893 7.932   1.00 91.85  ? 78  GLU A CB  1 
ATOM   543  N N   . LYS A 1 79  ? 1.371   -18.520 5.507   1.00 93.28  ? 79  LYS A N   1 
ATOM   544  C CA  . LYS A 1 79  ? 1.850   -18.384 4.105   1.00 85.89  ? 79  LYS A CA  1 
ATOM   545  C C   . LYS A 1 79  ? 3.040   -17.417 4.093   1.00 84.06  ? 79  LYS A C   1 
ATOM   546  O O   . LYS A 1 79  ? 3.009   -16.435 4.861   1.00 84.12  ? 79  LYS A O   1 
ATOM   547  C CB  . LYS A 1 79  ? 0.720   -17.883 3.201   1.00 78.80  ? 79  LYS A CB  1 
ATOM   548  N N   . ASP A 1 80  ? 4.044   -17.688 3.253   1.00 83.36  ? 80  ASP A N   1 
ATOM   549  C CA  . ASP A 1 80  ? 5.258   -16.831 3.171   1.00 81.95  ? 80  ASP A CA  1 
ATOM   550  C C   . ASP A 1 80  ? 4.912   -15.495 2.502   1.00 80.05  ? 80  ASP A C   1 
ATOM   551  O O   . ASP A 1 80  ? 4.060   -15.491 1.591   1.00 84.30  ? 80  ASP A O   1 
ATOM   552  C CB  . ASP A 1 80  ? 6.399   -17.548 2.446   1.00 30.00  ? 80  ASP A CB  1 
ATOM   553  C CG  . ASP A 1 80  ? 7.754   -16.898 2.662   1.00 30.00  ? 80  ASP A CG  1 
ATOM   554  O OD1 . ASP A 1 80  ? 8.167   -16.782 3.833   1.00 30.00  ? 80  ASP A OD1 1 
ATOM   555  O OD2 . ASP A 1 80  ? 8.386   -16.513 1.658   1.00 30.00  ? 80  ASP A OD2 1 
ATOM   556  N N   . GLY A 1 81  ? 5.557   -14.411 2.948   1.00 79.06  ? 81  GLY A N   1 
ATOM   557  C CA  . GLY A 1 81  ? 5.343   -13.091 2.396   1.00 80.14  ? 81  GLY A CA  1 
ATOM   558  C C   . GLY A 1 81  ? 4.041   -12.426 2.781   1.00 73.56  ? 81  GLY A C   1 
ATOM   559  O O   . GLY A 1 81  ? 3.865   -11.237 2.489   1.00 60.36  ? 81  GLY A O   1 
ATOM   560  N N   . GLU A 1 82  ? 3.123   -13.139 3.427   1.00 70.29  ? 82  GLU A N   1 
ATOM   561  C CA  . GLU A 1 82  ? 1.833   -12.583 3.803   1.00 67.19  ? 82  GLU A CA  1 
ATOM   562  C C   . GLU A 1 82  ? 1.910   -11.935 5.180   1.00 70.60  ? 82  GLU A C   1 
ATOM   563  O O   . GLU A 1 82  ? 2.705   -12.331 6.038   1.00 69.43  ? 82  GLU A O   1 
ATOM   564  C CB  . GLU A 1 82  ? 0.760   -13.675 3.789   1.00 71.37  ? 82  GLU A CB  1 
ATOM   565  C CG  . GLU A 1 82  ? -0.646  -13.200 4.111   1.00 69.72  ? 82  GLU A CG  1 
ATOM   566  C CD  . GLU A 1 82  ? -1.662  -14.318 4.029   1.00 77.99  ? 82  GLU A CD  1 
ATOM   567  O OE1 . GLU A 1 82  ? -2.232  -14.526 2.937   1.00 69.28  ? 82  GLU A OE1 1 
ATOM   568  O OE2 . GLU A 1 82  ? -1.883  -14.998 5.054   1.00 84.95  ? 82  GLU A OE2 1 
ATOM   569  N N   . TYR A 1 83  ? 1.083   -10.913 5.376   1.00 65.10  ? 83  TYR A N   1 
ATOM   570  C CA  . TYR A 1 83  ? 0.975   -10.229 6.653   1.00 60.37  ? 83  TYR A CA  1 
ATOM   571  C C   . TYR A 1 83  ? -0.494  -9.950  6.922   1.00 60.97  ? 83  TYR A C   1 
ATOM   572  O O   . TYR A 1 83  ? -1.326  -9.985  6.012   1.00 57.00  ? 83  TYR A O   1 
ATOM   573  C CB  . TYR A 1 83  ? 1.772   -8.925  6.655   1.00 60.72  ? 83  TYR A CB  1 
ATOM   574  C CG  . TYR A 1 83  ? 3.265   -9.129  6.653   1.00 63.61  ? 83  TYR A CG  1 
ATOM   575  C CD1 . TYR A 1 83  ? 3.950   -9.414  5.479   1.00 65.77  ? 83  TYR A CD1 1 
ATOM   576  C CD2 . TYR A 1 83  ? 3.990   -9.038  7.828   1.00 66.71  ? 83  TYR A CD2 1 
ATOM   577  C CE1 . TYR A 1 83  ? 5.319   -9.607  5.482   1.00 69.54  ? 83  TYR A CE1 1 
ATOM   578  C CE2 . TYR A 1 83  ? 5.352   -9.224  7.841   1.00 67.77  ? 83  TYR A CE2 1 
ATOM   579  C CZ  . TYR A 1 83  ? 6.013   -9.509  6.668   1.00 70.03  ? 83  TYR A CZ  1 
ATOM   580  O OH  . TYR A 1 83  ? 7.374   -9.697  6.692   1.00 74.54  ? 83  TYR A OH  1 
ATOM   581  N N   . ASP A 1 84  ? -0.819  -9.676  8.180   1.00 51.27  ? 84  ASP A N   1 
ATOM   582  C CA  . ASP A 1 84  ? -2.174  -9.263  8.503   1.00 59.83  ? 84  ASP A CA  1 
ATOM   583  C C   . ASP A 1 84  ? -2.158  -8.050  9.418   1.00 62.45  ? 84  ASP A C   1 
ATOM   584  O O   . ASP A 1 84  ? -1.218  -7.815  10.182  1.00 61.44  ? 84  ASP A O   1 
ATOM   585  C CB  . ASP A 1 84  ? -3.009  -10.410 9.111   1.00 64.56  ? 84  ASP A CB  1 
ATOM   586  C CG  . ASP A 1 84  ? -2.487  -10.896 10.444  1.00 73.21  ? 84  ASP A CG  1 
ATOM   587  O OD1 . ASP A 1 84  ? -3.242  -11.621 11.129  1.00 77.72  ? 84  ASP A OD1 1 
ATOM   588  O OD2 . ASP A 1 84  ? -1.341  -10.575 10.812  1.00 68.77  ? 84  ASP A OD2 1 
ATOM   589  N N   . VAL A 1 85  ? -3.236  -7.278  9.304   1.00 65.31  ? 85  VAL A N   1 
ATOM   590  C CA  . VAL A 1 85  ? -3.348  -5.966  9.919   1.00 65.21  ? 85  VAL A CA  1 
ATOM   591  C C   . VAL A 1 85  ? -4.834  -5.681  10.055  1.00 72.48  ? 85  VAL A C   1 
ATOM   592  O O   . VAL A 1 85  ? -5.656  -6.227  9.313   1.00 68.70  ? 85  VAL A O   1 
ATOM   593  C CB  . VAL A 1 85  ? -2.609  -4.897  9.068   1.00 64.93  ? 85  VAL A CB  1 
ATOM   594  C CG1 . VAL A 1 85  ? -3.197  -4.827  7.665   1.00 61.46  ? 85  VAL A CG1 1 
ATOM   595  C CG2 . VAL A 1 85  ? -2.635  -3.527  9.735   1.00 64.37  ? 85  VAL A CG2 1 
ATOM   596  N N   . VAL A 1 86  ? -5.188  -4.848  11.028  1.00 71.50  ? 86  VAL A N   1 
ATOM   597  C CA  . VAL A 1 86  ? -6.577  -4.496  11.296  1.00 75.50  ? 86  VAL A CA  1 
ATOM   598  C C   . VAL A 1 86  ? -6.989  -3.042  11.133  1.00 75.06  ? 86  VAL A C   1 
ATOM   599  O O   . VAL A 1 86  ? -6.778  -2.219  12.034  1.00 72.93  ? 86  VAL A O   1 
ATOM   600  C CB  . VAL A 1 86  ? -6.982  -4.837  12.737  1.00 79.27  ? 86  VAL A CB  1 
ATOM   601  C CG1 . VAL A 1 86  ? -8.447  -4.496  12.967  1.00 80.29  ? 86  VAL A CG1 1 
ATOM   602  C CG2 . VAL A 1 86  ? -6.732  -6.314  13.009  1.00 75.50  ? 86  VAL A CG2 1 
ATOM   603  N N   . HIS A 1 87  ? -7.458  -2.719  9.925   1.00 74.72  ? 87  HIS A N   1 
ATOM   604  C CA  . HIS A 1 87  ? -7.902  -1.354  9.537   1.00 76.13  ? 87  HIS A CA  1 
ATOM   605  C C   . HIS A 1 87  ? -9.252  -1.416  8.822   1.00 74.32  ? 87  HIS A C   1 
ATOM   606  O O   . HIS A 1 87  ? -9.298  -1.922  7.683   1.00 73.58  ? 87  HIS A O   1 
ATOM   607  C CB  . HIS A 1 87  ? -6.781  -0.830  8.628   1.00 75.75  ? 87  HIS A CB  1 
ATOM   608  C CG  . HIS A 1 87  ? -6.989  0.573   8.167   1.00 78.72  ? 87  HIS A CG  1 
ATOM   609  N ND1 . HIS A 1 87  ? -6.290  1.638   8.701   1.00 73.99  ? 87  HIS A ND1 1 
ATOM   610  C CD2 . HIS A 1 87  ? -7.808  1.091   7.226   1.00 74.32  ? 87  HIS A CD2 1 
ATOM   611  C CE1 . HIS A 1 87  ? -6.671  2.753   8.112   1.00 69.95  ? 87  HIS A CE1 1 
ATOM   612  N NE2 . HIS A 1 87  ? -7.603  2.444   7.201   1.00 76.70  ? 87  HIS A NE2 1 
ATOM   613  N N   . ASP A 1 88  ? -10.304 -0.918  9.475   1.00 75.51  ? 88  ASP A N   1 
ATOM   614  C CA  . ASP A 1 88  ? -11.656 -1.015  8.925   1.00 78.06  ? 88  ASP A CA  1 
ATOM   615  C C   . ASP A 1 88  ? -11.968 -2.453  8.515   1.00 75.71  ? 88  ASP A C   1 
ATOM   616  O O   . ASP A 1 88  ? -12.502 -2.723  7.437   1.00 79.11  ? 88  ASP A O   1 
ATOM   617  C CB  . ASP A 1 88  ? -11.850 -0.047  7.756   1.00 74.80  ? 88  ASP A CB  1 
ATOM   618  N N   . GLY A 1 89  ? -11.615 -3.386  9.398   1.00 76.84  ? 89  GLY A N   1 
ATOM   619  C CA  . GLY A 1 89  ? -11.830 -4.803  9.218   1.00 76.06  ? 89  GLY A CA  1 
ATOM   620  C C   . GLY A 1 89  ? -10.535 -5.565  9.378   1.00 77.89  ? 89  GLY A C   1 
ATOM   621  O O   . GLY A 1 89  ? -9.546  -5.061  9.920   1.00 75.22  ? 89  GLY A O   1 
ATOM   622  N N   . TYR A 1 90  ? -10.535 -6.803  8.896   1.00 71.10  ? 90  TYR A N   1 
ATOM   623  C CA  . TYR A 1 90  ? -9.367  -7.669  8.954   1.00 73.74  ? 90  TYR A CA  1 
ATOM   624  C C   . TYR A 1 90  ? -8.720  -7.744  7.577   1.00 70.22  ? 90  TYR A C   1 
ATOM   625  O O   . TYR A 1 90  ? -9.388  -8.060  6.586   1.00 69.33  ? 90  TYR A O   1 
ATOM   626  C CB  . TYR A 1 90  ? -9.748  -9.067  9.438   1.00 70.47  ? 90  TYR A CB  1 
ATOM   627  C CG  . TYR A 1 90  ? -8.595  -10.040 9.448   1.00 68.29  ? 90  TYR A CG  1 
ATOM   628  C CD1 . TYR A 1 90  ? -7.544  -9.892  10.342  1.00 72.64  ? 90  TYR A CD1 1 
ATOM   629  C CD2 . TYR A 1 90  ? -8.556  -11.104 8.561   1.00 67.66  ? 90  TYR A CD2 1 
ATOM   630  C CE1 . TYR A 1 90  ? -6.485  -10.783 10.350  1.00 70.91  ? 90  TYR A CE1 1 
ATOM   631  C CE2 . TYR A 1 90  ? -7.506  -11.999 8.560   1.00 65.62  ? 90  TYR A CE2 1 
ATOM   632  C CZ  . TYR A 1 90  ? -6.472  -11.835 9.456   1.00 69.61  ? 90  TYR A CZ  1 
ATOM   633  O OH  . TYR A 1 90  ? -5.423  -12.726 9.460   1.00 76.69  ? 90  TYR A OH  1 
ATOM   634  N N   . ASN A 1 91  ? -7.419  -7.467  7.517   1.00 66.77  ? 91  ASN A N   1 
ATOM   635  C CA  . ASN A 1 91  ? -6.709  -7.353  6.252   1.00 64.00  ? 91  ASN A CA  1 
ATOM   636  C C   . ASN A 1 91  ? -5.583  -8.373  6.178   1.00 61.27  ? 91  ASN A C   1 
ATOM   637  O O   . ASN A 1 91  ? -4.865  -8.594  7.158   1.00 60.96  ? 91  ASN A O   1 
ATOM   638  C CB  . ASN A 1 91  ? -6.140  -5.944  6.067   1.00 63.22  ? 91  ASN A CB  1 
ATOM   639  C CG  . ASN A 1 91  ? -7.190  -4.867  6.230   1.00 64.84  ? 91  ASN A CG  1 
ATOM   640  O OD1 . ASN A 1 91  ? -7.912  -4.538  5.291   1.00 64.66  ? 91  ASN A OD1 1 
ATOM   641  N ND2 . ASN A 1 91  ? -7.281  -4.312  7.432   1.00 68.09  ? 91  ASN A ND2 1 
ATOM   642  N N   . LEU A 1 92  ? -5.446  -8.996  5.012   1.00 55.55  ? 92  LEU A N   1 
ATOM   643  C CA  . LEU A 1 92  ? -4.296  -9.819  4.667   1.00 56.48  ? 92  LEU A CA  1 
ATOM   644  C C   . LEU A 1 92  ? -3.592  -9.160  3.492   1.00 52.69  ? 92  LEU A C   1 
ATOM   645  O O   . LEU A 1 92  ? -4.236  -8.841  2.487   1.00 51.50  ? 92  LEU A O   1 
ATOM   646  C CB  . LEU A 1 92  ? -4.721  -11.246 4.296   1.00 58.73  ? 92  LEU A CB  1 
ATOM   647  C CG  . LEU A 1 92  ? -5.271  -12.156 5.397   1.00 68.30  ? 92  LEU A CG  1 
ATOM   648  C CD1 . LEU A 1 92  ? -5.979  -13.366 4.800   1.00 65.15  ? 92  LEU A CD1 1 
ATOM   649  C CD2 . LEU A 1 92  ? -4.153  -12.600 6.325   1.00 66.32  ? 92  LEU A CD2 1 
ATOM   650  N N   . PHE A 1 93  ? -2.283  -8.943  3.609   1.00 52.12  ? 93  PHE A N   1 
ATOM   651  C CA  . PHE A 1 93  ? -1.558  -8.328  2.507   1.00 51.52  ? 93  PHE A CA  1 
ATOM   652  C C   . PHE A 1 93  ? -0.222  -9.021  2.278   1.00 50.26  ? 93  PHE A C   1 
ATOM   653  O O   . PHE A 1 93  ? 0.327   -9.669  3.172   1.00 49.81  ? 93  PHE A O   1 
ATOM   654  C CB  . PHE A 1 93  ? -1.369  -6.811  2.718   1.00 46.67  ? 93  PHE A CB  1 
ATOM   655  C CG  . PHE A 1 93  ? -0.444  -6.440  3.846   1.00 48.90  ? 93  PHE A CG  1 
ATOM   656  C CD1 . PHE A 1 93  ? 0.914   -6.272  3.619   1.00 53.50  ? 93  PHE A CD1 1 
ATOM   657  C CD2 . PHE A 1 93  ? -0.939  -6.212  5.121   1.00 54.20  ? 93  PHE A CD2 1 
ATOM   658  C CE1 . PHE A 1 93  ? 1.767   -5.913  4.651   1.00 55.60  ? 93  PHE A CE1 1 
ATOM   659  C CE2 . PHE A 1 93  ? -0.095  -5.849  6.153   1.00 57.83  ? 93  PHE A CE2 1 
ATOM   660  C CZ  . PHE A 1 93  ? 1.258   -5.696  5.917   1.00 52.42  ? 93  PHE A CZ  1 
ATOM   661  N N   . ARG A 1 94  ? 0.284   -8.886  1.053   1.00 46.02  ? 94  ARG A N   1 
ATOM   662  C CA  . ARG A 1 94  ? 1.527   -9.525  0.640   1.00 48.21  ? 94  ARG A CA  1 
ATOM   663  C C   . ARG A 1 94  ? 2.207   -8.661  -0.413  1.00 47.84  ? 94  ARG A C   1 
ATOM   664  O O   . ARG A 1 94  ? 1.569   -7.848  -1.085  1.00 47.68  ? 94  ARG A O   1 
ATOM   665  C CB  . ARG A 1 94  ? 1.285   -10.936 0.081   1.00 49.73  ? 94  ARG A CB  1 
ATOM   666  C CG  . ARG A 1 94  ? 0.135   -11.045 -0.919  1.00 53.97  ? 94  ARG A CG  1 
ATOM   667  C CD  . ARG A 1 94  ? -0.130  -12.502 -1.281  1.00 53.81  ? 94  ARG A CD  1 
ATOM   668  N NE  . ARG A 1 94  ? 1.117   -13.248 -1.444  1.00 56.20  ? 94  ARG A NE  1 
ATOM   669  C CZ  . ARG A 1 94  ? 1.471   -14.278 -0.681  1.00 61.93  ? 94  ARG A CZ  1 
ATOM   670  N NH1 . ARG A 1 94  ? 2.623   -14.903 -0.882  1.00 56.12  ? 94  ARG A NH1 1 
ATOM   671  N NH2 . ARG A 1 94  ? 0.664   -14.683 0.289   1.00 65.82  ? 94  ARG A NH2 1 
ATOM   672  N N   . ILE A 1 95  ? 3.514   -8.856  -0.558  1.00 47.06  ? 95  ILE A N   1 
ATOM   673  C CA  . ILE A 1 95  ? 4.283   -8.160  -1.585  1.00 51.40  ? 95  ILE A CA  1 
ATOM   674  C C   . ILE A 1 95  ? 4.090   -8.889  -2.909  1.00 55.71  ? 95  ILE A C   1 
ATOM   675  O O   . ILE A 1 95  ? 4.328   -10.099 -3.003  1.00 54.97  ? 95  ILE A O   1 
ATOM   676  C CB  . ILE A 1 95  ? 5.772   -8.078  -1.210  1.00 58.08  ? 95  ILE A CB  1 
ATOM   677  C CG1 . ILE A 1 95  ? 5.960   -7.347  0.125   1.00 49.45  ? 95  ILE A CG1 1 
ATOM   678  C CG2 . ILE A 1 95  ? 6.572   -7.397  -2.316  1.00 55.11  ? 95  ILE A CG2 1 
ATOM   679  C CD1 . ILE A 1 95  ? 7.374   -7.432  0.681   1.00 59.08  ? 95  ILE A CD1 1 
ATOM   680  N N   . ILE A 1 96  ? 3.649   -8.160  -3.933  1.00 55.61  ? 96  ILE A N   1 
ATOM   681  C CA  . ILE A 1 96  ? 3.586   -8.742  -5.268  1.00 53.55  ? 96  ILE A CA  1 
ATOM   682  C C   . ILE A 1 96  ? 4.972   -8.770  -5.895  1.00 59.92  ? 96  ILE A C   1 
ATOM   683  O O   . ILE A 1 96  ? 5.431   -9.815  -6.374  1.00 55.33  ? 96  ILE A O   1 
ATOM   684  C CB  . ILE A 1 96  ? 2.577   -7.979  -6.146  1.00 53.70  ? 96  ILE A CB  1 
ATOM   685  C CG1 . ILE A 1 96  ? 1.168   -8.106  -5.555  1.00 54.89  ? 96  ILE A CG1 1 
ATOM   686  C CG2 . ILE A 1 96  ? 2.612   -8.498  -7.576  1.00 58.56  ? 96  ILE A CG2 1 
ATOM   687  C CD1 . ILE A 1 96  ? 0.697   -9.548  -5.374  1.00 51.20  ? 96  ILE A CD1 1 
ATOM   688  N N   . GLU A 1 97  ? 5.665   -7.632  -5.883  1.00 52.92  ? 97  GLU A N   1 
ATOM   689  C CA  . GLU A 1 97  ? 7.057   -7.563  -6.308  1.00 57.17  ? 97  GLU A CA  1 
ATOM   690  C C   . GLU A 1 97  ? 7.632   -6.233  -5.845  1.00 52.25  ? 97  GLU A C   1 
ATOM   691  O O   . GLU A 1 97  ? 6.893   -5.303  -5.505  1.00 48.91  ? 97  GLU A O   1 
ATOM   692  C CB  . GLU A 1 97  ? 7.202   -7.712  -7.825  1.00 58.49  ? 97  GLU A CB  1 
ATOM   693  C CG  . GLU A 1 97  ? 6.718   -6.514  -8.622  1.00 56.10  ? 97  GLU A CG  1 
ATOM   694  C CD  . GLU A 1 97  ? 6.908   -6.698  -10.115 1.00 66.12  ? 97  GLU A CD  1 
ATOM   695  O OE1 . GLU A 1 97  ? 7.500   -5.805  -10.759 1.00 67.32  ? 97  GLU A OE1 1 
ATOM   696  O OE2 . GLU A 1 97  ? 6.471   -7.740  -10.643 1.00 65.40  ? 97  GLU A OE2 1 
ATOM   697  N N   . THR A 1 98  ? 8.960   -6.150  -5.843  1.00 56.39  ? 98  THR A N   1 
ATOM   698  C CA  . THR A 1 98  ? 9.629   -4.927  -5.427  1.00 57.01  ? 98  THR A CA  1 
ATOM   699  C C   . THR A 1 98  ? 11.005  -4.833  -6.066  1.00 62.33  ? 98  THR A C   1 
ATOM   700  O O   . THR A 1 98  ? 11.676  -5.846  -6.276  1.00 61.60  ? 98  THR A O   1 
ATOM   701  C CB  . THR A 1 98  ? 9.773   -4.841  -3.900  1.00 56.55  ? 98  THR A CB  1 
ATOM   702  O OG1 . THR A 1 98  ? 10.509  -3.658  -3.556  1.00 53.35  ? 98  THR A OG1 1 
ATOM   703  C CG2 . THR A 1 98  ? 10.504  -6.062  -3.356  1.00 53.42  ? 98  THR A CG2 1 
ATOM   704  N N   . ALA A 1 99  ? 11.393  -3.608  -6.397  1.00 60.45  ? 99  ALA A N   1 
ATOM   705  C CA  . ALA A 1 99  ? 12.790  -3.230  -6.550  1.00 61.61  ? 99  ALA A CA  1 
ATOM   706  C C   . ALA A 1 99  ? 13.132  -2.410  -5.312  1.00 57.77  ? 99  ALA A C   1 
ATOM   707  O O   . ALA A 1 99  ? 12.618  -1.301  -5.139  1.00 56.71  ? 99  ALA A O   1 
ATOM   708  C CB  . ALA A 1 99  ? 13.024  -2.441  -7.835  1.00 64.01  ? 99  ALA A CB  1 
ATOM   709  N N   . TYR A 1 100 ? 13.973  -2.978  -4.441  1.00 57.59  ? 100 TYR A N   1 
ATOM   710  C CA  . TYR A 1 100 ? 14.158  -2.437  -3.095  1.00 64.49  ? 100 TYR A CA  1 
ATOM   711  C C   . TYR A 1 100 ? 14.433  -0.940  -3.106  1.00 59.93  ? 100 TYR A C   1 
ATOM   712  O O   . TYR A 1 100 ? 13.899  -0.196  -2.275  1.00 57.59  ? 100 TYR A O   1 
ATOM   713  C CB  . TYR A 1 100 ? 15.299  -3.170  -2.389  1.00 61.88  ? 100 TYR A CB  1 
ATOM   714  C CG  . TYR A 1 100 ? 15.010  -4.615  -2.059  1.00 64.82  ? 100 TYR A CG  1 
ATOM   715  C CD1 . TYR A 1 100 ? 13.782  -5.002  -1.535  1.00 65.38  ? 100 TYR A CD1 1 
ATOM   716  C CD2 . TYR A 1 100 ? 15.970  -5.596  -2.268  1.00 68.36  ? 100 TYR A CD2 1 
ATOM   717  C CE1 . TYR A 1 100 ? 13.522  -6.326  -1.231  1.00 65.78  ? 100 TYR A CE1 1 
ATOM   718  C CE2 . TYR A 1 100 ? 15.719  -6.918  -1.969  1.00 67.63  ? 100 TYR A CE2 1 
ATOM   719  C CZ  . TYR A 1 100 ? 14.495  -7.279  -1.451  1.00 68.64  ? 100 TYR A CZ  1 
ATOM   720  O OH  . TYR A 1 100 ? 14.246  -8.599  -1.153  1.00 72.61  ? 100 TYR A OH  1 
ATOM   721  N N   . GLU A 1 101 ? 15.279  -0.512  -4.049  1.00 55.26  ? 101 GLU A N   1 
ATOM   722  C CA  . GLU A 1 101 ? 15.710  0.908   -4.156  1.00 59.85  ? 101 GLU A CA  1 
ATOM   723  C C   . GLU A 1 101 ? 14.623  1.779   -4.798  1.00 60.20  ? 101 GLU A C   1 
ATOM   724  O O   . GLU A 1 101 ? 14.575  2.980   -4.467  1.00 51.11  ? 101 GLU A O   1 
ATOM   725  C CB  . GLU A 1 101 ? 17.018  1.006   -4.946  1.00 54.82  ? 101 GLU A CB  1 
ATOM   726  N N   . ASP A 1 102 ? 13.703  1.211   -5.588  1.00 52.16  ? 102 ASP A N   1 
ATOM   727  C CA  . ASP A 1 102 ? 12.765  2.121   -6.307  1.00 55.20  ? 102 ASP A CA  1 
ATOM   728  C C   . ASP A 1 102 ? 11.269  1.948   -5.992  1.00 58.11  ? 102 ASP A C   1 
ATOM   729  O O   . ASP A 1 102 ? 10.625  2.982   -5.722  1.00 57.34  ? 102 ASP A O   1 
ATOM   730  C CB  . ASP A 1 102 ? 13.002  2.060   -7.820  1.00 60.53  ? 102 ASP A CB  1 
ATOM   731  C CG  . ASP A 1 102 ? 12.041  2.926   -8.617  1.00 60.34  ? 102 ASP A CG  1 
ATOM   732  O OD1 . ASP A 1 102 ? 11.865  4.103   -8.243  1.00 63.58  ? 102 ASP A OD1 1 
ATOM   733  O OD2 . ASP A 1 102 ? 11.476  2.416   -9.604  1.00 74.65  ? 102 ASP A OD2 1 
ATOM   734  N N   . TYR A 1 103 ? 10.720  0.729   -6.021  1.00 56.76  ? 103 TYR A N   1 
ATOM   735  C CA  . TYR A 1 103 ? 9.272   0.602   -5.914  1.00 55.94  ? 103 TYR A CA  1 
ATOM   736  C C   . TYR A 1 103 ? 8.902   -0.700  -5.218  1.00 50.09  ? 103 TYR A C   1 
ATOM   737  O O   . TYR A 1 103 ? 9.708   -1.627  -5.109  1.00 53.90  ? 103 TYR A O   1 
ATOM   738  C CB  . TYR A 1 103 ? 8.600   0.673   -7.291  1.00 54.32  ? 103 TYR A CB  1 
ATOM   739  C CG  . TYR A 1 103 ? 8.742   -0.584  -8.125  1.00 61.83  ? 103 TYR A CG  1 
ATOM   740  C CD1 . TYR A 1 103 ? 9.885   -0.819  -8.877  1.00 61.55  ? 103 TYR A CD1 1 
ATOM   741  C CD2 . TYR A 1 103 ? 7.723   -1.528  -8.172  1.00 60.26  ? 103 TYR A CD2 1 
ATOM   742  C CE1 . TYR A 1 103 ? 10.013  -1.964  -9.643  1.00 65.72  ? 103 TYR A CE1 1 
ATOM   743  C CE2 . TYR A 1 103 ? 7.843   -2.674  -8.933  1.00 61.68  ? 103 TYR A CE2 1 
ATOM   744  C CZ  . TYR A 1 103 ? 8.989   -2.887  -9.668  1.00 64.89  ? 103 TYR A CZ  1 
ATOM   745  O OH  . TYR A 1 103 ? 9.103   -4.030  -10.428 1.00 69.57  ? 103 TYR A OH  1 
ATOM   746  N N   . ILE A 1 104 ? 7.655   -0.753  -4.753  1.00 48.88  ? 104 ILE A N   1 
ATOM   747  C CA  . ILE A 1 104 ? 7.078   -1.960  -4.171  1.00 49.20  ? 104 ILE A CA  1 
ATOM   748  C C   . ILE A 1 104 ? 5.579   -1.958  -4.439  1.00 49.75  ? 104 ILE A C   1 
ATOM   749  O O   . ILE A 1 104 ? 4.926   -0.910  -4.406  1.00 50.23  ? 104 ILE A O   1 
ATOM   750  C CB  . ILE A 1 104 ? 7.379   -2.079  -2.660  1.00 54.39  ? 104 ILE A CB  1 
ATOM   751  C CG1 . ILE A 1 104 ? 6.849   -3.407  -2.111  1.00 50.06  ? 104 ILE A CG1 1 
ATOM   752  C CG2 . ILE A 1 104 ? 6.790   -0.910  -1.884  1.00 49.97  ? 104 ILE A CG2 1 
ATOM   753  C CD1 . ILE A 1 104 ? 7.508   -3.828  -0.822  1.00 53.61  ? 104 ILE A CD1 1 
ATOM   754  N N   . ILE A 1 105 ? 5.039   -3.143  -4.709  1.00 51.95  ? 105 ILE A N   1 
ATOM   755  C CA  . ILE A 1 105 ? 3.625   -3.332  -5.007  1.00 49.62  ? 105 ILE A CA  1 
ATOM   756  C C   . ILE A 1 105 ? 3.038   -4.239  -3.934  1.00 48.17  ? 105 ILE A C   1 
ATOM   757  O O   . ILE A 1 105 ? 3.499   -5.372  -3.749  1.00 47.89  ? 105 ILE A O   1 
ATOM   758  C CB  . ILE A 1 105 ? 3.415   -3.925  -6.410  1.00 50.00  ? 105 ILE A CB  1 
ATOM   759  C CG1 . ILE A 1 105 ? 3.845   -2.924  -7.487  1.00 48.97  ? 105 ILE A CG1 1 
ATOM   760  C CG2 . ILE A 1 105 ? 1.965   -4.341  -6.618  1.00 47.19  ? 105 ILE A CG2 1 
ATOM   761  C CD1 . ILE A 1 105 ? 3.703   -3.454  -8.901  1.00 51.33  ? 105 ILE A CD1 1 
ATOM   762  N N   . PHE A 1 106 ? 2.025   -3.742  -3.229  1.00 48.87  ? 106 PHE A N   1 
ATOM   763  C CA  . PHE A 1 106 ? 1.323   -4.498  -2.202  1.00 49.02  ? 106 PHE A CA  1 
ATOM   764  C C   . PHE A 1 106 ? -0.069  -4.877  -2.691  1.00 46.62  ? 106 PHE A C   1 
ATOM   765  O O   . PHE A 1 106 ? -0.776  -4.051  -3.278  1.00 47.83  ? 106 PHE A O   1 
ATOM   766  C CB  . PHE A 1 106 ? 1.191   -3.693  -0.907  1.00 41.81  ? 106 PHE A CB  1 
ATOM   767  C CG  . PHE A 1 106 ? 2.453   -3.625  -0.093  1.00 48.29  ? 106 PHE A CG  1 
ATOM   768  C CD1 . PHE A 1 106 ? 2.889   -4.727  0.618   1.00 48.37  ? 106 PHE A CD1 1 
ATOM   769  C CD2 . PHE A 1 106 ? 3.183   -2.446  -0.010  1.00 50.53  ? 106 PHE A CD2 1 
ATOM   770  C CE1 . PHE A 1 106 ? 4.046   -4.671  1.381   1.00 53.38  ? 106 PHE A CE1 1 
ATOM   771  C CE2 . PHE A 1 106 ? 4.339   -2.381  0.753   1.00 44.35  ? 106 PHE A CE2 1 
ATOM   772  C CZ  . PHE A 1 106 ? 4.771   -3.493  1.449   1.00 47.24  ? 106 PHE A CZ  1 
ATOM   773  N N   . HIS A 1 107 ? -0.464  -6.120  -2.437  1.00 46.97  ? 107 HIS A N   1 
ATOM   774  C CA  . HIS A 1 107 ? -1.849  -6.545  -2.591  1.00 47.74  ? 107 HIS A CA  1 
ATOM   775  C C   . HIS A 1 107 ? -2.441  -6.785  -1.214  1.00 46.24  ? 107 HIS A C   1 
ATOM   776  O O   . HIS A 1 107 ? -1.874  -7.539  -0.419  1.00 47.85  ? 107 HIS A O   1 
ATOM   777  C CB  . HIS A 1 107 ? -1.977  -7.820  -3.423  1.00 46.70  ? 107 HIS A CB  1 
ATOM   778  C CG  . HIS A 1 107 ? -3.373  -8.369  -3.461  1.00 50.75  ? 107 HIS A CG  1 
ATOM   779  N ND1 . HIS A 1 107 ? -3.865  -9.238  -2.509  1.00 57.02  ? 107 HIS A ND1 1 
ATOM   780  C CD2 . HIS A 1 107 ? -4.394  -8.144  -4.319  1.00 55.17  ? 107 HIS A CD2 1 
ATOM   781  C CE1 . HIS A 1 107 ? -5.118  -9.541  -2.797  1.00 53.90  ? 107 HIS A CE1 1 
ATOM   782  N NE2 . HIS A 1 107 ? -5.461  -8.897  -3.896  1.00 50.62  ? 107 HIS A NE2 1 
ATOM   783  N N   . LEU A 1 108 ? -3.578  -6.159  -0.941  1.00 41.67  ? 108 LEU A N   1 
ATOM   784  C CA  . LEU A 1 108 ? -4.273  -6.325  0.322   1.00 47.07  ? 108 LEU A CA  1 
ATOM   785  C C   . LEU A 1 108 ? -5.646  -6.924  0.067   1.00 54.87  ? 108 LEU A C   1 
ATOM   786  O O   . LEU A 1 108 ? -6.297  -6.603  -0.933  1.00 51.24  ? 108 LEU A O   1 
ATOM   787  C CB  . LEU A 1 108 ? -4.409  -4.986  1.055   1.00 51.10  ? 108 LEU A CB  1 
ATOM   788  C CG  . LEU A 1 108 ? -4.941  -5.058  2.487   1.00 57.93  ? 108 LEU A CG  1 
ATOM   789  C CD1 . LEU A 1 108 ? -4.260  -4.003  3.323   1.00 55.36  ? 108 LEU A CD1 1 
ATOM   790  C CD2 . LEU A 1 108 ? -6.451  -4.869  2.532   1.00 61.17  ? 108 LEU A CD2 1 
ATOM   791  N N   . ASN A 1 109 ? -6.076  -7.806  0.966   1.00 50.23  ? 109 ASN A N   1 
ATOM   792  C CA  . ASN A 1 109 ? -7.430  -8.345  0.967   1.00 54.31  ? 109 ASN A CA  1 
ATOM   793  C C   . ASN A 1 109 ? -8.074  -8.010  2.305   1.00 62.02  ? 109 ASN A C   1 
ATOM   794  O O   . ASN A 1 109 ? -7.537  -8.359  3.361   1.00 56.29  ? 109 ASN A O   1 
ATOM   795  C CB  . ASN A 1 109 ? -7.430  -9.858  0.723   1.00 57.66  ? 109 ASN A CB  1 
ATOM   796  C CG  . ASN A 1 109 ? -8.305  -10.262 -0.455  1.00 66.78  ? 109 ASN A CG  1 
ATOM   797  O OD1 . ASN A 1 109 ? -7.964  -10.022 -1.614  1.00 70.22  ? 109 ASN A OD1 1 
ATOM   798  N ND2 . ASN A 1 109 ? -9.449  -10.864 -0.156  1.00 72.20  ? 109 ASN A ND2 1 
ATOM   799  N N   . ASN A 1 110 ? -9.208  -7.319  2.256   1.00 65.94  ? 110 ASN A N   1 
ATOM   800  C CA  . ASN A 1 110 ? -9.975  -6.980  3.448   1.00 69.19  ? 110 ASN A CA  1 
ATOM   801  C C   . ASN A 1 110 ? -11.169 -7.920  3.528   1.00 74.87  ? 110 ASN A C   1 
ATOM   802  O O   . ASN A 1 110 ? -11.955 -8.009  2.579   1.00 70.87  ? 110 ASN A O   1 
ATOM   803  C CB  . ASN A 1 110 ? -10.432 -5.523  3.405   1.00 66.58  ? 110 ASN A CB  1 
ATOM   804  C CG  . ASN A 1 110 ? -11.155 -5.099  4.668   1.00 74.14  ? 110 ASN A CG  1 
ATOM   805  O OD1 . ASN A 1 110 ? -12.359 -5.316  4.812   1.00 79.88  ? 110 ASN A OD1 1 
ATOM   806  N ND2 . ASN A 1 110 ? -10.424 -4.479  5.588   1.00 71.83  ? 110 ASN A ND2 1 
ATOM   807  N N   . VAL A 1 111 ? -11.290 -8.637  4.642   1.00 76.65  ? 111 VAL A N   1 
ATOM   808  C CA  . VAL A 1 111 ? -12.419 -9.527  4.885   1.00 84.68  ? 111 VAL A CA  1 
ATOM   809  C C   . VAL A 1 111 ? -13.217 -8.975  6.056   1.00 81.56  ? 111 VAL A C   1 
ATOM   810  O O   . VAL A 1 111 ? -12.651 -8.637  7.102   1.00 83.40  ? 111 VAL A O   1 
ATOM   811  C CB  . VAL A 1 111 ? -11.967 -10.976 5.145   1.00 83.45  ? 111 VAL A CB  1 
ATOM   812  C CG1 . VAL A 1 111 ? -11.590 -11.647 3.838   1.00 84.71  ? 111 VAL A CG1 1 
ATOM   813  C CG2 . VAL A 1 111 ? -10.790 -11.000 6.083   1.00 79.34  ? 111 VAL A CG2 1 
ATOM   814  N N   . ASN A 1 112 ? -14.528 -8.882  5.869   1.00 88.82  ? 112 ASN A N   1 
ATOM   815  C CA  . ASN A 1 112 ? -15.421 -8.222  6.805   1.00 94.28  ? 112 ASN A CA  1 
ATOM   816  C C   . ASN A 1 112 ? -16.738 -8.981  6.806   1.00 99.45  ? 112 ASN A C   1 
ATOM   817  O O   . ASN A 1 112 ? -16.888 -10.001 6.127   1.00 98.84  ? 112 ASN A O   1 
ATOM   818  C CB  . ASN A 1 112 ? -15.617 -6.762  6.398   1.00 93.58  ? 112 ASN A CB  1 
ATOM   819  C CG  . ASN A 1 112 ? -15.791 -6.623  4.907   1.00 91.42  ? 112 ASN A CG  1 
ATOM   820  O OD1 . ASN A 1 112 ? -15.913 -7.628  4.208   1.00 91.84  ? 112 ASN A OD1 1 
ATOM   821  N ND2 . ASN A 1 112 ? -15.789 -5.393  4.407   1.00 93.04  ? 112 ASN A ND2 1 
ATOM   822  N N   . GLN A 1 113 ? -17.707 -8.474  7.564   1.00 101.31 ? 113 GLN A N   1 
ATOM   823  C CA  . GLN A 1 113 ? -19.043 -9.055  7.511   1.00 102.53 ? 113 GLN A CA  1 
ATOM   824  C C   . GLN A 1 113 ? -19.754 -8.658  6.224   1.00 103.28 ? 113 GLN A C   1 
ATOM   825  O O   . GLN A 1 113 ? -20.362 -9.499  5.552   1.00 105.10 ? 113 GLN A O   1 
ATOM   826  C CB  . GLN A 1 113 ? -19.855 -8.623  8.732   1.00 106.56 ? 113 GLN A CB  1 
ATOM   827  N N   . GLU A 1 114 ? -19.659 -7.381  5.850   1.00 101.07 ? 114 GLU A N   1 
ATOM   828  C CA  . GLU A 1 114 ? -20.473 -6.853  4.760   1.00 99.44  ? 114 GLU A CA  1 
ATOM   829  C C   . GLU A 1 114 ? -19.980 -7.338  3.401   1.00 100.00 ? 114 GLU A C   1 
ATOM   830  O O   . GLU A 1 114 ? -20.687 -8.073  2.699   1.00 100.95 ? 114 GLU A O   1 
ATOM   831  C CB  . GLU A 1 114 ? -20.491 -5.323  4.816   1.00 95.80  ? 114 GLU A CB  1 
ATOM   832  N N   . GLN A 1 115 ? -18.776 -6.932  3.003   1.00 97.27  ? 115 GLN A N   1 
ATOM   833  C CA  . GLN A 1 115 ? -18.358 -7.152  1.622   1.00 93.95  ? 115 GLN A CA  1 
ATOM   834  C C   . GLN A 1 115 ? -16.843 -7.243  1.525   1.00 89.94  ? 115 GLN A C   1 
ATOM   835  O O   . GLN A 1 115 ? -16.137 -6.278  1.833   1.00 85.39  ? 115 GLN A O   1 
ATOM   836  C CB  . GLN A 1 115 ? -18.882 -6.032  0.723   1.00 91.65  ? 115 GLN A CB  1 
ATOM   837  C CG  . GLN A 1 115 ? -19.071 -6.447  -0.720  1.00 90.84  ? 115 GLN A CG  1 
ATOM   838  C CD  . GLN A 1 115 ? -20.204 -5.702  -1.393  1.00 91.91  ? 115 GLN A CD  1 
ATOM   839  O OE1 . GLN A 1 115 ? -20.902 -4.906  -0.763  1.00 86.38  ? 115 GLN A OE1 1 
ATOM   840  N NE2 . GLN A 1 115 ? -20.399 -5.962  -2.680  1.00 90.60  ? 115 GLN A NE2 1 
ATOM   841  N N   . GLU A 1 116 ? -16.360 -8.401  1.086   1.00 84.72  ? 116 GLU A N   1 
ATOM   842  C CA  . GLU A 1 116 ? -14.939 -8.625  0.865   1.00 84.27  ? 116 GLU A CA  1 
ATOM   843  C C   . GLU A 1 116 ? -14.455 -7.813  -0.333  1.00 79.83  ? 116 GLU A C   1 
ATOM   844  O O   . GLU A 1 116 ? -15.174 -7.637  -1.320  1.00 76.71  ? 116 GLU A O   1 
ATOM   845  C CB  . GLU A 1 116 ? -14.689 -10.115 0.632   1.00 85.89  ? 116 GLU A CB  1 
ATOM   846  N N   . PHE A 1 117 ? -13.224 -7.310  -0.241  1.00 69.06  ? 117 PHE A N   1 
ATOM   847  C CA  . PHE A 1 117 ? -12.663 -6.513  -1.326  1.00 69.14  ? 117 PHE A CA  1 
ATOM   848  C C   . PHE A 1 117 ? -11.144 -6.506  -1.224  1.00 66.08  ? 117 PHE A C   1 
ATOM   849  O O   . PHE A 1 117 ? -10.573 -6.721  -0.152  1.00 61.77  ? 117 PHE A O   1 
ATOM   850  C CB  . PHE A 1 117 ? -13.214 -5.079  -1.317  1.00 62.18  ? 117 PHE A CB  1 
ATOM   851  C CG  . PHE A 1 117 ? -12.780 -4.259  -0.133  1.00 66.23  ? 117 PHE A CG  1 
ATOM   852  C CD1 . PHE A 1 117 ? -13.472 -4.324  1.064   1.00 65.38  ? 117 PHE A CD1 1 
ATOM   853  C CD2 . PHE A 1 117 ? -11.690 -3.404  -0.225  1.00 64.51  ? 117 PHE A CD2 1 
ATOM   854  C CE1 . PHE A 1 117 ? -13.078 -3.562  2.154   1.00 69.18  ? 117 PHE A CE1 1 
ATOM   855  C CE2 . PHE A 1 117 ? -11.292 -2.642  0.860   1.00 63.46  ? 117 PHE A CE2 1 
ATOM   856  C CZ  . PHE A 1 117 ? -11.989 -2.721  2.050   1.00 66.37  ? 117 PHE A CZ  1 
ATOM   857  N N   . GLN A 1 118 ? -10.500 -6.246  -2.362  1.00 58.95  ? 118 GLN A N   1 
ATOM   858  C CA  . GLN A 1 118 ? -9.049  -6.229  -2.460  1.00 58.72  ? 118 GLN A CA  1 
ATOM   859  C C   . GLN A 1 118 ? -8.537  -4.826  -2.766  1.00 55.32  ? 118 GLN A C   1 
ATOM   860  O O   . GLN A 1 118 ? -9.248  -3.979  -3.316  1.00 56.73  ? 118 GLN A O   1 
ATOM   861  C CB  . GLN A 1 118 ? -8.547  -7.206  -3.534  1.00 57.74  ? 118 GLN A CB  1 
ATOM   862  C CG  . GLN A 1 118 ? -9.180  -7.044  -4.909  1.00 60.96  ? 118 GLN A CG  1 
ATOM   863  C CD  . GLN A 1 118 ? -8.686  -8.080  -5.903  1.00 62.60  ? 118 GLN A CD  1 
ATOM   864  O OE1 . GLN A 1 118 ? -7.692  -8.762  -5.660  1.00 58.11  ? 118 GLN A OE1 1 
ATOM   865  N NE2 . GLN A 1 118 ? -9.392  -8.217  -7.019  1.00 62.74  ? 118 GLN A NE2 1 
ATOM   866  N N   . LEU A 1 119 ? -7.275  -4.602  -2.399  1.00 52.16  ? 119 LEU A N   1 
ATOM   867  C CA  . LEU A 1 119 ? -6.567  -3.348  -2.605  1.00 54.45  ? 119 LEU A CA  1 
ATOM   868  C C   . LEU A 1 119 ? -5.255  -3.617  -3.324  1.00 51.60  ? 119 LEU A C   1 
ATOM   869  O O   . LEU A 1 119 ? -4.587  -4.619  -3.057  1.00 55.07  ? 119 LEU A O   1 
ATOM   870  C CB  . LEU A 1 119 ? -6.258  -2.648  -1.276  1.00 55.14  ? 119 LEU A CB  1 
ATOM   871  C CG  . LEU A 1 119 ? -7.272  -1.729  -0.603  1.00 63.02  ? 119 LEU A CG  1 
ATOM   872  C CD1 . LEU A 1 119 ? -6.706  -1.266  0.719   1.00 68.18  ? 119 LEU A CD1 1 
ATOM   873  C CD2 . LEU A 1 119 ? -7.557  -0.549  -1.488  1.00 64.50  ? 119 LEU A CD2 1 
ATOM   874  N N   . MET A 1 120 ? -4.881  -2.711  -4.225  1.00 45.59  ? 120 MET A N   1 
ATOM   875  C CA  . MET A 1 120 ? -3.551  -2.711  -4.814  1.00 48.77  ? 120 MET A CA  1 
ATOM   876  C C   . MET A 1 120 ? -2.901  -1.356  -4.590  1.00 48.08  ? 120 MET A C   1 
ATOM   877  O O   . MET A 1 120 ? -3.537  -0.311  -4.765  1.00 49.37  ? 120 MET A O   1 
ATOM   878  C CB  . MET A 1 120 ? -3.587  -3.058  -6.303  1.00 50.17  ? 120 MET A CB  1 
ATOM   879  C CG  . MET A 1 120 ? -3.655  -4.549  -6.529  1.00 54.40  ? 120 MET A CG  1 
ATOM   880  S SD  . MET A 1 120 ? -2.043  -5.326  -6.281  1.00 56.90  ? 120 MET A SD  1 
ATOM   881  C CE  . MET A 1 120 ? -1.314  -5.078  -7.891  1.00 54.71  ? 120 MET A CE  1 
ATOM   882  N N   . GLU A 1 121 ? -1.634  -1.384  -4.184  1.00 42.98  ? 121 GLU A N   1 
ATOM   883  C CA  . GLU A 1 121 ? -0.891  -0.180  -3.847  1.00 49.99  ? 121 GLU A CA  1 
ATOM   884  C C   . GLU A 1 121 ? 0.472   -0.205  -4.521  1.00 44.71  ? 121 GLU A C   1 
ATOM   885  O O   . GLU A 1 121 ? 1.129   -1.247  -4.566  1.00 45.17  ? 121 GLU A O   1 
ATOM   886  C CB  . GLU A 1 121 ? -0.696  -0.046  -2.335  1.00 47.21  ? 121 GLU A CB  1 
ATOM   887  C CG  . GLU A 1 121 ? -1.975  0.020   -1.544  1.00 51.91  ? 121 GLU A CG  1 
ATOM   888  C CD  . GLU A 1 121 ? -1.719  0.197   -0.065  1.00 62.02  ? 121 GLU A CD  1 
ATOM   889  O OE1 . GLU A 1 121 ? -1.269  1.292   0.332   1.00 58.78  ? 121 GLU A OE1 1 
ATOM   890  O OE2 . GLU A 1 121 ? -1.957  -0.759  0.701   1.00 71.23  ? 121 GLU A OE2 1 
ATOM   891  N N   . LEU A 1 122 ? 0.902   0.948   -5.025  1.00 46.67  ? 122 LEU A N   1 
ATOM   892  C CA  . LEU A 1 122 ? 2.234   1.107   -5.593  1.00 45.29  ? 122 LEU A CA  1 
ATOM   893  C C   . LEU A 1 122 ? 2.955   2.199   -4.818  1.00 44.20  ? 122 LEU A C   1 
ATOM   894  O O   . LEU A 1 122 ? 2.532   3.361   -4.833  1.00 43.69  ? 122 LEU A O   1 
ATOM   895  C CB  . LEU A 1 122 ? 2.172   1.455   -7.082  1.00 44.05  ? 122 LEU A CB  1 
ATOM   896  C CG  . LEU A 1 122 ? 3.479   1.892   -7.759  1.00 49.17  ? 122 LEU A CG  1 
ATOM   897  C CD1 . LEU A 1 122 ? 4.541   0.797   -7.701  1.00 46.66  ? 122 LEU A CD1 1 
ATOM   898  C CD2 . LEU A 1 122 ? 3.223   2.312   -9.199  1.00 52.91  ? 122 LEU A CD2 1 
ATOM   899  N N   . TYR A 1 123 ? 4.030   1.826   -4.129  1.00 43.24  ? 123 TYR A N   1 
ATOM   900  C CA  . TYR A 1 123 ? 4.880   2.778   -3.435  1.00 48.47  ? 123 TYR A CA  1 
ATOM   901  C C   . TYR A 1 123 ? 6.164   2.980   -4.226  1.00 50.02  ? 123 TYR A C   1 
ATOM   902  O O   . TYR A 1 123 ? 6.583   2.112   -4.999  1.00 53.40  ? 123 TYR A O   1 
ATOM   903  C CB  . TYR A 1 123 ? 5.256   2.311   -2.025  1.00 46.38  ? 123 TYR A CB  1 
ATOM   904  C CG  . TYR A 1 123 ? 4.129   1.992   -1.070  1.00 47.39  ? 123 TYR A CG  1 
ATOM   905  C CD1 . TYR A 1 123 ? 2.819   2.379   -1.321  1.00 44.89  ? 123 TYR A CD1 1 
ATOM   906  C CD2 . TYR A 1 123 ? 4.395   1.298   0.100   1.00 46.11  ? 123 TYR A CD2 1 
ATOM   907  C CE1 . TYR A 1 123 ? 1.804   2.071   -0.423  1.00 45.52  ? 123 TYR A CE1 1 
ATOM   908  C CE2 . TYR A 1 123 ? 3.399   0.991   0.993   1.00 44.49  ? 123 TYR A CE2 1 
ATOM   909  C CZ  . TYR A 1 123 ? 2.106   1.376   0.732   1.00 46.45  ? 123 TYR A CZ  1 
ATOM   910  O OH  . TYR A 1 123 ? 1.127   1.055   1.643   1.00 52.88  ? 123 TYR A OH  1 
ATOM   911  N N   . GLY A 1 124 ? 6.795   4.127   -4.010  1.00 49.86  ? 124 GLY A N   1 
ATOM   912  C CA  . GLY A 1 124 ? 8.090   4.414   -4.587  1.00 51.72  ? 124 GLY A CA  1 
ATOM   913  C C   . GLY A 1 124 ? 9.013   4.986   -3.531  1.00 51.22  ? 124 GLY A C   1 
ATOM   914  O O   . GLY A 1 124 ? 8.567   5.622   -2.575  1.00 49.97  ? 124 GLY A O   1 
ATOM   915  N N   . ARG A 1 125 ? 10.312  4.723   -3.694  1.00 51.02  ? 125 ARG A N   1 
ATOM   916  C CA  . ARG A 1 125 ? 11.302  5.360   -2.831  1.00 59.26  ? 125 ARG A CA  1 
ATOM   917  C C   . ARG A 1 125 ? 11.313  6.871   -3.001  1.00 58.61  ? 125 ARG A C   1 
ATOM   918  O O   . ARG A 1 125 ? 11.730  7.589   -2.082  1.00 60.51  ? 125 ARG A O   1 
ATOM   919  C CB  . ARG A 1 125 ? 12.693  4.789   -3.114  1.00 54.74  ? 125 ARG A CB  1 
ATOM   920  C CG  . ARG A 1 125 ? 12.880  3.370   -2.617  1.00 56.45  ? 125 ARG A CG  1 
ATOM   921  C CD  . ARG A 1 125 ? 12.699  3.299   -1.113  1.00 50.91  ? 125 ARG A CD  1 
ATOM   922  N NE  . ARG A 1 125 ? 13.014  1.975   -0.595  1.00 52.76  ? 125 ARG A NE  1 
ATOM   923  C CZ  . ARG A 1 125 ? 13.006  1.656   0.695   1.00 54.88  ? 125 ARG A CZ  1 
ATOM   924  N NH1 . ARG A 1 125 ? 12.694  2.571   1.605   1.00 56.33  ? 125 ARG A NH1 1 
ATOM   925  N NH2 . ARG A 1 125 ? 13.300  0.422   1.080   1.00 51.97  ? 125 ARG A NH2 1 
ATOM   926  N N   . LYS A 1 126 ? 10.864  7.365   -4.155  1.00 55.36  ? 126 LYS A N   1 
ATOM   927  C CA  . LYS A 1 126 ? 10.696  8.784   -4.417  1.00 53.84  ? 126 LYS A CA  1 
ATOM   928  C C   . LYS A 1 126 ? 9.242   9.031   -4.809  1.00 53.68  ? 126 LYS A C   1 
ATOM   929  O O   . LYS A 1 126 ? 8.533   8.077   -5.153  1.00 61.44  ? 126 LYS A O   1 
ATOM   930  C CB  . LYS A 1 126 ? 11.678  9.241   -5.500  1.00 62.01  ? 126 LYS A CB  1 
ATOM   931  C CG  . LYS A 1 126 ? 13.121  8.886   -5.195  1.00 65.34  ? 126 LYS A CG  1 
ATOM   932  C CD  . LYS A 1 126 ? 14.029  9.032   -6.398  1.00 74.91  ? 126 LYS A CD  1 
ATOM   933  C CE  . LYS A 1 126 ? 15.309  8.225   -6.209  1.00 79.35  ? 126 LYS A CE  1 
ATOM   934  N NZ  . LYS A 1 126 ? 16.520  9.019   -6.567  1.00 79.74  ? 126 LYS A NZ  1 
ATOM   935  N N   . PRO A 1 127 ? 8.748   10.288  -4.765  1.00 57.41  ? 127 PRO A N   1 
ATOM   936  C CA  . PRO A 1 127 ? 7.312   10.531  -4.995  1.00 55.67  ? 127 PRO A CA  1 
ATOM   937  C C   . PRO A 1 127 ? 6.778   10.095  -6.346  1.00 57.35  ? 127 PRO A C   1 
ATOM   938  O O   . PRO A 1 127 ? 5.615   10.368  -6.653  1.00 53.16  ? 127 PRO A O   1 
ATOM   939  C CB  . PRO A 1 127 ? 7.186   12.055  -4.855  1.00 57.02  ? 127 PRO A CB  1 
ATOM   940  C CG  . PRO A 1 127 ? 8.287   12.433  -4.033  1.00 61.59  ? 127 PRO A CG  1 
ATOM   941  C CD  . PRO A 1 127 ? 9.429   11.519  -4.339  1.00 56.30  ? 127 PRO A CD  1 
ATOM   942  N N   . ASP A 1 128 ? 7.593   9.444   -7.167  1.00 61.39  ? 128 ASP A N   1 
ATOM   943  C CA  . ASP A 1 128 ? 7.114   8.982   -8.460  1.00 64.83  ? 128 ASP A CA  1 
ATOM   944  C C   . ASP A 1 128 ? 8.049   7.899   -8.969  1.00 66.95  ? 128 ASP A C   1 
ATOM   945  O O   . ASP A 1 128 ? 9.162   7.722   -8.469  1.00 64.96  ? 128 ASP A O   1 
ATOM   946  C CB  . ASP A 1 128 ? 7.011   10.130  -9.464  1.00 64.90  ? 128 ASP A CB  1 
ATOM   947  C CG  . ASP A 1 128 ? 5.961   9.875   -10.520 1.00 73.32  ? 128 ASP A CG  1 
ATOM   948  O OD1 . ASP A 1 128 ? 5.719   8.692   -10.828 1.00 67.73  ? 128 ASP A OD1 1 
ATOM   949  O OD2 . ASP A 1 128 ? 5.371   10.850  -11.027 1.00 71.59  ? 128 ASP A OD2 1 
ATOM   950  N N   . VAL A 1 129 ? 7.574   7.170   -9.975  1.00 65.93  ? 129 VAL A N   1 
ATOM   951  C CA  . VAL A 1 129 ? 8.354   6.136   -10.637 1.00 68.66  ? 129 VAL A CA  1 
ATOM   952  C C   . VAL A 1 129 ? 8.113   6.244   -12.136 1.00 67.06  ? 129 VAL A C   1 
ATOM   953  O O   . VAL A 1 129 ? 7.248   6.989   -12.601 1.00 69.74  ? 129 VAL A O   1 
ATOM   954  C CB  . VAL A 1 129 ? 8.007   4.721   -10.129 1.00 67.97  ? 129 VAL A CB  1 
ATOM   955  C CG1 . VAL A 1 129 ? 8.503   4.536   -8.704  1.00 66.79  ? 129 VAL A CG1 1 
ATOM   956  C CG2 . VAL A 1 129 ? 6.508   4.479   -10.212 1.00 61.21  ? 129 VAL A CG2 1 
ATOM   957  N N   . SER A 1 130 ? 8.905   5.489   -12.892 1.00 70.87  ? 130 SER A N   1 
ATOM   958  C CA  . SER A 1 130 ? 8.753   5.470   -14.335 1.00 72.54  ? 130 SER A CA  1 
ATOM   959  C C   . SER A 1 130 ? 7.350   4.999   -14.707 1.00 72.92  ? 130 SER A C   1 
ATOM   960  O O   . SER A 1 130 ? 6.739   4.210   -13.980 1.00 69.40  ? 130 SER A O   1 
ATOM   961  C CB  . SER A 1 130 ? 9.798   4.555   -14.970 1.00 76.46  ? 130 SER A CB  1 
ATOM   962  O OG  . SER A 1 130 ? 9.632   3.215   -14.539 1.00 72.96  ? 130 SER A OG  1 
ATOM   963  N N   . PRO A 1 131 ? 6.804   5.475   -15.831 1.00 79.03  ? 131 PRO A N   1 
ATOM   964  C CA  . PRO A 1 131 ? 5.510   4.949   -16.286 1.00 70.26  ? 131 PRO A CA  1 
ATOM   965  C C   . PRO A 1 131 ? 5.586   3.492   -16.684 1.00 73.26  ? 131 PRO A C   1 
ATOM   966  O O   . PRO A 1 131 ? 4.542   2.835   -16.777 1.00 70.85  ? 131 PRO A O   1 
ATOM   967  C CB  . PRO A 1 131 ? 5.152   5.841   -17.485 1.00 77.40  ? 131 PRO A CB  1 
ATOM   968  C CG  . PRO A 1 131 ? 6.220   6.902   -17.553 1.00 78.64  ? 131 PRO A CG  1 
ATOM   969  C CD  . PRO A 1 131 ? 7.406   6.386   -16.817 1.00 79.55  ? 131 PRO A CD  1 
ATOM   970  N N   . LYS A 1 132 ? 6.791   2.978   -16.928 1.00 73.17  ? 132 LYS A N   1 
ATOM   971  C CA  . LYS A 1 132 ? 6.977   1.545   -17.106 1.00 74.46  ? 132 LYS A CA  1 
ATOM   972  C C   . LYS A 1 132 ? 6.505   0.788   -15.871 1.00 71.59  ? 132 LYS A C   1 
ATOM   973  O O   . LYS A 1 132 ? 5.693   -0.140  -15.963 1.00 69.28  ? 132 LYS A O   1 
ATOM   974  C CB  . LYS A 1 132 ? 8.449   1.250   -17.394 1.00 71.39  ? 132 LYS A CB  1 
ATOM   975  N N   . VAL A 1 133 ? 7.008   1.184   -14.697 1.00 68.93  ? 133 VAL A N   1 
ATOM   976  C CA  . VAL A 1 133 ? 6.581   0.560   -13.448 1.00 65.18  ? 133 VAL A CA  1 
ATOM   977  C C   . VAL A 1 133 ? 5.086   0.761   -13.233 1.00 59.83  ? 133 VAL A C   1 
ATOM   978  O O   . VAL A 1 133 ? 4.380   -0.158  -12.804 1.00 61.50  ? 133 VAL A O   1 
ATOM   979  C CB  . VAL A 1 133 ? 7.397   1.114   -12.266 1.00 68.58  ? 133 VAL A CB  1 
ATOM   980  C CG1 . VAL A 1 133 ? 6.921   0.502   -10.957 1.00 65.32  ? 133 VAL A CG1 1 
ATOM   981  C CG2 . VAL A 1 133 ? 8.880   0.851   -12.469 1.00 66.64  ? 133 VAL A CG2 1 
ATOM   982  N N   . LYS A 1 134 ? 4.579   1.959   -13.538 1.00 58.73  ? 134 LYS A N   1 
ATOM   983  C CA  . LYS A 1 134 ? 3.177   2.256   -13.251 1.00 57.97  ? 134 LYS A CA  1 
ATOM   984  C C   . LYS A 1 134 ? 2.221   1.407   -14.075 1.00 69.65  ? 134 LYS A C   1 
ATOM   985  O O   . LYS A 1 134 ? 1.151   1.032   -13.580 1.00 67.33  ? 134 LYS A O   1 
ATOM   986  C CB  . LYS A 1 134 ? 2.875   3.729   -13.496 1.00 64.85  ? 134 LYS A CB  1 
ATOM   987  C CG  . LYS A 1 134 ? 3.641   4.686   -12.627 1.00 61.76  ? 134 LYS A CG  1 
ATOM   988  C CD  . LYS A 1 134 ? 2.956   6.029   -12.656 1.00 69.43  ? 134 LYS A CD  1 
ATOM   989  C CE  . LYS A 1 134 ? 3.973   7.132   -12.705 1.00 68.92  ? 134 LYS A CE  1 
ATOM   990  N NZ  . LYS A 1 134 ? 3.343   8.473   -12.764 1.00 76.40  ? 134 LYS A NZ  1 
ATOM   991  N N   . GLU A 1 135 ? 2.560   1.110   -15.330 1.00 67.28  ? 135 GLU A N   1 
ATOM   992  C CA  . GLU A 1 135 ? 1.650   0.343   -16.173 1.00 70.38  ? 135 GLU A CA  1 
ATOM   993  C C   . GLU A 1 135 ? 1.844   -1.162  -16.028 1.00 67.12  ? 135 GLU A C   1 
ATOM   994  O O   . GLU A 1 135 ? 0.924   -1.927  -16.348 1.00 70.03  ? 135 GLU A O   1 
ATOM   995  C CB  . GLU A 1 135 ? 1.797   0.763   -17.640 1.00 75.66  ? 135 GLU A CB  1 
ATOM   996  N N   . LYS A 1 136 ? 3.013   -1.606  -15.547 1.00 64.76  ? 136 LYS A N   1 
ATOM   997  C CA  . LYS A 1 136 ? 3.098   -2.959  -15.008 1.00 67.05  ? 136 LYS A CA  1 
ATOM   998  C C   . LYS A 1 136 ? 2.147   -3.114  -13.828 1.00 68.67  ? 136 LYS A C   1 
ATOM   999  O O   . LYS A 1 136 ? 1.520   -4.164  -13.652 1.00 62.96  ? 136 LYS A O   1 
ATOM   1000 C CB  . LYS A 1 136 ? 4.530   -3.280  -14.577 1.00 62.51  ? 136 LYS A CB  1 
ATOM   1001 C CG  . LYS A 1 136 ? 4.634   -4.455  -13.592 1.00 70.15  ? 136 LYS A CG  1 
ATOM   1002 C CD  . LYS A 1 136 ? 5.479   -5.608  -14.134 1.00 67.15  ? 136 LYS A CD  1 
ATOM   1003 C CE  . LYS A 1 136 ? 6.973   -5.336  -14.011 1.00 73.55  ? 136 LYS A CE  1 
ATOM   1004 N NZ  . LYS A 1 136 ? 7.774   -6.595  -13.985 1.00 75.42  ? 136 LYS A NZ  1 
ATOM   1005 N N   . PHE A 1 137 ? 2.021   -2.067  -13.008 1.00 61.72  ? 137 PHE A N   1 
ATOM   1006 C CA  . PHE A 1 137 ? 1.055   -2.093  -11.916 1.00 59.77  ? 137 PHE A CA  1 
ATOM   1007 C C   . PHE A 1 137 ? -0.373  -2.132  -12.450 1.00 59.24  ? 137 PHE A C   1 
ATOM   1008 O O   . PHE A 1 137 ? -1.214  -2.882  -11.943 1.00 56.65  ? 137 PHE A O   1 
ATOM   1009 C CB  . PHE A 1 137 ? 1.263   -0.885  -11.004 1.00 57.34  ? 137 PHE A CB  1 
ATOM   1010 C CG  . PHE A 1 137 ? 0.209   -0.742  -9.941  1.00 54.41  ? 137 PHE A CG  1 
ATOM   1011 C CD1 . PHE A 1 137 ? 0.322   -1.414  -8.731  1.00 53.32  ? 137 PHE A CD1 1 
ATOM   1012 C CD2 . PHE A 1 137 ? -0.892  0.070   -10.147 1.00 47.60  ? 137 PHE A CD2 1 
ATOM   1013 C CE1 . PHE A 1 137 ? -0.651  -1.278  -7.754  1.00 46.70  ? 137 PHE A CE1 1 
ATOM   1014 C CE2 . PHE A 1 137 ? -1.862  0.212   -9.179  1.00 51.73  ? 137 PHE A CE2 1 
ATOM   1015 C CZ  . PHE A 1 137 ? -1.743  -0.464  -7.979  1.00 50.43  ? 137 PHE A CZ  1 
ATOM   1016 N N   . VAL A 1 138 ? -0.666  -1.315  -13.466 1.00 60.44  ? 138 VAL A N   1 
ATOM   1017 C CA  . VAL A 1 138 ? -2.015  -1.272  -14.027 1.00 60.57  ? 138 VAL A CA  1 
ATOM   1018 C C   . VAL A 1 138 ? -2.394  -2.626  -14.616 1.00 61.81  ? 138 VAL A C   1 
ATOM   1019 O O   . VAL A 1 138 ? -3.517  -3.109  -14.424 1.00 66.50  ? 138 VAL A O   1 
ATOM   1020 C CB  . VAL A 1 138 ? -2.122  -0.147  -15.073 1.00 63.74  ? 138 VAL A CB  1 
ATOM   1021 C CG1 . VAL A 1 138 ? -3.409  -0.284  -15.878 1.00 66.33  ? 138 VAL A CG1 1 
ATOM   1022 C CG2 . VAL A 1 138 ? -2.060  1.212   -14.400 1.00 65.66  ? 138 VAL A CG2 1 
ATOM   1023 N N   . ARG A 1 139 ? -1.465  -3.255  -15.344 1.00 61.94  ? 139 ARG A N   1 
ATOM   1024 C CA  . ARG A 1 139 ? -1.722  -4.589  -15.880 1.00 67.40  ? 139 ARG A CA  1 
ATOM   1025 C C   . ARG A 1 139 ? -1.938  -5.604  -14.766 1.00 63.87  ? 139 ARG A C   1 
ATOM   1026 O O   . ARG A 1 139 ? -2.797  -6.486  -14.886 1.00 58.60  ? 139 ARG A O   1 
ATOM   1027 C CB  . ARG A 1 139 ? -0.573  -5.038  -16.779 1.00 68.58  ? 139 ARG A CB  1 
ATOM   1028 C CG  . ARG A 1 139 ? -0.441  -4.251  -18.061 1.00 77.67  ? 139 ARG A CG  1 
ATOM   1029 C CD  . ARG A 1 139 ? 0.269   -5.080  -19.114 1.00 90.15  ? 139 ARG A CD  1 
ATOM   1030 N NE  . ARG A 1 139 ? 1.279   -4.313  -19.831 1.00 94.39  ? 139 ARG A NE  1 
ATOM   1031 C CZ  . ARG A 1 139 ? 2.587   -4.502  -19.692 1.00 100.14 ? 139 ARG A CZ  1 
ATOM   1032 N NH1 . ARG A 1 139 ? 3.038   -5.435  -18.864 1.00 101.12 ? 139 ARG A NH1 1 
ATOM   1033 N NH2 . ARG A 1 139 ? 3.444   -3.763  -20.382 1.00 104.17 ? 139 ARG A NH2 1 
ATOM   1034 N N   . TYR A 1 140 ? -1.154  -5.517  -13.689 1.00 57.58  ? 140 TYR A N   1 
ATOM   1035 C CA  . TYR A 1 140 ? -1.449  -6.336  -12.520 1.00 58.26  ? 140 TYR A CA  1 
ATOM   1036 C C   . TYR A 1 140 ? -2.909  -6.167  -12.114 1.00 58.45  ? 140 TYR A C   1 
ATOM   1037 O O   . TYR A 1 140 ? -3.670  -7.139  -12.090 1.00 58.18  ? 140 TYR A O   1 
ATOM   1038 C CB  . TYR A 1 140 ? -0.505  -5.985  -11.364 1.00 54.39  ? 140 TYR A CB  1 
ATOM   1039 C CG  . TYR A 1 140 ? 0.777   -6.802  -11.331 1.00 56.22  ? 140 TYR A CG  1 
ATOM   1040 C CD1 . TYR A 1 140 ? 0.755   -8.182  -11.495 1.00 63.93  ? 140 TYR A CD1 1 
ATOM   1041 C CD2 . TYR A 1 140 ? 2.012   -6.189  -11.143 1.00 60.83  ? 140 TYR A CD2 1 
ATOM   1042 C CE1 . TYR A 1 140 ? 1.930   -8.931  -11.466 1.00 64.31  ? 140 TYR A CE1 1 
ATOM   1043 C CE2 . TYR A 1 140 ? 3.189   -6.928  -11.116 1.00 59.97  ? 140 TYR A CE2 1 
ATOM   1044 C CZ  . TYR A 1 140 ? 3.143   -8.297  -11.278 1.00 64.46  ? 140 TYR A CZ  1 
ATOM   1045 O OH  . TYR A 1 140 ? 4.311   -9.029  -11.250 1.00 59.43  ? 140 TYR A OH  1 
ATOM   1046 N N   . CYS A 1 141 ? -3.333  -4.921  -11.866 1.00 51.06  ? 141 CYS A N   1 
ATOM   1047 C CA  . CYS A 1 141 ? -4.703  -4.656  -11.423 1.00 53.07  ? 141 CYS A CA  1 
ATOM   1048 C C   . CYS A 1 141 ? -5.735  -5.245  -12.377 1.00 59.79  ? 141 CYS A C   1 
ATOM   1049 O O   . CYS A 1 141 ? -6.747  -5.804  -11.938 1.00 58.35  ? 141 CYS A O   1 
ATOM   1050 C CB  . CYS A 1 141 ? -4.927  -3.150  -11.280 1.00 52.10  ? 141 CYS A CB  1 
ATOM   1051 S SG  . CYS A 1 141 ? -4.029  -2.380  -9.917  1.00 53.95  ? 141 CYS A SG  1 
ATOM   1052 N N   . GLN A 1 142 ? -5.504  -5.126  -13.686 1.00 59.54  ? 142 GLN A N   1 
ATOM   1053 C CA  . GLN A 1 142 ? -6.455  -5.667  -14.653 1.00 62.46  ? 142 GLN A CA  1 
ATOM   1054 C C   . GLN A 1 142 ? -6.487  -7.188  -14.604 1.00 53.65  ? 142 GLN A C   1 
ATOM   1055 O O   . GLN A 1 142 ? -7.564  -7.795  -14.632 1.00 62.57  ? 142 GLN A O   1 
ATOM   1056 C CB  . GLN A 1 142 ? -6.111  -5.175  -16.055 1.00 61.09  ? 142 GLN A CB  1 
ATOM   1057 C CG  . GLN A 1 142 ? -6.401  -3.698  -16.248 1.00 65.18  ? 142 GLN A CG  1 
ATOM   1058 C CD  . GLN A 1 142 ? -5.692  -3.114  -17.446 1.00 71.62  ? 142 GLN A CD  1 
ATOM   1059 O OE1 . GLN A 1 142 ? -4.527  -3.420  -17.707 1.00 74.00  ? 142 GLN A OE1 1 
ATOM   1060 N NE2 . GLN A 1 142 ? -6.387  -2.255  -18.179 1.00 70.77  ? 142 GLN A NE2 1 
ATOM   1061 N N   . GLY A 1 143 ? -5.317  -7.824  -14.525 1.00 62.65  ? 143 GLY A N   1 
ATOM   1062 C CA  . GLY A 1 143 ? -5.282  -9.273  -14.403 1.00 57.22  ? 143 GLY A CA  1 
ATOM   1063 C C   . GLY A 1 143 ? -6.024  -9.769  -13.180 1.00 60.70  ? 143 GLY A C   1 
ATOM   1064 O O   . GLY A 1 143 ? -6.569  -10.875 -13.175 1.00 60.81  ? 143 GLY A O   1 
ATOM   1065 N N   . MET A 1 144 ? -6.062  -8.954  -12.129 1.00 57.67  ? 144 MET A N   1 
ATOM   1066 C CA  . MET A 1 144 ? -6.830  -9.245  -10.929 1.00 58.01  ? 144 MET A CA  1 
ATOM   1067 C C   . MET A 1 144 ? -8.254  -8.727  -11.017 1.00 55.45  ? 144 MET A C   1 
ATOM   1068 O O   . MET A 1 144 ? -8.972  -8.747  -10.012 1.00 57.26  ? 144 MET A O   1 
ATOM   1069 C CB  . MET A 1 144 ? -6.131  -8.644  -9.713  1.00 58.14  ? 144 MET A CB  1 
ATOM   1070 C CG  . MET A 1 144 ? -4.643  -8.851  -9.761  1.00 61.36  ? 144 MET A CG  1 
ATOM   1071 S SD  . MET A 1 144 ? -3.760  -7.528  -8.949  1.00 71.97  ? 144 MET A SD  1 
ATOM   1072 C CE  . MET A 1 144 ? -3.808  -8.174  -7.315  1.00 59.69  ? 144 MET A CE  1 
ATOM   1073 N N   . GLU A 1 145 ? -8.661  -8.247  -12.191 1.00 62.28  ? 145 GLU A N   1 
ATOM   1074 C CA  . GLU A 1 145 ? -10.031 -7.835  -12.465 1.00 63.97  ? 145 GLU A CA  1 
ATOM   1075 C C   . GLU A 1 145 ? -10.435 -6.614  -11.643 1.00 61.62  ? 145 GLU A C   1 
ATOM   1076 O O   . GLU A 1 145 ? -11.596 -6.469  -11.258 1.00 64.13  ? 145 GLU A O   1 
ATOM   1077 C CB  . GLU A 1 145 ? -11.000 -9.002  -12.258 1.00 60.49  ? 145 GLU A CB  1 
ATOM   1078 C CG  . GLU A 1 145 ? -10.642 -10.185 -13.159 1.00 69.10  ? 145 GLU A CG  1 
ATOM   1079 C CD  . GLU A 1 145 ? -11.641 -11.318 -13.101 1.00 75.94  ? 145 GLU A CD  1 
ATOM   1080 O OE1 . GLU A 1 145 ? -12.449 -11.356 -12.152 1.00 77.57  ? 145 GLU A OE1 1 
ATOM   1081 O OE2 . GLU A 1 145 ? -11.620 -12.172 -14.014 1.00 72.68  ? 145 GLU A OE2 1 
ATOM   1082 N N   . ILE A 1 146 ? -9.475  -5.739  -11.374 1.00 59.30  ? 146 ILE A N   1 
ATOM   1083 C CA  . ILE A 1 146 ? -9.746  -4.383  -10.904 1.00 59.32  ? 146 ILE A CA  1 
ATOM   1084 C C   . ILE A 1 146 ? -9.971  -3.514  -12.127 1.00 58.16  ? 146 ILE A C   1 
ATOM   1085 O O   . ILE A 1 146 ? -9.057  -3.409  -12.970 1.00 61.16  ? 146 ILE A O   1 
ATOM   1086 C CB  . ILE A 1 146 ? -8.597  -3.837  -10.049 1.00 59.73  ? 146 ILE A CB  1 
ATOM   1087 C CG1 . ILE A 1 146 ? -8.320  -4.744  -8.848  1.00 60.78  ? 146 ILE A CG1 1 
ATOM   1088 C CG2 . ILE A 1 146 ? -8.898  -2.411  -9.599  1.00 58.73  ? 146 ILE A CG2 1 
ATOM   1089 C CD1 . ILE A 1 146 ? -9.527  -5.030  -8.006  1.00 60.45  ? 146 ILE A CD1 1 
ATOM   1090 N N   . PRO A 1 147 ? -11.134 -2.892  -12.298 1.00 61.15  ? 147 PRO A N   1 
ATOM   1091 C CA  . PRO A 1 147 ? -11.351 -2.032  -13.463 1.00 65.85  ? 147 PRO A CA  1 
ATOM   1092 C C   . PRO A 1 147 ? -10.383 -0.856  -13.462 1.00 69.78  ? 147 PRO A C   1 
ATOM   1093 O O   . PRO A 1 147 ? -10.076 -0.282  -12.414 1.00 66.56  ? 147 PRO A O   1 
ATOM   1094 C CB  . PRO A 1 147 ? -12.805 -1.574  -13.309 1.00 68.17  ? 147 PRO A CB  1 
ATOM   1095 C CG  . PRO A 1 147 ? -13.119 -1.772  -11.857 1.00 69.73  ? 147 PRO A CG  1 
ATOM   1096 C CD  . PRO A 1 147 ? -12.329 -2.972  -11.435 1.00 65.59  ? 147 PRO A CD  1 
ATOM   1097 N N   . LYS A 1 148 ? -9.893  -0.510  -14.656 1.00 71.32  ? 148 LYS A N   1 
ATOM   1098 C CA  . LYS A 1 148 ? -8.972  0.616   -14.789 1.00 69.72  ? 148 LYS A CA  1 
ATOM   1099 C C   . LYS A 1 148 ? -9.589  1.907   -14.261 1.00 69.15  ? 148 LYS A C   1 
ATOM   1100 O O   . LYS A 1 148 ? -8.867  2.802   -13.805 1.00 70.58  ? 148 LYS A O   1 
ATOM   1101 C CB  . LYS A 1 148 ? -8.542  0.762   -16.254 1.00 74.44  ? 148 LYS A CB  1 
ATOM   1102 C CG  . LYS A 1 148 ? -8.421  2.196   -16.762 1.00 77.96  ? 148 LYS A CG  1 
ATOM   1103 C CD  . LYS A 1 148 ? -7.240  2.351   -17.711 1.00 86.19  ? 148 LYS A CD  1 
ATOM   1104 C CE  . LYS A 1 148 ? -7.456  1.548   -18.990 1.00 83.63  ? 148 LYS A CE  1 
ATOM   1105 N NZ  . LYS A 1 148 ? -6.308  1.688   -19.929 1.00 86.39  ? 148 LYS A NZ  1 
ATOM   1106 N N   . GLU A 1 149 ? -10.920 2.008   -14.280 1.00 70.28  ? 149 GLU A N   1 
ATOM   1107 C CA  . GLU A 1 149 ? -11.591 3.163   -13.697 1.00 69.80  ? 149 GLU A CA  1 
ATOM   1108 C C   . GLU A 1 149 ? -11.351 3.270   -12.197 1.00 66.54  ? 149 GLU A C   1 
ATOM   1109 O O   . GLU A 1 149 ? -11.537 4.350   -11.628 1.00 62.89  ? 149 GLU A O   1 
ATOM   1110 C CB  . GLU A 1 149 ? -13.097 3.095   -13.962 1.00 69.82  ? 149 GLU A CB  1 
ATOM   1111 C CG  . GLU A 1 149 ? -13.488 2.746   -15.388 1.00 82.82  ? 149 GLU A CG  1 
ATOM   1112 C CD  . GLU A 1 149 ? -13.668 1.255   -15.597 1.00 84.41  ? 149 GLU A CD  1 
ATOM   1113 O OE1 . GLU A 1 149 ? -12.683 0.580   -15.961 1.00 89.50  ? 149 GLU A OE1 1 
ATOM   1114 O OE2 . GLU A 1 149 ? -14.795 0.755   -15.388 1.00 90.19  ? 149 GLU A OE2 1 
ATOM   1115 N N   . ASN A 1 150 ? -10.943 2.180   -11.548 1.00 64.93  ? 150 ASN A N   1 
ATOM   1116 C CA  . ASN A 1 150 ? -10.768 2.141   -10.104 1.00 63.46  ? 150 ASN A CA  1 
ATOM   1117 C C   . ASN A 1 150 ? -9.311  2.292   -9.684  1.00 63.55  ? 150 ASN A C   1 
ATOM   1118 O O   . ASN A 1 150 ? -8.965  1.973   -8.541  1.00 57.14  ? 150 ASN A O   1 
ATOM   1119 C CB  . ASN A 1 150 ? -11.350 0.844   -9.546  1.00 59.81  ? 150 ASN A CB  1 
ATOM   1120 C CG  . ASN A 1 150 ? -12.862 0.874   -9.448  1.00 56.69  ? 150 ASN A CG  1 
ATOM   1121 O OD1 . ASN A 1 150 ? -13.523 1.661   -10.125 1.00 58.65  ? 150 ASN A OD1 1 
ATOM   1122 N ND2 . ASN A 1 150 ? -13.418 0.016   -8.598  1.00 53.59  ? 150 ASN A ND2 1 
ATOM   1123 N N   . ILE A 1 151 ? -8.451  2.768   -10.578 1.00 63.97  ? 151 ILE A N   1 
ATOM   1124 C CA  . ILE A 1 151 ? -7.044  3.011   -10.277 1.00 62.90  ? 151 ILE A CA  1 
ATOM   1125 C C   . ILE A 1 151 ? -6.848  4.516   -10.170 1.00 65.06  ? 151 ILE A C   1 
ATOM   1126 O O   . ILE A 1 151 ? -7.090  5.251   -11.135 1.00 66.18  ? 151 ILE A O   1 
ATOM   1127 C CB  . ILE A 1 151 ? -6.120  2.401   -11.341 1.00 67.07  ? 151 ILE A CB  1 
ATOM   1128 C CG1 . ILE A 1 151 ? -6.493  0.941   -11.604 1.00 60.40  ? 151 ILE A CG1 1 
ATOM   1129 C CG2 . ILE A 1 151 ? -4.667  2.496   -10.902 1.00 59.50  ? 151 ILE A CG2 1 
ATOM   1130 C CD1 . ILE A 1 151 ? -5.652  0.285   -12.677 1.00 62.44  ? 151 ILE A CD1 1 
ATOM   1131 N N   . LEU A 1 152 ? -6.414  4.974   -9.001  1.00 65.60  ? 152 LEU A N   1 
ATOM   1132 C CA  . LEU A 1 152 ? -6.220  6.391   -8.733  1.00 61.55  ? 152 LEU A CA  1 
ATOM   1133 C C   . LEU A 1 152 ? -4.734  6.722   -8.718  1.00 63.04  ? 152 LEU A C   1 
ATOM   1134 O O   . LEU A 1 152 ? -3.955  6.076   -8.005  1.00 62.19  ? 152 LEU A O   1 
ATOM   1135 C CB  . LEU A 1 152 ? -6.862  6.792   -7.401  1.00 59.69  ? 152 LEU A CB  1 
ATOM   1136 C CG  . LEU A 1 152 ? -8.386  6.689   -7.312  1.00 61.80  ? 152 LEU A CG  1 
ATOM   1137 C CD1 . LEU A 1 152 ? -8.881  7.165   -5.957  1.00 60.99  ? 152 LEU A CD1 1 
ATOM   1138 C CD2 . LEU A 1 152 ? -9.046  7.482   -8.430  1.00 69.47  ? 152 LEU A CD2 1 
ATOM   1139 N N   . ASP A 1 153 ? -4.346  7.719   -9.510  1.00 63.44  ? 153 ASP A N   1 
ATOM   1140 C CA  . ASP A 1 153 ? -3.011  8.295   -9.439  1.00 65.61  ? 153 ASP A CA  1 
ATOM   1141 C C   . ASP A 1 153 ? -3.001  9.335   -8.328  1.00 68.11  ? 153 ASP A C   1 
ATOM   1142 O O   . ASP A 1 153 ? -3.762  10.309  -8.375  1.00 71.43  ? 153 ASP A O   1 
ATOM   1143 C CB  . ASP A 1 153 ? -2.606  8.924   -10.773 1.00 70.34  ? 153 ASP A CB  1 
ATOM   1144 C CG  . ASP A 1 153 ? -1.216  9.546   -10.732 1.00 73.13  ? 153 ASP A CG  1 
ATOM   1145 O OD1 . ASP A 1 153 ? -1.033  10.586  -10.065 1.00 71.91  ? 153 ASP A OD1 1 
ATOM   1146 O OD2 . ASP A 1 153 ? -0.295  8.987   -11.367 1.00 79.80  ? 153 ASP A OD2 1 
ATOM   1147 N N   . LEU A 1 154 ? -2.139  9.130   -7.333  1.00 58.56  ? 154 LEU A N   1 
ATOM   1148 C CA  . LEU A 1 154 ? -2.036  10.029  -6.192  1.00 63.56  ? 154 LEU A CA  1 
ATOM   1149 C C   . LEU A 1 154 ? -0.966  11.103  -6.361  1.00 65.78  ? 154 LEU A C   1 
ATOM   1150 O O   . LEU A 1 154 ? -0.864  11.988  -5.507  1.00 59.12  ? 154 LEU A O   1 
ATOM   1151 C CB  . LEU A 1 154 ? -1.761  9.236   -4.906  1.00 61.81  ? 154 LEU A CB  1 
ATOM   1152 C CG  . LEU A 1 154 ? -2.687  8.075   -4.535  1.00 60.53  ? 154 LEU A CG  1 
ATOM   1153 C CD1 . LEU A 1 154 ? -2.189  7.382   -3.270  1.00 55.53  ? 154 LEU A CD1 1 
ATOM   1154 C CD2 . LEU A 1 154 ? -4.126  8.547   -4.366  1.00 51.84  ? 154 LEU A CD2 1 
ATOM   1155 N N   . THR A 1 155 ? -0.170  11.063  -7.435  1.00 65.09  ? 155 THR A N   1 
ATOM   1156 C CA  . THR A 1 155 ? 0.872   12.073  -7.603  1.00 62.40  ? 155 THR A CA  1 
ATOM   1157 C C   . THR A 1 155 ? 0.298   13.473  -7.775  1.00 63.64  ? 155 THR A C   1 
ATOM   1158 O O   . THR A 1 155 ? 1.010   14.456  -7.541  1.00 68.31  ? 155 THR A O   1 
ATOM   1159 C CB  . THR A 1 155 ? 1.766   11.741  -8.800  1.00 60.19  ? 155 THR A CB  1 
ATOM   1160 O OG1 . THR A 1 155 ? 0.960   11.582  -9.976  1.00 61.57  ? 155 THR A OG1 1 
ATOM   1161 C CG2 . THR A 1 155 ? 2.565   10.470  -8.543  1.00 61.89  ? 155 THR A CG2 1 
ATOM   1162 N N   . GLN A 1 156 ? -0.968  13.588  -8.174  1.00 63.27  ? 156 GLN A N   1 
ATOM   1163 C CA  . GLN A 1 156 ? -1.601  14.876  -8.414  1.00 69.24  ? 156 GLN A CA  1 
ATOM   1164 C C   . GLN A 1 156 ? -2.749  15.132  -7.441  1.00 66.55  ? 156 GLN A C   1 
ATOM   1165 O O   . GLN A 1 156 ? -3.725  15.804  -7.781  1.00 75.63  ? 156 GLN A O   1 
ATOM   1166 C CB  . GLN A 1 156 ? -2.065  14.963  -9.868  1.00 77.44  ? 156 GLN A CB  1 
ATOM   1167 C CG  . GLN A 1 156 ? -0.908  14.735  -10.832 1.00 77.05  ? 156 GLN A CG  1 
ATOM   1168 C CD  . GLN A 1 156 ? -1.237  15.042  -12.283 1.00 96.97  ? 156 GLN A CD  1 
ATOM   1169 O OE1 . GLN A 1 156 ? -0.341  15.112  -13.126 1.00 109.93 ? 156 GLN A OE1 1 
ATOM   1170 N NE2 . GLN A 1 156 ? -2.525  15.221  -12.583 1.00 107.15 ? 156 GLN A NE2 1 
ATOM   1171 N N   . VAL A 1 157 ? -2.641  14.584  -6.230  1.00 63.97  ? 157 VAL A N   1 
ATOM   1172 C CA  . VAL A 1 157 ? -3.548  14.873  -5.130  1.00 62.65  ? 157 VAL A CA  1 
ATOM   1173 C C   . VAL A 1 157 ? -2.700  15.228  -3.918  1.00 58.83  ? 157 VAL A C   1 
ATOM   1174 O O   . VAL A 1 157 ? -1.491  14.985  -3.882  1.00 55.97  ? 157 VAL A O   1 
ATOM   1175 C CB  . VAL A 1 157 ? -4.482  13.686  -4.794  1.00 63.64  ? 157 VAL A CB  1 
ATOM   1176 C CG1 . VAL A 1 157 ? -5.236  13.219  -6.030  1.00 66.26  ? 157 VAL A CG1 1 
ATOM   1177 C CG2 . VAL A 1 157 ? -3.694  12.546  -4.158  1.00 60.67  ? 157 VAL A CG2 1 
ATOM   1178 N N   . ASP A 1 158 ? -3.350  15.806  -2.915  1.00 57.64  ? 158 ASP A N   1 
ATOM   1179 C CA  . ASP A 1 158 ? -2.709  16.046  -1.625  1.00 61.98  ? 158 ASP A CA  1 
ATOM   1180 C C   . ASP A 1 158 ? -2.501  14.702  -0.941  1.00 61.84  ? 158 ASP A C   1 
ATOM   1181 O O   . ASP A 1 158 ? -3.423  14.145  -0.341  1.00 64.52  ? 158 ASP A O   1 
ATOM   1182 C CB  . ASP A 1 158 ? -3.563  16.980  -0.773  1.00 64.75  ? 158 ASP A CB  1 
ATOM   1183 C CG  . ASP A 1 158 ? -2.946  17.267  0.592   1.00 65.41  ? 158 ASP A CG  1 
ATOM   1184 O OD1 . ASP A 1 158 ? -1.788  16.863  0.837   1.00 65.92  ? 158 ASP A OD1 1 
ATOM   1185 O OD2 . ASP A 1 158 ? -3.625  17.907  1.423   1.00 73.59  ? 158 ASP A OD2 1 
ATOM   1186 N N   . ARG A 1 159 ? -1.283  14.166  -1.029  1.00 59.24  ? 159 ARG A N   1 
ATOM   1187 C CA  . ARG A 1 159 ? -0.917  12.952  -0.309  1.00 61.23  ? 159 ARG A CA  1 
ATOM   1188 C C   . ARG A 1 159 ? -0.091  13.246  0.941   1.00 55.85  ? 159 ARG A C   1 
ATOM   1189 O O   . ARG A 1 159 ? 0.769   12.443  1.319   1.00 57.81  ? 159 ARG A O   1 
ATOM   1190 C CB  . ARG A 1 159 ? -0.161  11.979  -1.212  1.00 61.73  ? 159 ARG A CB  1 
ATOM   1191 C CG  . ARG A 1 159 ? 0.198   12.495  -2.584  1.00 60.86  ? 159 ARG A CG  1 
ATOM   1192 C CD  . ARG A 1 159 ? 1.196   11.552  -3.231  1.00 58.12  ? 159 ARG A CD  1 
ATOM   1193 N NE  . ARG A 1 159 ? 2.098   12.242  -4.144  1.00 60.74  ? 159 ARG A NE  1 
ATOM   1194 C CZ  . ARG A 1 159 ? 3.178   11.687  -4.679  1.00 62.24  ? 159 ARG A CZ  1 
ATOM   1195 N NH1 . ARG A 1 159 ? 3.494   10.434  -4.383  1.00 58.41  ? 159 ARG A NH1 1 
ATOM   1196 N NH2 . ARG A 1 159 ? 3.943   12.387  -5.504  1.00 64.90  ? 159 ARG A NH2 1 
ATOM   1197 N N   . CYS A 1 160 ? -0.325  14.395  1.576   1.00 56.46  ? 160 CYS A N   1 
ATOM   1198 C CA  . CYS A 1 160 ? 0.239   14.738  2.882   1.00 59.69  ? 160 CYS A CA  1 
ATOM   1199 C C   . CYS A 1 160 ? 1.764   14.783  2.883   1.00 58.36  ? 160 CYS A C   1 
ATOM   1200 O O   . CYS A 1 160 ? 2.387   14.656  3.945   1.00 51.30  ? 160 CYS A O   1 
ATOM   1201 C CB  . CYS A 1 160 ? -0.256  13.774  3.968   1.00 56.53  ? 160 CYS A CB  1 
ATOM   1202 S SG  . CYS A 1 160 ? -1.970  14.045  4.455   1.00 62.38  ? 160 CYS A SG  1 
ATOM   1203 N N   . LEU A 1 161 ? 2.385   14.967  1.714   1.00 57.02  ? 161 LEU A N   1 
ATOM   1204 C CA  . LEU A 1 161 ? 3.839   15.102  1.667   1.00 58.61  ? 161 LEU A CA  1 
ATOM   1205 C C   . LEU A 1 161 ? 4.306   16.299  2.486   1.00 55.34  ? 161 LEU A C   1 
ATOM   1206 O O   . LEU A 1 161 ? 5.377   16.257  3.104   1.00 61.61  ? 161 LEU A O   1 
ATOM   1207 C CB  . LEU A 1 161 ? 4.324   15.237  0.222   1.00 61.44  ? 161 LEU A CB  1 
ATOM   1208 C CG  . LEU A 1 161 ? 3.827   14.226  -0.821  1.00 62.17  ? 161 LEU A CG  1 
ATOM   1209 C CD1 . LEU A 1 161 ? 4.604   14.339  -2.138  1.00 62.87  ? 161 LEU A CD1 1 
ATOM   1210 C CD2 . LEU A 1 161 ? 3.902   12.804  -0.280  1.00 60.82  ? 161 LEU A CD2 1 
ATOM   1211 N N   . GLN A 1 162 ? 3.455   17.328  2.563   1.00 56.61  ? 162 GLN A N   1 
ATOM   1212 C CA  . GLN A 1 162 ? 3.779   18.568  3.322   1.00 60.18  ? 162 GLN A CA  1 
ATOM   1213 C C   . GLN A 1 162 ? 3.686   18.321  4.835   1.00 63.40  ? 162 GLN A C   1 
ATOM   1214 O O   . GLN A 1 162 ? 3.875   19.292  5.593   1.00 62.68  ? 162 GLN A O   1 
ATOM   1215 C CB  . GLN A 1 162 ? 2.847   19.706  2.899   1.00 68.39  ? 162 GLN A CB  1 
ATOM   1216 C CG  . GLN A 1 162 ? 1.386   19.460  3.248   1.00 67.03  ? 162 GLN A CG  1 
ATOM   1217 C CD  . GLN A 1 162 ? 0.746   18.439  2.339   1.00 78.27  ? 162 GLN A CD  1 
ATOM   1218 O OE1 . GLN A 1 162 ? 1.394   17.860  1.470   1.00 83.46  ? 162 GLN A OE1 1 
ATOM   1219 N NE2 . GLN A 1 162 ? -0.542  18.210  2.536   1.00 70.48  ? 162 GLN A NE2 1 
ATOM   1220 N N   . ALA A 1 163 ? 3.410   17.081  5.259   1.00 59.68  ? 163 ALA A N   1 
ATOM   1221 C CA  . ALA A 1 163 ? 3.310   16.775  6.679   1.00 59.64  ? 163 ALA A CA  1 
ATOM   1222 C C   . ALA A 1 163 ? 4.202   15.626  7.128   1.00 56.99  ? 163 ALA A C   1 
ATOM   1223 O O   . ALA A 1 163 ? 4.113   15.217  8.291   1.00 56.72  ? 163 ALA A O   1 
ATOM   1224 C CB  . ALA A 1 163 ? 1.856   16.456  7.038   1.00 56.27  ? 163 ALA A CB  1 
ATOM   1225 N N   . ARG A 1 164 ? 5.066   15.102  6.255   1.00 53.34  ? 164 ARG A N   1 
ATOM   1226 C CA  . ARG A 1 164 ? 5.860   13.925  6.601   1.00 56.54  ? 164 ARG A CA  1 
ATOM   1227 C C   . ARG A 1 164 ? 6.843   14.177  7.742   1.00 64.15  ? 164 ARG A C   1 
ATOM   1228 O O   . ARG A 1 164 ? 7.478   13.225  8.209   1.00 69.05  ? 164 ARG A O   1 
ATOM   1229 C CB  . ARG A 1 164 ? 6.595   13.405  5.358   1.00 52.71  ? 164 ARG A CB  1 
ATOM   1230 C CG  . ARG A 1 164 ? 5.658   12.829  4.292   1.00 50.62  ? 164 ARG A CG  1 
ATOM   1231 C CD  . ARG A 1 164 ? 6.378   12.478  2.995   1.00 50.37  ? 164 ARG A CD  1 
ATOM   1232 N NE  . ARG A 1 164 ? 7.313   11.371  3.153   1.00 44.23  ? 164 ARG A NE  1 
ATOM   1233 C CZ  . ARG A 1 164 ? 7.012   10.099  2.893   1.00 54.83  ? 164 ARG A CZ  1 
ATOM   1234 N NH1 . ARG A 1 164 ? 5.792   9.769   2.469   1.00 44.41  ? 164 ARG A NH1 1 
ATOM   1235 N NH2 . ARG A 1 164 ? 7.925   9.152   3.060   1.00 49.65  ? 164 ARG A NH2 1 
ATOM   1236 N N   . GLN A 1 165 ? 6.974   15.416  8.206   1.00 67.05  ? 165 GLN A N   1 
ATOM   1237 C CA  . GLN A 1 165 ? 7.755   15.723  9.401   1.00 70.68  ? 165 GLN A CA  1 
ATOM   1238 C C   . GLN A 1 165 ? 7.164   16.938  10.118  1.00 76.98  ? 165 GLN A C   1 
ATOM   1239 O O   . GLN A 1 165 ? 6.415   16.800  11.086  1.00 82.07  ? 165 GLN A O   1 
ATOM   1240 C CB  . GLN A 1 165 ? 9.223   15.978  9.047   1.00 72.79  ? 165 GLN A CB  1 
HETATM 1241 O O   . HOH B 2 .   ? 4.956   -10.423 0.679   1.00 57.72  ? 201 HOH A O   1 
HETATM 1242 O O   . HOH B 2 .   ? -1.653  -15.460 0.921   1.00 63.75  ? 202 HOH A O   1 
HETATM 1243 O O   . HOH B 2 .   ? 12.535  6.977   0.036   1.00 57.64  ? 203 HOH A O   1 
HETATM 1244 O O   . HOH B 2 .   ? 2.862   11.244  2.020   1.00 52.29  ? 204 HOH A O   1 
HETATM 1245 O O   . HOH B 2 .   ? -1.241  4.411   0.106   1.00 51.59  ? 205 HOH A O   1 
HETATM 1246 O O   . HOH B 2 .   ? 2.730   10.057  4.785   1.00 47.96  ? 206 HOH A O   1 
HETATM 1247 O O   . HOH B 2 .   ? 0.956   16.256  -0.695  1.00 58.36  ? 207 HOH A O   1 
HETATM 1248 O O   . HOH B 2 .   ? 2.697   8.797   0.749   1.00 50.85  ? 208 HOH A O   1 
HETATM 1249 O O   . HOH B 2 .   ? -13.407 7.015   6.169   1.00 59.10  ? 209 HOH A O   1 
HETATM 1250 O O   . HOH B 2 .   ? -9.427  11.946  2.419   1.00 61.62  ? 210 HOH A O   1 
HETATM 1251 O O   . HOH B 2 .   ? 9.728   13.180  3.082   1.00 60.95  ? 211 HOH A O   1 
HETATM 1252 O O   . HOH B 2 .   ? 0.418   13.816  13.217  1.00 59.79  ? 212 HOH A O   1 
HETATM 1253 O O   . HOH B 2 .   ? -17.169 2.735   2.051   1.00 71.50  ? 213 HOH A O   1 
# 
